data_6UDL
#
_entry.id   6UDL
#
_cell.length_a   65.371
_cell.length_b   196.147
_cell.length_c   237.222
_cell.angle_alpha   90.000
_cell.angle_beta   90.000
_cell.angle_gamma   90.000
#
_symmetry.space_group_name_H-M   'P 21 21 21'
#
loop_
_entity.id
_entity.type
_entity.pdbx_description
1 polymer 'Cytochrome P450 1A1'
2 non-polymer 'PROTOPORPHYRIN IX CONTAINING FE'
3 non-polymer [(1S)-1-(chloromethyl)-1,6-dihydropyrrolo[3,2-e]indol-3(2H)-yl](5-methoxy-1H-indol-2-yl)methanone
4 water water
#
_entity_poly.entity_id   1
_entity_poly.type   'polypeptide(L)'
_entity_poly.pdbx_seq_one_letter_code
;MAKKTSSKGLKNPPGPWGWPLIGHMLTLGKNPHLALSRMSQQYGDVLQIRIGSTPVVVLSGLDTIRQALVRQGDDFKGRP
DLYTFTLISNGQSMSFSPDSGPVWAARRRLAQNGLKSFSIASDPASSTSCYLEEHVSKEAEVLISTLQELMAGPGHFNPY
RYVVVSVTNVICAICFGRRYDHNHQELLSLVNLNNNFGEVVGSGNPADFIPILRYLPNPSLNAFKDLNEKFYSFMQKMVK
EHYKTFEKGHIRDITDSLIEHCQEKQLDENANVQLSDEKIINIVLDLFGAGFDTVTTAISWSLMYLVMNPRVQRKIQEEL
DTVIGRSRRPRLSDRSHLPYMEAFILETFRHSSFVPFTIPHSTTRDTSLKGFYIPKGRCVFVNQWQINHDQKLWVNPSEF
LPERFLTPDGAIDKVLSEKVIIFGMGKRKCIGETIARWEVFLFLAILLQRVEFSVPLGVKVDMTPIYGLTMKHACCEHFQ
MQLRSHHHHHH
;
_entity_poly.pdbx_strand_id   A,B,C,D
#
loop_
_chem_comp.id
_chem_comp.type
_chem_comp.name
_chem_comp.formula
HEM non-polymer 'PROTOPORPHYRIN IX CONTAINING FE' 'C34 H32 Fe N4 O4'
Q4M non-polymer [(1S)-1-(chloromethyl)-1,6-dihydropyrrolo[3,2-e]indol-3(2H)-yl](5-methoxy-1H-indol-2-yl)methanone 'C21 H18 Cl N3 O2'
#
# COMPACT_ATOMS: atom_id res chain seq x y z
N GLY A 9 -3.13 19.50 24.09
CA GLY A 9 -2.13 19.62 25.11
C GLY A 9 -0.98 18.73 24.78
N LEU A 10 -0.33 18.16 25.77
CA LEU A 10 0.77 17.27 25.55
C LEU A 10 0.71 16.10 26.47
N LYS A 11 0.96 14.90 25.99
CA LYS A 11 1.00 13.71 26.81
C LYS A 11 2.29 12.95 26.51
N ASN A 12 2.64 12.03 27.39
CA ASN A 12 3.77 11.17 27.10
C ASN A 12 3.31 9.97 26.29
N PRO A 13 4.18 9.38 25.47
CA PRO A 13 3.77 8.22 24.66
C PRO A 13 3.36 7.06 25.57
N PRO A 14 2.26 6.39 25.26
CA PRO A 14 1.86 5.23 26.06
C PRO A 14 2.79 4.05 25.81
N GLY A 15 2.61 3.02 26.63
CA GLY A 15 3.38 1.80 26.47
C GLY A 15 3.12 0.81 27.58
N PRO A 16 3.49 -0.45 27.34
CA PRO A 16 3.27 -1.49 28.34
C PRO A 16 4.34 -1.47 29.44
N TRP A 17 4.06 -2.23 30.49
CA TRP A 17 4.99 -2.34 31.60
C TRP A 17 6.21 -3.18 31.21
N GLY A 18 7.37 -2.81 31.73
CA GLY A 18 8.60 -3.51 31.42
C GLY A 18 9.45 -3.71 32.65
N TRP A 19 10.35 -4.68 32.57
CA TRP A 19 11.19 -5.03 33.70
C TRP A 19 12.16 -3.89 34.01
N PRO A 20 12.42 -3.61 35.28
CA PRO A 20 13.19 -2.40 35.62
C PRO A 20 14.63 -2.40 35.14
N LEU A 21 15.26 -3.55 34.91
CA LEU A 21 16.63 -3.58 34.43
C LEU A 21 16.73 -3.85 32.94
N ILE A 22 16.02 -4.86 32.43
CA ILE A 22 16.10 -5.21 31.02
C ILE A 22 14.97 -4.62 30.20
N GLY A 23 13.93 -4.07 30.83
CA GLY A 23 12.85 -3.49 30.07
C GLY A 23 12.03 -4.56 29.35
N HIS A 24 11.73 -4.29 28.08
CA HIS A 24 10.89 -5.17 27.28
C HIS A 24 11.70 -6.07 26.36
N MET A 25 12.96 -6.35 26.72
CA MET A 25 13.82 -7.11 25.83
C MET A 25 13.26 -8.49 25.53
N LEU A 26 12.45 -9.05 26.43
CA LEU A 26 11.95 -10.39 26.23
C LEU A 26 10.62 -10.44 25.49
N THR A 27 9.84 -9.36 25.50
CA THR A 27 8.62 -9.33 24.70
C THR A 27 8.91 -9.07 23.22
N LEU A 28 10.07 -8.49 22.90
CA LEU A 28 10.46 -8.36 21.51
C LEU A 28 10.89 -9.71 20.94
N GLY A 29 11.77 -10.42 21.66
CA GLY A 29 12.07 -11.78 21.31
C GLY A 29 12.80 -11.90 19.99
N LYS A 30 12.47 -12.96 19.25
CA LYS A 30 13.17 -13.28 18.01
C LYS A 30 12.71 -12.43 16.83
N ASN A 31 11.51 -11.87 16.89
CA ASN A 31 10.91 -11.14 15.76
C ASN A 31 10.33 -9.82 16.25
N PRO A 32 11.17 -8.81 16.46
CA PRO A 32 10.63 -7.52 16.95
C PRO A 32 9.55 -6.94 16.05
N HIS A 33 9.70 -7.11 14.73
CA HIS A 33 8.71 -6.56 13.80
C HIS A 33 7.31 -7.10 14.11
N LEU A 34 7.22 -8.36 14.53
CA LEU A 34 5.91 -8.93 14.85
C LEU A 34 5.47 -8.56 16.26
N ALA A 35 6.42 -8.54 17.21
CA ALA A 35 6.07 -8.20 18.58
C ALA A 35 5.60 -6.77 18.71
N LEU A 36 6.25 -5.84 17.99
CA LEU A 36 5.87 -4.44 18.05
C LEU A 36 4.62 -4.12 17.24
N SER A 37 4.25 -4.98 16.28
CA SER A 37 3.01 -4.76 15.54
C SER A 37 1.80 -5.08 16.41
N ARG A 38 1.83 -6.23 17.10
CA ARG A 38 0.78 -6.54 18.06
C ARG A 38 0.67 -5.46 19.12
N MET A 39 1.81 -4.89 19.52
CA MET A 39 1.80 -3.84 20.53
C MET A 39 1.13 -2.58 19.98
N SER A 40 1.35 -2.29 18.70
CA SER A 40 0.76 -1.11 18.09
C SER A 40 -0.76 -1.18 18.10
N GLN A 41 -1.32 -2.38 17.89
CA GLN A 41 -2.78 -2.51 17.89
C GLN A 41 -3.36 -2.08 19.23
N GLN A 42 -2.66 -2.38 20.32
CA GLN A 42 -3.14 -2.01 21.65
C GLN A 42 -2.86 -0.55 21.97
N TYR A 43 -1.61 -0.12 21.79
CA TYR A 43 -1.16 1.18 22.27
C TYR A 43 -1.14 2.25 21.19
N GLY A 44 -1.02 1.90 19.92
CA GLY A 44 -1.22 2.84 18.84
C GLY A 44 0.04 3.09 18.03
N ASP A 45 -0.01 4.17 17.24
CA ASP A 45 1.06 4.48 16.30
C ASP A 45 2.28 5.10 16.97
N VAL A 46 2.14 5.61 18.18
CA VAL A 46 3.26 6.19 18.93
C VAL A 46 3.24 5.54 20.31
N LEU A 47 4.24 4.71 20.58
CA LEU A 47 4.33 3.98 21.84
C LEU A 47 5.77 4.01 22.31
N GLN A 48 6.01 3.45 23.50
CA GLN A 48 7.28 3.58 24.18
C GLN A 48 7.67 2.27 24.83
N ILE A 49 8.91 1.84 24.59
CA ILE A 49 9.47 0.69 25.27
C ILE A 49 10.84 1.07 25.81
N ARG A 50 11.42 0.15 26.58
CA ARG A 50 12.77 0.27 27.11
C ARG A 50 13.50 -1.03 26.79
N ILE A 51 14.64 -0.93 26.13
CA ILE A 51 15.54 -2.05 25.92
C ILE A 51 16.71 -1.84 26.86
N GLY A 52 16.73 -2.63 27.94
CA GLY A 52 17.63 -2.32 29.04
C GLY A 52 17.13 -1.08 29.75
N SER A 53 18.03 -0.10 29.92
CA SER A 53 17.67 1.19 30.48
C SER A 53 17.41 2.25 29.41
N THR A 54 17.52 1.88 28.13
CA THR A 54 17.44 2.85 27.05
C THR A 54 16.00 2.95 26.54
N PRO A 55 15.34 4.09 26.68
CA PRO A 55 13.99 4.21 26.11
C PRO A 55 14.02 4.21 24.59
N VAL A 56 12.93 3.75 24.01
CA VAL A 56 12.76 3.71 22.56
C VAL A 56 11.30 4.01 22.24
N VAL A 57 11.09 4.89 21.28
CA VAL A 57 9.76 5.19 20.75
C VAL A 57 9.61 4.43 19.43
N VAL A 58 8.49 3.73 19.28
CA VAL A 58 8.21 2.94 18.08
C VAL A 58 7.09 3.65 17.32
N LEU A 59 7.27 3.77 16.01
CA LEU A 59 6.31 4.44 15.14
C LEU A 59 5.66 3.42 14.21
N SER A 60 4.33 3.45 14.17
CA SER A 60 3.54 2.63 13.26
C SER A 60 2.54 3.54 12.56
N GLY A 61 1.76 2.96 11.65
CA GLY A 61 0.78 3.73 10.92
C GLY A 61 1.37 4.47 9.73
N LEU A 62 0.73 4.34 8.58
CA LEU A 62 1.27 4.93 7.35
C LEU A 62 1.43 6.44 7.47
N ASP A 63 0.39 7.14 7.90
CA ASP A 63 0.48 8.59 7.93
C ASP A 63 1.20 9.10 9.17
N THR A 64 1.07 8.41 10.32
CA THR A 64 1.86 8.81 11.48
C THR A 64 3.34 8.85 11.16
N ILE A 65 3.83 7.88 10.37
CA ILE A 65 5.24 7.86 10.00
C ILE A 65 5.54 8.98 9.01
N ARG A 66 4.69 9.13 7.99
CA ARG A 66 4.87 10.23 7.05
C ARG A 66 4.88 11.57 7.76
N GLN A 67 4.02 11.74 8.78
CA GLN A 67 4.02 12.98 9.54
C GLN A 67 5.37 13.21 10.21
N ALA A 68 6.01 12.14 10.68
CA ALA A 68 7.25 12.29 11.45
C ALA A 68 8.46 12.42 10.52
N LEU A 69 8.56 11.53 9.54
CA LEU A 69 9.78 11.49 8.72
C LEU A 69 9.78 12.56 7.64
N VAL A 70 8.62 13.00 7.18
CA VAL A 70 8.56 13.99 6.11
C VAL A 70 8.19 15.37 6.66
N ARG A 71 6.97 15.50 7.17
CA ARG A 71 6.46 16.81 7.59
C ARG A 71 7.28 17.39 8.73
N GLN A 72 7.84 16.55 9.59
CA GLN A 72 8.72 17.02 10.67
C GLN A 72 10.09 16.38 10.49
N GLY A 73 10.60 16.44 9.25
CA GLY A 73 11.71 15.59 8.87
C GLY A 73 12.99 15.84 9.66
N ASP A 74 13.35 17.11 9.85
CA ASP A 74 14.62 17.38 10.53
C ASP A 74 14.52 17.19 12.04
N ASP A 75 13.31 17.06 12.59
CA ASP A 75 13.19 16.64 13.98
C ASP A 75 13.52 15.16 14.14
N PHE A 76 13.39 14.37 13.07
CA PHE A 76 13.51 12.92 13.16
C PHE A 76 14.59 12.35 12.23
N LYS A 77 15.58 13.14 11.86
CA LYS A 77 16.58 12.72 10.89
C LYS A 77 17.85 12.17 11.54
N GLY A 78 17.93 12.12 12.86
CA GLY A 78 19.15 11.71 13.52
C GLY A 78 19.36 10.20 13.50
N ARG A 79 20.54 9.79 13.98
CA ARG A 79 20.88 8.38 14.13
C ARG A 79 21.39 8.17 15.56
N PRO A 80 20.86 7.19 16.29
CA PRO A 80 21.29 7.01 17.68
C PRO A 80 22.73 6.54 17.79
N ASP A 81 23.31 6.77 18.97
CA ASP A 81 24.71 6.47 19.24
C ASP A 81 24.85 5.04 19.75
N LEU A 82 24.55 4.09 18.86
CA LEU A 82 24.58 2.68 19.23
C LEU A 82 25.94 2.08 18.92
N TYR A 83 26.30 1.05 19.71
CA TYR A 83 27.64 0.49 19.63
C TYR A 83 27.91 -0.16 18.27
N THR A 84 26.97 -0.99 17.81
CA THR A 84 27.23 -1.74 16.57
C THR A 84 27.56 -0.82 15.41
N PHE A 85 27.05 0.41 15.42
CA PHE A 85 27.38 1.35 14.36
C PHE A 85 28.84 1.77 14.44
N THR A 86 29.41 1.84 15.64
CA THR A 86 30.79 2.27 15.79
C THR A 86 31.76 1.34 15.07
N LEU A 87 31.35 0.09 14.81
CA LEU A 87 32.19 -0.88 14.14
C LEU A 87 31.99 -0.90 12.63
N ILE A 88 31.22 0.05 12.08
CA ILE A 88 30.97 0.13 10.66
C ILE A 88 31.80 1.26 10.07
N SER A 89 32.54 0.95 9.01
CA SER A 89 33.42 1.92 8.35
C SER A 89 34.21 2.74 9.36
N ASN A 90 34.90 2.02 10.25
CA ASN A 90 35.80 2.67 11.21
C ASN A 90 35.09 3.77 11.97
N GLY A 91 33.83 3.53 12.32
CA GLY A 91 33.04 4.49 13.06
C GLY A 91 32.68 5.75 12.31
N GLN A 92 32.93 5.79 11.00
CA GLN A 92 32.70 6.99 10.20
C GLN A 92 31.74 6.71 9.04
N SER A 93 30.84 5.75 9.21
CA SER A 93 29.90 5.42 8.15
C SER A 93 28.89 6.54 7.95
N MET A 94 28.72 6.96 6.70
CA MET A 94 27.71 7.97 6.39
C MET A 94 26.33 7.53 6.83
N SER A 95 25.95 6.29 6.48
CA SER A 95 24.59 5.83 6.73
C SER A 95 24.32 5.52 8.20
N PHE A 96 25.37 5.23 8.99
CA PHE A 96 25.20 4.78 10.37
C PHE A 96 25.84 5.68 11.41
N SER A 97 26.72 6.60 11.03
CA SER A 97 27.32 7.51 12.00
C SER A 97 26.24 8.35 12.66
N PRO A 98 26.50 8.85 13.88
CA PRO A 98 25.55 9.79 14.50
C PRO A 98 25.48 11.14 13.79
N ASP A 99 26.44 11.43 12.91
CA ASP A 99 26.47 12.70 12.18
C ASP A 99 25.15 12.92 11.45
N SER A 100 24.40 13.94 11.88
CA SER A 100 23.14 14.31 11.25
C SER A 100 23.20 15.67 10.57
N GLY A 101 24.21 16.48 10.89
CA GLY A 101 24.25 17.86 10.46
C GLY A 101 24.72 18.04 9.04
N PRO A 102 25.34 19.19 8.76
CA PRO A 102 25.72 19.47 7.36
C PRO A 102 26.79 18.54 6.83
N VAL A 103 27.69 18.03 7.68
CA VAL A 103 28.72 17.12 7.18
C VAL A 103 28.08 15.89 6.55
N TRP A 104 26.96 15.44 7.10
CA TRP A 104 26.28 14.27 6.55
C TRP A 104 25.61 14.60 5.22
N ALA A 105 24.80 15.67 5.20
CA ALA A 105 24.07 16.02 3.98
C ALA A 105 25.01 16.16 2.79
N ALA A 106 26.22 16.67 3.01
CA ALA A 106 27.17 16.84 1.93
C ALA A 106 27.57 15.49 1.34
N ARG A 107 27.96 14.54 2.20
CA ARG A 107 28.30 13.21 1.72
C ARG A 107 27.11 12.56 1.00
N ARG A 108 25.90 12.83 1.47
CA ARG A 108 24.71 12.29 0.81
C ARG A 108 24.56 12.87 -0.60
N ARG A 109 24.85 14.16 -0.76
CA ARG A 109 24.79 14.75 -2.10
C ARG A 109 25.86 14.17 -3.01
N LEU A 110 27.04 13.86 -2.45
CA LEU A 110 28.10 13.26 -3.25
C LEU A 110 27.75 11.83 -3.65
N ALA A 111 27.03 11.10 -2.80
CA ALA A 111 26.65 9.74 -3.14
C ALA A 111 25.49 9.71 -4.13
N GLN A 112 24.54 10.63 -3.98
CA GLN A 112 23.45 10.73 -4.95
C GLN A 112 24.00 11.05 -6.33
N ASN A 113 24.94 11.99 -6.42
CA ASN A 113 25.48 12.38 -7.72
C ASN A 113 26.33 11.27 -8.31
N GLY A 114 27.30 10.76 -7.54
CA GLY A 114 28.09 9.64 -8.01
C GLY A 114 27.24 8.45 -8.44
N LEU A 115 26.10 8.25 -7.78
CA LEU A 115 25.21 7.17 -8.17
C LEU A 115 24.59 7.42 -9.54
N LYS A 116 23.89 8.55 -9.68
CA LYS A 116 23.20 8.83 -10.94
C LYS A 116 24.17 9.11 -12.08
N SER A 117 25.40 9.52 -11.77
CA SER A 117 26.37 9.75 -12.84
C SER A 117 26.84 8.45 -13.47
N PHE A 118 26.87 7.36 -12.70
CA PHE A 118 27.38 6.08 -13.18
C PHE A 118 26.33 4.98 -13.10
N SER A 119 25.05 5.35 -13.18
CA SER A 119 23.97 4.35 -13.17
C SER A 119 22.93 4.66 -14.22
N ILE A 120 22.29 5.84 -14.14
CA ILE A 120 21.22 6.18 -15.07
C ILE A 120 21.72 7.03 -16.25
N ALA A 121 22.86 7.70 -16.11
CA ALA A 121 23.41 8.48 -17.22
C ALA A 121 23.79 7.54 -18.37
N SER A 122 23.62 8.05 -19.58
CA SER A 122 23.84 7.23 -20.78
C SER A 122 25.31 6.83 -20.89
N ASP A 123 25.54 5.55 -21.18
CA ASP A 123 26.91 5.05 -21.36
C ASP A 123 27.52 5.69 -22.61
N PRO A 124 28.75 6.19 -22.54
CA PRO A 124 29.38 6.70 -23.77
C PRO A 124 29.59 5.62 -24.82
N ALA A 125 29.75 4.37 -24.40
CA ALA A 125 30.01 3.26 -25.31
C ALA A 125 28.74 2.63 -25.88
N SER A 126 27.58 3.27 -25.69
CA SER A 126 26.33 2.74 -26.21
C SER A 126 25.34 3.88 -26.39
N SER A 127 24.80 4.01 -27.60
CA SER A 127 23.72 4.96 -27.85
C SER A 127 22.37 4.43 -27.38
N THR A 128 22.28 3.13 -27.09
CA THR A 128 21.01 2.54 -26.71
C THR A 128 20.63 2.87 -25.27
N SER A 129 21.50 2.55 -24.33
CA SER A 129 21.11 2.34 -22.95
C SER A 129 21.97 3.16 -21.99
N CYS A 130 21.59 3.09 -20.72
CA CYS A 130 22.34 3.70 -19.64
C CYS A 130 23.34 2.70 -19.05
N TYR A 131 24.22 3.20 -18.19
CA TYR A 131 25.21 2.35 -17.56
C TYR A 131 24.57 1.12 -16.93
N LEU A 132 23.49 1.33 -16.17
CA LEU A 132 22.89 0.25 -15.39
C LEU A 132 22.35 -0.84 -16.30
N GLU A 133 21.74 -0.46 -17.43
CA GLU A 133 21.13 -1.46 -18.30
C GLU A 133 22.17 -2.34 -18.96
N GLU A 134 23.30 -1.75 -19.36
CA GLU A 134 24.38 -2.56 -19.93
C GLU A 134 24.87 -3.60 -18.93
N HIS A 135 25.24 -3.15 -17.72
CA HIS A 135 25.74 -4.06 -16.72
C HIS A 135 24.75 -5.18 -16.43
N VAL A 136 23.49 -4.82 -16.17
CA VAL A 136 22.51 -5.83 -15.75
C VAL A 136 22.25 -6.83 -16.87
N SER A 137 22.33 -6.40 -18.13
CA SER A 137 22.16 -7.35 -19.24
C SER A 137 23.33 -8.32 -19.31
N LYS A 138 24.55 -7.80 -19.15
CA LYS A 138 25.73 -8.65 -19.14
C LYS A 138 25.62 -9.75 -18.09
N GLU A 139 25.39 -9.35 -16.82
CA GLU A 139 25.32 -10.33 -15.75
C GLU A 139 24.08 -11.20 -15.87
N ALA A 140 22.98 -10.64 -16.38
CA ALA A 140 21.80 -11.44 -16.61
C ALA A 140 22.07 -12.60 -17.57
N GLU A 141 22.82 -12.36 -18.63
CA GLU A 141 23.07 -13.51 -19.51
C GLU A 141 24.12 -14.41 -18.91
N VAL A 142 25.24 -13.84 -18.40
CA VAL A 142 26.17 -14.74 -17.74
C VAL A 142 25.43 -15.64 -16.73
N LEU A 143 24.51 -15.06 -15.96
CA LEU A 143 23.80 -15.82 -14.93
C LEU A 143 22.99 -16.96 -15.53
N ILE A 144 22.37 -16.72 -16.69
CA ILE A 144 21.54 -17.76 -17.29
C ILE A 144 22.41 -18.93 -17.71
N SER A 145 23.47 -18.66 -18.49
CA SER A 145 24.34 -19.75 -18.92
C SER A 145 24.98 -20.44 -17.72
N THR A 146 25.30 -19.67 -16.67
CA THR A 146 25.82 -20.30 -15.45
C THR A 146 24.80 -21.27 -14.86
N LEU A 147 23.54 -20.83 -14.75
CA LEU A 147 22.52 -21.68 -14.16
C LEU A 147 22.28 -22.94 -14.97
N GLN A 148 22.40 -22.86 -16.30
CA GLN A 148 22.21 -24.04 -17.14
C GLN A 148 23.29 -25.08 -16.86
N GLU A 149 24.54 -24.64 -16.72
CA GLU A 149 25.62 -25.55 -16.36
C GLU A 149 25.26 -26.40 -15.16
N LEU A 150 24.48 -25.86 -14.23
CA LEU A 150 24.19 -26.55 -12.97
C LEU A 150 23.10 -27.60 -13.13
N MET A 151 22.11 -27.38 -14.01
CA MET A 151 21.15 -28.42 -14.30
C MET A 151 21.81 -29.55 -15.09
N ALA A 152 22.76 -29.21 -15.97
CA ALA A 152 23.57 -30.24 -16.61
C ALA A 152 24.40 -31.01 -15.59
N GLY A 153 24.85 -30.32 -14.54
CA GLY A 153 25.60 -30.94 -13.48
C GLY A 153 24.73 -31.60 -12.44
N PRO A 154 24.70 -31.05 -11.22
CA PRO A 154 23.92 -31.71 -10.16
C PRO A 154 22.43 -31.82 -10.46
N GLY A 155 21.90 -31.01 -11.37
CA GLY A 155 20.48 -30.97 -11.63
C GLY A 155 19.70 -30.04 -10.72
N HIS A 156 20.36 -29.38 -9.78
CA HIS A 156 19.70 -28.49 -8.83
C HIS A 156 20.74 -27.51 -8.30
N PHE A 157 20.25 -26.36 -7.84
CA PHE A 157 21.13 -25.31 -7.34
C PHE A 157 20.43 -24.52 -6.26
N ASN A 158 21.22 -23.82 -5.46
CA ASN A 158 20.70 -22.79 -4.58
C ASN A 158 20.85 -21.45 -5.27
N PRO A 159 19.77 -20.74 -5.59
CA PRO A 159 19.93 -19.54 -6.42
C PRO A 159 20.69 -18.42 -5.73
N TYR A 160 20.58 -18.28 -4.41
CA TYR A 160 21.24 -17.16 -3.74
C TYR A 160 22.73 -17.16 -4.03
N ARG A 161 23.34 -18.33 -4.14
CA ARG A 161 24.79 -18.40 -4.32
C ARG A 161 25.23 -17.70 -5.59
N TYR A 162 24.47 -17.84 -6.67
CA TYR A 162 24.86 -17.30 -7.97
C TYR A 162 24.22 -15.96 -8.28
N VAL A 163 23.08 -15.66 -7.66
CA VAL A 163 22.48 -14.34 -7.84
C VAL A 163 23.30 -13.28 -7.11
N VAL A 164 23.91 -13.64 -5.97
CA VAL A 164 24.66 -12.66 -5.20
C VAL A 164 25.88 -12.18 -5.98
N VAL A 165 26.48 -13.04 -6.78
CA VAL A 165 27.62 -12.62 -7.60
C VAL A 165 27.14 -11.74 -8.74
N SER A 166 26.10 -12.18 -9.45
CA SER A 166 25.58 -11.40 -10.56
C SER A 166 25.10 -10.03 -10.09
N VAL A 167 24.46 -9.97 -8.92
CA VAL A 167 24.03 -8.69 -8.37
C VAL A 167 25.24 -7.85 -7.96
N THR A 168 26.21 -8.47 -7.30
CA THR A 168 27.34 -7.70 -6.78
C THR A 168 28.16 -7.09 -7.92
N ASN A 169 28.38 -7.84 -9.00
CA ASN A 169 29.19 -7.33 -10.10
C ASN A 169 28.56 -6.09 -10.72
N VAL A 170 27.23 -5.95 -10.61
CA VAL A 170 26.56 -4.75 -11.11
C VAL A 170 26.97 -3.55 -10.26
N ILE A 171 26.74 -3.63 -8.95
CA ILE A 171 27.13 -2.54 -8.06
C ILE A 171 28.64 -2.46 -7.94
N CYS A 172 29.35 -3.55 -8.20
CA CYS A 172 30.81 -3.52 -8.19
C CYS A 172 31.37 -2.86 -9.44
N ALA A 173 30.62 -2.88 -10.54
CA ALA A 173 31.04 -2.17 -11.75
C ALA A 173 30.73 -0.68 -11.65
N ILE A 174 29.61 -0.33 -11.01
CA ILE A 174 29.26 1.07 -10.83
C ILE A 174 30.25 1.75 -9.89
N CYS A 175 30.87 0.98 -8.99
CA CYS A 175 31.71 1.54 -7.94
C CYS A 175 33.20 1.39 -8.19
N PHE A 176 33.62 0.24 -8.72
CA PHE A 176 35.04 -0.07 -8.86
C PHE A 176 35.44 -0.43 -10.29
N GLY A 177 34.51 -0.44 -11.24
CA GLY A 177 34.85 -0.75 -12.61
C GLY A 177 35.40 -2.14 -12.81
N ARG A 178 34.97 -3.09 -12.01
CA ARG A 178 35.47 -4.46 -12.09
C ARG A 178 34.33 -5.43 -11.81
N ARG A 179 34.43 -6.61 -12.42
CA ARG A 179 33.53 -7.72 -12.14
C ARG A 179 34.36 -8.97 -11.88
N TYR A 180 33.73 -9.96 -11.28
CA TYR A 180 34.42 -11.17 -10.84
C TYR A 180 33.67 -12.41 -11.31
N ASP A 181 34.45 -13.45 -11.63
CA ASP A 181 33.86 -14.72 -12.03
C ASP A 181 32.95 -15.25 -10.93
N HIS A 182 32.03 -16.12 -11.34
CA HIS A 182 31.05 -16.67 -10.39
C HIS A 182 31.69 -17.60 -9.35
N ASN A 183 33.00 -17.82 -9.40
CA ASN A 183 33.67 -18.62 -8.39
C ASN A 183 34.94 -17.96 -7.86
N HIS A 184 35.23 -16.72 -8.27
CA HIS A 184 36.25 -15.91 -7.61
C HIS A 184 36.11 -16.04 -6.09
N GLN A 185 37.17 -16.53 -5.44
CA GLN A 185 37.06 -16.86 -4.02
C GLN A 185 37.27 -15.65 -3.12
N GLU A 186 38.01 -14.63 -3.58
CA GLU A 186 38.14 -13.40 -2.81
C GLU A 186 36.86 -12.56 -2.84
N LEU A 187 35.83 -13.00 -3.57
CA LEU A 187 34.55 -12.32 -3.57
C LEU A 187 33.56 -12.99 -2.62
N LEU A 188 33.29 -14.29 -2.84
CA LEU A 188 32.53 -15.05 -1.85
C LEU A 188 33.14 -14.86 -0.47
N SER A 189 34.46 -14.71 -0.40
CA SER A 189 35.13 -14.13 0.75
C SER A 189 34.33 -12.98 1.34
N LEU A 190 33.96 -12.02 0.50
CA LEU A 190 33.21 -10.85 0.95
C LEU A 190 31.73 -11.17 1.14
N VAL A 191 31.04 -11.46 0.02
CA VAL A 191 29.60 -11.36 -0.04
C VAL A 191 28.87 -12.66 0.28
N ASN A 192 29.57 -13.78 0.39
CA ASN A 192 28.96 -15.07 0.64
C ASN A 192 29.86 -15.89 1.56
N LEU A 193 30.15 -15.34 2.73
CA LEU A 193 30.87 -16.09 3.77
C LEU A 193 30.59 -15.40 5.10
N ASN A 194 29.80 -16.05 5.95
CA ASN A 194 29.50 -15.55 7.29
C ASN A 194 29.09 -14.07 7.25
N ASN A 195 28.20 -13.75 6.32
CA ASN A 195 27.66 -12.41 6.20
C ASN A 195 26.47 -12.29 7.15
N ASN A 196 26.75 -11.84 8.38
CA ASN A 196 25.71 -11.61 9.38
C ASN A 196 25.49 -10.12 9.62
N PHE A 197 25.88 -9.27 8.68
CA PHE A 197 25.71 -7.83 8.86
C PHE A 197 24.28 -7.49 9.22
N GLY A 198 23.32 -7.96 8.42
CA GLY A 198 21.94 -7.57 8.65
C GLY A 198 21.41 -8.03 10.00
N GLU A 199 21.81 -9.23 10.43
CA GLU A 199 21.22 -9.79 11.64
C GLU A 199 21.72 -9.09 12.90
N VAL A 200 22.90 -8.48 12.85
CA VAL A 200 23.45 -7.88 14.06
C VAL A 200 22.92 -6.46 14.26
N VAL A 201 22.82 -5.67 13.20
CA VAL A 201 22.40 -4.29 13.35
C VAL A 201 20.90 -4.09 13.13
N GLY A 202 20.16 -5.17 12.89
CA GLY A 202 18.72 -5.06 12.87
C GLY A 202 18.24 -4.40 14.15
N SER A 203 17.25 -3.52 14.04
CA SER A 203 16.78 -2.78 15.21
C SER A 203 16.44 -3.73 16.34
N GLY A 204 16.90 -3.37 17.54
CA GLY A 204 16.65 -4.16 18.73
C GLY A 204 17.76 -5.08 19.15
N ASN A 205 18.97 -4.97 18.64
CA ASN A 205 20.01 -5.85 19.07
C ASN A 205 20.31 -5.66 20.51
N PRO A 206 20.37 -6.72 21.32
CA PRO A 206 20.71 -6.66 22.72
C PRO A 206 22.05 -6.11 22.98
N ALA A 207 23.04 -6.35 22.15
CA ALA A 207 24.35 -5.81 22.37
C ALA A 207 24.46 -4.34 22.30
N ASP A 208 23.57 -3.64 21.66
CA ASP A 208 23.51 -2.22 21.61
C ASP A 208 22.94 -1.62 22.82
N PHE A 209 22.19 -2.39 23.58
CA PHE A 209 21.52 -1.88 24.76
C PHE A 209 21.93 -2.59 26.04
N ILE A 210 22.66 -3.70 25.97
CA ILE A 210 23.18 -4.39 27.15
C ILE A 210 24.70 -4.28 27.13
N PRO A 211 25.29 -3.33 27.84
CA PRO A 211 26.73 -3.06 27.66
C PRO A 211 27.65 -4.25 27.93
N ILE A 212 27.21 -5.26 28.69
CA ILE A 212 28.13 -6.35 28.99
C ILE A 212 28.16 -7.41 27.90
N LEU A 213 27.12 -7.50 27.06
CA LEU A 213 27.15 -8.46 25.97
C LEU A 213 28.24 -8.14 24.95
N ARG A 214 28.83 -6.99 25.02
CA ARG A 214 29.86 -6.69 24.09
C ARG A 214 31.19 -7.22 24.47
N TYR A 215 31.35 -7.62 25.71
CA TYR A 215 32.62 -8.10 26.22
C TYR A 215 32.66 -9.60 26.49
N LEU A 216 31.49 -10.23 26.64
CA LEU A 216 31.45 -11.67 26.84
C LEU A 216 31.76 -12.37 25.52
N PRO A 217 32.13 -13.66 25.58
CA PRO A 217 32.29 -14.42 24.34
C PRO A 217 31.07 -14.26 23.44
N ASN A 218 31.25 -13.56 22.31
CA ASN A 218 30.15 -13.30 21.38
C ASN A 218 30.62 -13.68 19.98
N PRO A 219 30.34 -14.91 19.55
CA PRO A 219 30.74 -15.30 18.18
C PRO A 219 30.06 -14.46 17.12
N SER A 220 28.77 -14.17 17.29
CA SER A 220 28.05 -13.41 16.28
C SER A 220 28.65 -12.03 16.07
N LEU A 221 29.18 -11.43 17.14
CA LEU A 221 29.79 -10.11 17.01
C LEU A 221 31.26 -10.18 16.63
N ASN A 222 31.95 -11.27 16.96
CA ASN A 222 33.31 -11.45 16.45
C ASN A 222 33.30 -11.66 14.95
N ALA A 223 32.37 -12.48 14.45
CA ALA A 223 32.16 -12.59 13.02
C ALA A 223 31.82 -11.25 12.40
N PHE A 224 31.03 -10.44 13.12
CA PHE A 224 30.63 -9.14 12.58
C PHE A 224 31.82 -8.19 12.53
N LYS A 225 32.63 -8.15 13.59
CA LYS A 225 33.75 -7.21 13.59
C LYS A 225 34.81 -7.59 12.57
N ASP A 226 34.95 -8.88 12.26
CA ASP A 226 35.90 -9.27 11.22
C ASP A 226 35.35 -9.03 9.82
N LEU A 227 34.03 -9.11 9.65
CA LEU A 227 33.43 -8.85 8.35
C LEU A 227 33.62 -7.39 7.94
N ASN A 228 33.50 -6.46 8.89
CA ASN A 228 33.45 -5.05 8.54
C ASN A 228 34.83 -4.50 8.18
N GLU A 229 35.89 -4.94 8.86
CA GLU A 229 37.24 -4.50 8.51
C GLU A 229 37.85 -5.37 7.42
N LYS A 230 37.25 -6.53 7.13
CA LYS A 230 37.56 -7.25 5.90
C LYS A 230 36.97 -6.52 4.69
N PHE A 231 35.83 -5.84 4.88
CA PHE A 231 35.28 -4.99 3.84
C PHE A 231 36.02 -3.66 3.74
N TYR A 232 36.48 -3.14 4.88
CA TYR A 232 37.27 -1.90 4.87
C TYR A 232 38.65 -2.14 4.29
N SER A 233 39.17 -3.35 4.38
CA SER A 233 40.42 -3.69 3.70
C SER A 233 40.23 -3.72 2.19
N PHE A 234 39.14 -4.35 1.73
CA PHE A 234 38.85 -4.36 0.30
C PHE A 234 38.75 -2.96 -0.26
N MET A 235 38.06 -2.06 0.46
CA MET A 235 37.85 -0.71 -0.04
C MET A 235 39.17 0.02 -0.23
N GLN A 236 40.06 -0.05 0.77
CA GLN A 236 41.31 0.70 0.68
C GLN A 236 42.22 0.16 -0.41
N LYS A 237 42.19 -1.15 -0.67
CA LYS A 237 43.02 -1.72 -1.72
C LYS A 237 42.41 -1.59 -3.10
N MET A 238 41.18 -1.08 -3.22
CA MET A 238 40.61 -0.73 -4.52
C MET A 238 40.70 0.77 -4.80
N VAL A 239 40.79 1.60 -3.77
CA VAL A 239 40.97 3.03 -3.99
C VAL A 239 42.45 3.35 -4.20
N LYS A 240 43.35 2.60 -3.56
CA LYS A 240 44.77 2.76 -3.84
C LYS A 240 45.13 2.23 -5.22
N GLU A 241 44.53 1.09 -5.60
CA GLU A 241 44.69 0.62 -6.97
C GLU A 241 44.15 1.62 -7.97
N HIS A 242 43.19 2.45 -7.55
CA HIS A 242 42.59 3.42 -8.45
C HIS A 242 43.36 4.73 -8.50
N TYR A 243 43.97 5.15 -7.39
CA TYR A 243 44.77 6.36 -7.42
C TYR A 243 46.09 6.15 -8.15
N LYS A 244 46.57 4.91 -8.22
CA LYS A 244 47.76 4.63 -9.02
C LYS A 244 47.49 4.81 -10.50
N THR A 245 46.27 4.52 -10.95
CA THR A 245 45.90 4.63 -12.36
C THR A 245 44.89 5.72 -12.62
N PHE A 246 44.79 6.71 -11.73
CA PHE A 246 43.79 7.76 -11.87
C PHE A 246 44.26 8.85 -12.82
N GLU A 247 43.37 9.27 -13.71
CA GLU A 247 43.64 10.33 -14.67
C GLU A 247 42.59 11.42 -14.52
N LYS A 248 43.04 12.67 -14.44
CA LYS A 248 42.17 13.76 -14.02
C LYS A 248 40.91 13.85 -14.87
N GLY A 249 41.06 13.74 -16.19
CA GLY A 249 39.96 14.05 -17.08
C GLY A 249 38.92 12.96 -17.19
N HIS A 250 39.33 11.69 -17.10
CA HIS A 250 38.44 10.57 -17.40
C HIS A 250 38.06 9.85 -16.11
N ILE A 251 36.86 10.14 -15.63
CA ILE A 251 36.30 9.52 -14.43
C ILE A 251 35.62 8.22 -14.87
N ARG A 252 36.06 7.09 -14.30
CA ARG A 252 35.50 5.80 -14.67
C ARG A 252 34.50 5.25 -13.64
N ASP A 253 34.76 5.47 -12.35
CA ASP A 253 34.02 4.83 -11.28
C ASP A 253 33.31 5.88 -10.43
N ILE A 254 32.60 5.39 -9.41
CA ILE A 254 32.19 6.27 -8.31
C ILE A 254 33.39 6.53 -7.41
N THR A 255 34.34 5.59 -7.34
CA THR A 255 35.54 5.81 -6.55
C THR A 255 36.36 6.96 -7.12
N ASP A 256 36.64 6.94 -8.42
CA ASP A 256 37.33 8.07 -9.03
C ASP A 256 36.52 9.35 -8.91
N SER A 257 35.19 9.24 -8.92
CA SER A 257 34.36 10.42 -8.72
C SER A 257 34.64 11.07 -7.37
N LEU A 258 34.96 10.27 -6.35
CA LEU A 258 35.27 10.80 -5.03
C LEU A 258 36.74 11.20 -4.91
N ILE A 259 37.66 10.42 -5.50
CA ILE A 259 39.05 10.84 -5.56
C ILE A 259 39.15 12.22 -6.17
N GLU A 260 38.38 12.45 -7.25
CA GLU A 260 38.33 13.78 -7.86
C GLU A 260 37.96 14.84 -6.83
N HIS A 261 36.92 14.58 -6.04
CA HIS A 261 36.44 15.58 -5.09
C HIS A 261 37.45 15.82 -3.97
N CYS A 262 38.30 14.83 -3.67
CA CYS A 262 39.32 15.04 -2.65
C CYS A 262 40.38 16.04 -3.11
N GLN A 263 40.63 16.02 -4.40
CA GLN A 263 41.62 16.86 -4.97
C GLN A 263 41.09 18.23 -5.13
N GLU A 264 39.86 18.37 -5.56
CA GLU A 264 39.29 19.69 -5.73
C GLU A 264 39.21 20.41 -4.40
N LYS A 265 38.86 19.71 -3.34
CA LYS A 265 38.83 20.29 -2.02
C LYS A 265 40.24 20.35 -1.47
N GLN A 274 35.57 19.72 8.52
CA GLN A 274 35.28 18.50 9.24
C GLN A 274 35.14 17.31 8.28
N LEU A 275 35.18 17.60 6.98
CA LEU A 275 34.95 16.58 5.95
C LEU A 275 36.28 15.92 5.60
N SER A 276 36.63 14.91 6.40
CA SER A 276 37.81 14.11 6.12
C SER A 276 37.77 13.59 4.69
N ASP A 277 38.95 13.35 4.11
CA ASP A 277 38.99 12.61 2.86
C ASP A 277 38.67 11.13 3.08
N GLU A 278 38.87 10.64 4.31
CA GLU A 278 38.35 9.33 4.66
C GLU A 278 36.84 9.30 4.57
N LYS A 279 36.17 10.33 5.10
CA LYS A 279 34.71 10.38 5.08
C LYS A 279 34.17 10.50 3.67
N ILE A 280 34.96 11.01 2.72
CA ILE A 280 34.53 11.07 1.34
C ILE A 280 34.72 9.71 0.65
N ILE A 281 35.82 9.03 0.95
CA ILE A 281 36.15 7.84 0.19
C ILE A 281 35.37 6.62 0.69
N ASN A 282 35.06 6.54 1.98
CA ASN A 282 34.32 5.38 2.48
C ASN A 282 32.82 5.48 2.19
N ILE A 283 32.41 6.42 1.33
CA ILE A 283 31.02 6.45 0.87
C ILE A 283 30.74 5.28 -0.07
N VAL A 284 31.69 4.98 -0.96
CA VAL A 284 31.52 3.89 -1.90
C VAL A 284 31.28 2.57 -1.19
N LEU A 285 31.72 2.45 0.07
CA LEU A 285 31.45 1.24 0.82
C LEU A 285 29.97 1.15 1.18
N ASP A 286 29.39 2.26 1.65
CA ASP A 286 27.96 2.27 1.95
C ASP A 286 27.13 1.92 0.72
N LEU A 287 27.54 2.43 -0.44
CA LEU A 287 26.85 2.09 -1.68
C LEU A 287 27.06 0.62 -2.04
N PHE A 288 28.32 0.16 -1.95
CA PHE A 288 28.62 -1.22 -2.33
C PHE A 288 27.92 -2.21 -1.41
N GLY A 289 27.84 -1.89 -0.12
CA GLY A 289 27.21 -2.81 0.82
C GLY A 289 25.71 -2.87 0.66
N ALA A 290 25.07 -1.70 0.67
CA ALA A 290 23.61 -1.67 0.51
C ALA A 290 23.21 -2.17 -0.87
N GLY A 291 24.00 -1.85 -1.89
CA GLY A 291 23.70 -2.28 -3.24
C GLY A 291 23.56 -3.78 -3.37
N PHE A 292 24.64 -4.51 -3.09
CA PHE A 292 24.64 -5.94 -3.36
C PHE A 292 23.74 -6.71 -2.39
N ASP A 293 23.71 -6.30 -1.12
CA ASP A 293 23.00 -7.08 -0.12
C ASP A 293 21.49 -6.99 -0.30
N THR A 294 20.97 -5.76 -0.44
CA THR A 294 19.52 -5.57 -0.48
C THR A 294 18.93 -6.11 -1.77
N VAL A 295 19.45 -5.66 -2.92
CA VAL A 295 18.88 -6.08 -4.20
C VAL A 295 18.93 -7.60 -4.33
N THR A 296 20.02 -8.21 -3.86
CA THR A 296 20.12 -9.67 -3.88
C THR A 296 18.94 -10.30 -3.13
N THR A 297 18.67 -9.81 -1.92
CA THR A 297 17.58 -10.37 -1.13
C THR A 297 16.24 -10.20 -1.83
N ALA A 298 16.03 -9.07 -2.49
CA ALA A 298 14.79 -8.87 -3.24
C ALA A 298 14.66 -9.93 -4.33
N ILE A 299 15.68 -10.05 -5.19
CA ILE A 299 15.62 -11.04 -6.27
C ILE A 299 15.47 -12.44 -5.69
N SER A 300 16.23 -12.76 -4.65
CA SER A 300 16.11 -14.09 -4.04
C SER A 300 14.71 -14.34 -3.52
N TRP A 301 14.10 -13.34 -2.90
CA TRP A 301 12.71 -13.49 -2.44
C TRP A 301 11.77 -13.64 -3.64
N SER A 302 11.98 -12.85 -4.69
CA SER A 302 11.14 -12.96 -5.87
C SER A 302 11.15 -14.38 -6.42
N LEU A 303 12.33 -15.00 -6.49
CA LEU A 303 12.40 -16.36 -7.01
C LEU A 303 11.80 -17.37 -6.04
N MET A 304 11.82 -17.07 -4.74
CA MET A 304 11.15 -17.95 -3.78
C MET A 304 9.64 -17.85 -3.91
N TYR A 305 9.13 -16.71 -4.38
CA TYR A 305 7.70 -16.57 -4.60
C TYR A 305 7.28 -17.17 -5.94
N LEU A 306 8.17 -17.14 -6.94
CA LEU A 306 7.84 -17.72 -8.23
C LEU A 306 7.79 -19.25 -8.15
N VAL A 307 8.69 -19.85 -7.37
CA VAL A 307 8.66 -21.31 -7.21
C VAL A 307 7.38 -21.74 -6.50
N MET A 308 6.96 -20.98 -5.49
CA MET A 308 5.86 -21.35 -4.62
C MET A 308 4.52 -20.82 -5.11
N ASN A 309 4.51 -20.09 -6.23
CA ASN A 309 3.27 -19.61 -6.84
C ASN A 309 3.47 -19.68 -8.35
N PRO A 310 3.40 -20.88 -8.93
CA PRO A 310 3.57 -20.99 -10.38
C PRO A 310 2.54 -20.20 -11.16
N ARG A 311 1.31 -20.10 -10.64
CA ARG A 311 0.31 -19.26 -11.28
C ARG A 311 0.84 -17.85 -11.53
N VAL A 312 1.55 -17.29 -10.55
CA VAL A 312 2.08 -15.95 -10.71
C VAL A 312 3.24 -15.93 -11.70
N GLN A 313 3.96 -17.04 -11.83
CA GLN A 313 5.07 -17.07 -12.76
C GLN A 313 4.58 -17.04 -14.21
N ARG A 314 3.57 -17.86 -14.53
CA ARG A 314 3.12 -17.92 -15.91
C ARG A 314 2.45 -16.62 -16.34
N LYS A 315 1.63 -16.02 -15.47
CA LYS A 315 1.00 -14.76 -15.82
C LYS A 315 2.01 -13.63 -15.99
N ILE A 316 3.20 -13.76 -15.38
CA ILE A 316 4.28 -12.84 -15.68
C ILE A 316 4.81 -13.08 -17.08
N GLN A 317 4.99 -14.35 -17.45
CA GLN A 317 5.52 -14.67 -18.77
C GLN A 317 4.48 -14.42 -19.85
N GLU A 318 3.22 -14.74 -19.57
CA GLU A 318 2.14 -14.45 -20.50
C GLU A 318 2.14 -12.98 -20.89
N GLU A 319 2.40 -12.09 -19.92
CA GLU A 319 2.46 -10.66 -20.24
C GLU A 319 3.68 -10.34 -21.08
N LEU A 320 4.81 -11.00 -20.81
CA LEU A 320 6.03 -10.73 -21.57
C LEU A 320 5.89 -11.23 -23.00
N ASP A 321 5.13 -12.31 -23.21
CA ASP A 321 4.95 -12.83 -24.57
C ASP A 321 4.05 -11.93 -25.41
N THR A 322 3.11 -11.22 -24.78
CA THR A 322 2.21 -10.37 -25.52
C THR A 322 2.76 -8.96 -25.74
N VAL A 323 3.66 -8.49 -24.88
CA VAL A 323 4.16 -7.12 -24.98
C VAL A 323 5.57 -7.05 -25.56
N ILE A 324 6.31 -8.15 -25.57
CA ILE A 324 7.65 -8.15 -26.17
C ILE A 324 7.91 -9.45 -26.93
N GLY A 325 7.19 -10.52 -26.60
CA GLY A 325 7.49 -11.78 -27.22
C GLY A 325 8.91 -12.24 -26.87
N ARG A 326 9.38 -13.22 -27.62
CA ARG A 326 10.72 -13.77 -27.45
C ARG A 326 11.62 -13.41 -28.63
N SER A 327 11.33 -12.29 -29.29
CA SER A 327 12.12 -11.82 -30.42
C SER A 327 13.24 -10.87 -30.01
N ARG A 328 13.20 -10.32 -28.80
CA ARG A 328 14.07 -9.22 -28.43
C ARG A 328 14.33 -9.25 -26.93
N ARG A 329 15.51 -8.79 -26.54
CA ARG A 329 15.85 -8.67 -25.13
C ARG A 329 15.06 -7.52 -24.51
N PRO A 330 14.45 -7.70 -23.33
CA PRO A 330 13.76 -6.58 -22.69
C PRO A 330 14.71 -5.43 -22.40
N ARG A 331 14.12 -4.24 -22.22
CA ARG A 331 14.87 -3.04 -21.90
C ARG A 331 14.10 -2.26 -20.84
N LEU A 332 14.80 -1.32 -20.20
CA LEU A 332 14.13 -0.44 -19.26
C LEU A 332 13.03 0.37 -19.95
N SER A 333 13.06 0.44 -21.29
CA SER A 333 11.95 1.02 -22.03
C SER A 333 10.62 0.41 -21.63
N ASP A 334 10.60 -0.91 -21.42
CA ASP A 334 9.36 -1.65 -21.28
C ASP A 334 8.83 -1.70 -19.85
N ARG A 335 9.51 -1.06 -18.89
CA ARG A 335 9.07 -1.16 -17.51
C ARG A 335 7.68 -0.55 -17.32
N SER A 336 7.43 0.61 -17.92
CA SER A 336 6.15 1.29 -17.73
C SER A 336 4.99 0.53 -18.34
N HIS A 337 5.24 -0.33 -19.33
CA HIS A 337 4.18 -1.01 -20.07
C HIS A 337 4.03 -2.47 -19.65
N LEU A 338 4.53 -2.85 -18.48
CA LEU A 338 4.40 -4.20 -17.94
C LEU A 338 3.81 -4.11 -16.54
N PRO A 339 2.50 -3.83 -16.43
CA PRO A 339 1.95 -3.58 -15.08
C PRO A 339 2.00 -4.79 -14.18
N TYR A 340 1.76 -5.99 -14.71
CA TYR A 340 1.64 -7.15 -13.84
C TYR A 340 2.95 -7.48 -13.14
N MET A 341 4.09 -7.16 -13.75
CA MET A 341 5.35 -7.38 -13.04
C MET A 341 5.53 -6.33 -11.95
N GLU A 342 5.29 -5.06 -12.27
CA GLU A 342 5.36 -4.03 -11.24
C GLU A 342 4.48 -4.40 -10.06
N ALA A 343 3.40 -5.15 -10.31
CA ALA A 343 2.57 -5.64 -9.22
C ALA A 343 3.26 -6.77 -8.47
N PHE A 344 3.91 -7.68 -9.20
CA PHE A 344 4.63 -8.78 -8.54
C PHE A 344 5.76 -8.25 -7.68
N ILE A 345 6.54 -7.29 -8.21
CA ILE A 345 7.65 -6.72 -7.45
C ILE A 345 7.11 -5.98 -6.23
N LEU A 346 6.07 -5.18 -6.41
CA LEU A 346 5.48 -4.48 -5.28
C LEU A 346 5.02 -5.45 -4.21
N GLU A 347 4.41 -6.58 -4.61
CA GLU A 347 3.91 -7.54 -3.63
C GLU A 347 5.04 -8.34 -3.00
N THR A 348 6.14 -8.55 -3.73
CA THR A 348 7.31 -9.15 -3.11
C THR A 348 7.87 -8.24 -2.04
N PHE A 349 7.86 -6.93 -2.28
CA PHE A 349 8.29 -5.98 -1.26
C PHE A 349 7.32 -5.97 -0.08
N ARG A 350 6.02 -6.09 -0.35
CA ARG A 350 5.02 -5.91 0.69
C ARG A 350 4.85 -7.16 1.54
N HIS A 351 4.66 -8.32 0.90
CA HIS A 351 4.43 -9.55 1.66
C HIS A 351 5.65 -9.91 2.49
N SER A 352 6.83 -9.89 1.88
CA SER A 352 8.05 -10.21 2.61
C SER A 352 8.43 -9.08 3.55
N SER A 353 8.28 -7.83 3.10
CA SER A 353 8.79 -6.67 3.81
C SER A 353 10.18 -6.99 4.38
N PHE A 354 11.06 -7.42 3.49
CA PHE A 354 12.36 -7.93 3.93
C PHE A 354 13.21 -6.85 4.57
N VAL A 355 12.71 -5.61 4.60
CA VAL A 355 13.29 -4.56 5.44
C VAL A 355 12.21 -4.13 6.42
N PRO A 356 12.00 -4.85 7.53
CA PRO A 356 10.84 -4.54 8.39
C PRO A 356 10.96 -3.21 9.10
N PHE A 357 12.14 -2.86 9.60
CA PHE A 357 12.38 -1.57 10.23
C PHE A 357 13.39 -0.78 9.41
N THR A 358 13.15 0.53 9.29
CA THR A 358 14.21 1.38 8.80
C THR A 358 15.40 1.30 9.75
N ILE A 359 16.55 1.82 9.31
CA ILE A 359 17.64 1.98 10.28
C ILE A 359 17.14 2.86 11.41
N PRO A 360 17.44 2.55 12.67
CA PRO A 360 16.89 3.35 13.77
C PRO A 360 17.18 4.84 13.60
N HIS A 361 16.22 5.66 14.03
CA HIS A 361 16.32 7.11 13.94
C HIS A 361 16.55 7.69 15.34
N SER A 362 16.69 9.01 15.39
CA SER A 362 16.88 9.73 16.63
C SER A 362 16.34 11.14 16.47
N THR A 363 15.82 11.70 17.56
CA THR A 363 15.27 13.05 17.53
C THR A 363 16.39 14.06 17.64
N THR A 364 16.39 15.04 16.74
CA THR A 364 17.38 16.11 16.78
C THR A 364 17.11 17.09 17.92
N ARG A 365 15.85 17.23 18.32
CA ARG A 365 15.46 18.21 19.32
C ARG A 365 14.17 17.73 19.98
N ASP A 366 13.84 18.33 21.12
CA ASP A 366 12.51 18.14 21.67
C ASP A 366 11.48 18.37 20.57
N THR A 367 10.47 17.50 20.51
CA THR A 367 9.42 17.68 19.52
C THR A 367 8.17 16.94 19.97
N SER A 368 7.13 17.04 19.16
CA SER A 368 5.85 16.40 19.43
C SER A 368 5.38 15.69 18.17
N LEU A 369 4.61 14.61 18.37
CA LEU A 369 4.08 13.83 17.26
C LEU A 369 2.70 13.33 17.66
N LYS A 370 1.68 13.78 16.93
CA LYS A 370 0.29 13.43 17.22
C LYS A 370 -0.03 13.64 18.70
N GLY A 371 0.50 14.72 19.26
CA GLY A 371 0.17 15.13 20.60
C GLY A 371 1.05 14.56 21.69
N PHE A 372 2.08 13.81 21.34
CA PHE A 372 2.94 13.14 22.32
C PHE A 372 4.31 13.80 22.36
N TYR A 373 4.82 14.02 23.57
CA TYR A 373 6.15 14.60 23.75
C TYR A 373 7.22 13.53 23.53
N ILE A 374 8.26 13.91 22.79
CA ILE A 374 9.44 13.06 22.63
C ILE A 374 10.66 13.96 22.79
N PRO A 375 11.52 13.72 23.78
CA PRO A 375 12.64 14.64 24.02
C PRO A 375 13.78 14.42 23.04
N LYS A 376 14.72 15.37 23.05
CA LYS A 376 15.88 15.29 22.18
C LYS A 376 16.75 14.09 22.55
N GLY A 377 17.19 13.37 21.52
CA GLY A 377 18.07 12.23 21.71
C GLY A 377 17.37 10.89 21.80
N ARG A 378 16.04 10.86 21.77
CA ARG A 378 15.32 9.62 21.94
C ARG A 378 15.51 8.72 20.72
N CYS A 379 15.83 7.45 20.99
CA CYS A 379 15.94 6.45 19.94
C CYS A 379 14.56 6.10 19.40
N VAL A 380 14.48 5.90 18.09
CA VAL A 380 13.18 5.72 17.42
C VAL A 380 13.26 4.56 16.44
N PHE A 381 12.33 3.63 16.57
CA PHE A 381 12.15 2.54 15.61
C PHE A 381 10.97 2.88 14.69
N VAL A 382 11.14 2.62 13.40
CA VAL A 382 10.11 2.89 12.39
C VAL A 382 9.70 1.55 11.79
N ASN A 383 8.50 1.09 12.15
CA ASN A 383 8.03 -0.26 11.82
C ASN A 383 7.40 -0.25 10.43
N GLN A 384 8.26 -0.38 9.41
CA GLN A 384 7.76 -0.48 8.04
C GLN A 384 6.90 -1.73 7.87
N TRP A 385 7.27 -2.82 8.53
CA TRP A 385 6.50 -4.06 8.43
C TRP A 385 5.05 -3.83 8.86
N GLN A 386 4.83 -3.01 9.88
CA GLN A 386 3.47 -2.80 10.38
C GLN A 386 2.59 -2.17 9.30
N ILE A 387 3.15 -1.26 8.50
CA ILE A 387 2.39 -0.60 7.44
C ILE A 387 1.95 -1.64 6.40
N ASN A 388 2.93 -2.37 5.84
CA ASN A 388 2.66 -3.28 4.73
C ASN A 388 1.71 -4.41 5.09
N HIS A 389 1.46 -4.63 6.38
CA HIS A 389 0.57 -5.71 6.82
C HIS A 389 -0.61 -5.18 7.63
N ASP A 390 -0.78 -3.87 7.70
CA ASP A 390 -1.92 -3.30 8.41
C ASP A 390 -3.21 -3.79 7.77
N GLN A 391 -4.05 -4.47 8.56
CA GLN A 391 -5.26 -5.07 8.01
C GLN A 391 -6.33 -4.03 7.66
N LYS A 392 -6.12 -2.75 7.95
CA LYS A 392 -7.04 -1.72 7.50
C LYS A 392 -6.61 -1.07 6.18
N LEU A 393 -5.40 -1.35 5.72
CA LEU A 393 -4.94 -0.88 4.41
C LEU A 393 -4.99 -1.97 3.34
N TRP A 394 -4.89 -3.25 3.74
CA TRP A 394 -4.89 -4.37 2.82
C TRP A 394 -5.95 -5.36 3.24
N VAL A 395 -6.58 -5.98 2.25
CA VAL A 395 -7.73 -6.85 2.52
C VAL A 395 -7.25 -8.08 3.27
N ASN A 396 -6.51 -8.95 2.60
CA ASN A 396 -5.97 -10.18 3.18
C ASN A 396 -4.46 -10.09 3.12
N PRO A 397 -3.81 -9.46 4.11
CA PRO A 397 -2.40 -9.07 3.93
C PRO A 397 -1.41 -10.22 4.04
N SER A 398 -1.79 -11.35 4.62
CA SER A 398 -0.87 -12.48 4.71
C SER A 398 -0.83 -13.33 3.45
N GLU A 399 -1.69 -13.04 2.47
CA GLU A 399 -1.73 -13.75 1.22
C GLU A 399 -0.89 -13.03 0.17
N PHE A 400 -0.17 -13.81 -0.64
CA PHE A 400 0.65 -13.26 -1.73
C PHE A 400 -0.23 -13.18 -2.98
N LEU A 401 -0.71 -11.98 -3.28
CA LEU A 401 -1.65 -11.76 -4.39
C LEU A 401 -1.29 -10.47 -5.11
N PRO A 402 -0.43 -10.54 -6.12
CA PRO A 402 -0.06 -9.31 -6.85
C PRO A 402 -1.25 -8.61 -7.46
N GLU A 403 -2.36 -9.32 -7.69
CA GLU A 403 -3.53 -8.70 -8.29
C GLU A 403 -4.10 -7.59 -7.42
N ARG A 404 -3.74 -7.55 -6.14
CA ARG A 404 -4.26 -6.51 -5.26
C ARG A 404 -3.89 -5.11 -5.74
N PHE A 405 -2.85 -4.98 -6.56
CA PHE A 405 -2.39 -3.69 -7.04
C PHE A 405 -2.96 -3.33 -8.41
N LEU A 406 -3.72 -4.21 -9.04
CA LEU A 406 -4.19 -4.01 -10.40
C LEU A 406 -5.61 -3.48 -10.42
N THR A 407 -5.84 -2.48 -11.27
CA THR A 407 -7.17 -1.90 -11.47
C THR A 407 -8.00 -2.81 -12.37
N PRO A 408 -9.31 -2.53 -12.48
CA PRO A 408 -10.15 -3.38 -13.35
C PRO A 408 -9.70 -3.39 -14.80
N ASP A 409 -8.97 -2.37 -15.26
CA ASP A 409 -8.44 -2.33 -16.61
C ASP A 409 -7.02 -2.88 -16.71
N GLY A 410 -6.54 -3.56 -15.68
CA GLY A 410 -5.24 -4.20 -15.74
C GLY A 410 -4.05 -3.29 -15.53
N ALA A 411 -4.25 -2.10 -15.01
CA ALA A 411 -3.16 -1.16 -14.74
C ALA A 411 -2.84 -1.12 -13.26
N ILE A 412 -1.77 -0.41 -12.91
CA ILE A 412 -1.30 -0.34 -11.54
C ILE A 412 -2.02 0.79 -10.82
N ASP A 413 -2.67 0.46 -9.72
CA ASP A 413 -3.33 1.45 -8.86
C ASP A 413 -2.26 2.25 -8.13
N LYS A 414 -1.95 3.44 -8.63
CA LYS A 414 -0.77 4.14 -8.13
C LYS A 414 -0.94 4.59 -6.68
N VAL A 415 -2.17 4.90 -6.25
CA VAL A 415 -2.34 5.32 -4.87
C VAL A 415 -2.13 4.16 -3.91
N LEU A 416 -2.47 2.94 -4.33
CA LEU A 416 -2.28 1.78 -3.49
C LEU A 416 -0.87 1.20 -3.58
N SER A 417 -0.16 1.49 -4.66
CA SER A 417 1.25 1.10 -4.74
C SER A 417 2.14 2.03 -3.92
N GLU A 418 1.69 3.24 -3.64
CA GLU A 418 2.45 4.19 -2.84
C GLU A 418 2.22 4.01 -1.34
N LYS A 419 1.40 3.03 -0.95
CA LYS A 419 1.27 2.65 0.45
C LYS A 419 2.24 1.53 0.84
N VAL A 420 2.88 0.89 -0.14
CA VAL A 420 3.90 -0.11 0.14
C VAL A 420 5.18 0.65 0.55
N ILE A 421 5.57 0.51 1.81
CA ILE A 421 6.68 1.25 2.39
C ILE A 421 7.81 0.27 2.65
N ILE A 422 8.91 0.42 1.92
CA ILE A 422 10.09 -0.42 2.18
C ILE A 422 11.37 0.37 1.97
N PHE A 423 11.29 1.51 1.29
CA PHE A 423 12.46 2.35 1.05
C PHE A 423 12.54 3.54 2.02
N GLY A 424 11.78 3.52 3.10
CA GLY A 424 11.83 4.59 4.07
C GLY A 424 11.10 5.84 3.60
N MET A 425 11.38 6.93 4.29
CA MET A 425 10.67 8.17 4.05
C MET A 425 11.51 9.34 4.52
N GLY A 426 11.19 10.52 3.98
CA GLY A 426 11.75 11.75 4.50
C GLY A 426 13.19 11.97 4.08
N LYS A 427 13.92 12.70 4.93
CA LYS A 427 15.26 13.14 4.60
C LYS A 427 16.29 12.02 4.67
N ARG A 428 15.94 10.87 5.23
CA ARG A 428 16.83 9.72 5.28
C ARG A 428 16.41 8.64 4.29
N LYS A 429 15.53 8.96 3.36
CA LYS A 429 15.06 8.01 2.36
C LYS A 429 16.23 7.32 1.69
N CYS A 430 15.99 6.08 1.26
CA CYS A 430 16.97 5.36 0.45
C CYS A 430 17.33 6.17 -0.78
N ILE A 431 18.64 6.27 -1.04
CA ILE A 431 19.11 6.98 -2.23
C ILE A 431 19.30 6.05 -3.42
N GLY A 432 19.07 4.75 -3.25
CA GLY A 432 19.20 3.82 -4.35
C GLY A 432 17.88 3.18 -4.72
N GLU A 433 16.77 3.88 -4.45
CA GLU A 433 15.46 3.31 -4.75
C GLU A 433 15.31 2.99 -6.22
N THR A 434 15.49 4.00 -7.08
CA THR A 434 15.23 3.79 -8.51
C THR A 434 16.20 2.79 -9.10
N ILE A 435 17.44 2.73 -8.60
CA ILE A 435 18.37 1.70 -9.04
C ILE A 435 17.85 0.32 -8.66
N ALA A 436 17.47 0.15 -7.39
CA ALA A 436 16.94 -1.14 -6.95
C ALA A 436 15.67 -1.50 -7.69
N ARG A 437 14.83 -0.52 -8.01
CA ARG A 437 13.60 -0.81 -8.74
C ARG A 437 13.89 -1.20 -10.18
N TRP A 438 14.90 -0.58 -10.79
CA TRP A 438 15.25 -0.92 -12.17
C TRP A 438 16.05 -2.21 -12.22
N GLU A 439 17.03 -2.36 -11.33
CA GLU A 439 17.84 -3.57 -11.30
C GLU A 439 16.98 -4.80 -11.06
N VAL A 440 16.03 -4.71 -10.11
CA VAL A 440 15.18 -5.87 -9.82
C VAL A 440 14.27 -6.16 -11.00
N PHE A 441 13.73 -5.12 -11.63
CA PHE A 441 12.84 -5.32 -12.77
C PHE A 441 13.59 -5.97 -13.92
N LEU A 442 14.76 -5.42 -14.28
CA LEU A 442 15.47 -5.91 -15.45
C LEU A 442 15.95 -7.35 -15.26
N PHE A 443 16.54 -7.64 -14.11
CA PHE A 443 16.97 -9.01 -13.85
C PHE A 443 15.83 -9.99 -14.05
N LEU A 444 14.69 -9.72 -13.41
CA LEU A 444 13.56 -10.64 -13.52
C LEU A 444 13.00 -10.71 -14.94
N ALA A 445 13.07 -9.61 -15.69
CA ALA A 445 12.51 -9.61 -17.03
C ALA A 445 13.35 -10.43 -18.00
N ILE A 446 14.67 -10.30 -17.95
CA ILE A 446 15.52 -11.02 -18.88
C ILE A 446 15.50 -12.50 -18.58
N LEU A 447 15.41 -12.87 -17.30
CA LEU A 447 15.44 -14.29 -16.93
C LEU A 447 14.13 -14.97 -17.27
N LEU A 448 13.01 -14.42 -16.77
CA LEU A 448 11.72 -15.07 -16.91
C LEU A 448 11.25 -15.14 -18.36
N GLN A 449 11.80 -14.31 -19.24
CA GLN A 449 11.45 -14.40 -20.65
C GLN A 449 11.96 -15.70 -21.27
N ARG A 450 13.11 -16.20 -20.81
CA ARG A 450 13.79 -17.30 -21.46
C ARG A 450 13.82 -18.58 -20.63
N VAL A 451 13.53 -18.52 -19.34
CA VAL A 451 13.57 -19.70 -18.48
C VAL A 451 12.45 -19.65 -17.46
N GLU A 452 12.08 -20.83 -16.96
CA GLU A 452 11.13 -20.99 -15.87
C GLU A 452 11.85 -21.64 -14.70
N PHE A 453 11.44 -21.25 -13.49
CA PHE A 453 12.00 -21.81 -12.27
C PHE A 453 10.97 -22.72 -11.60
N SER A 454 11.48 -23.67 -10.83
CA SER A 454 10.66 -24.75 -10.32
C SER A 454 11.32 -25.37 -9.10
N VAL A 455 10.51 -25.93 -8.22
CA VAL A 455 11.00 -26.82 -7.17
C VAL A 455 10.11 -28.05 -7.20
N PRO A 456 10.65 -29.26 -7.30
CA PRO A 456 9.79 -30.45 -7.30
C PRO A 456 8.91 -30.47 -6.06
N LEU A 457 7.81 -31.19 -6.16
CA LEU A 457 6.98 -31.41 -4.98
C LEU A 457 7.78 -32.25 -3.98
N GLY A 458 7.29 -32.25 -2.73
CA GLY A 458 7.89 -33.07 -1.70
C GLY A 458 9.18 -32.53 -1.11
N VAL A 459 9.64 -31.37 -1.57
CA VAL A 459 10.80 -30.72 -0.96
C VAL A 459 10.30 -29.72 0.07
N LYS A 460 11.11 -29.49 1.11
CA LYS A 460 10.85 -28.43 2.07
C LYS A 460 11.45 -27.14 1.55
N VAL A 461 10.66 -26.07 1.57
CA VAL A 461 11.15 -24.72 1.27
C VAL A 461 10.56 -23.80 2.35
N ASP A 462 11.36 -23.52 3.38
CA ASP A 462 10.96 -22.62 4.44
C ASP A 462 11.00 -21.18 3.95
N MET A 463 9.79 -20.60 3.85
CA MET A 463 9.56 -19.19 3.55
C MET A 463 9.62 -18.28 4.77
N THR A 464 9.86 -18.84 5.94
CA THR A 464 9.83 -18.06 7.17
C THR A 464 10.97 -17.06 7.14
N PRO A 465 10.71 -15.75 7.17
CA PRO A 465 11.82 -14.79 7.17
C PRO A 465 12.67 -14.88 8.44
N ILE A 466 13.96 -14.58 8.27
CA ILE A 466 14.93 -14.54 9.36
C ILE A 466 15.16 -13.07 9.71
N TYR A 467 14.88 -12.70 10.95
CA TYR A 467 14.92 -11.29 11.29
C TYR A 467 16.32 -10.69 11.07
N GLY A 468 16.33 -9.39 10.77
CA GLY A 468 17.55 -8.66 10.48
C GLY A 468 17.16 -7.35 9.82
N LEU A 469 18.17 -6.51 9.60
CA LEU A 469 17.91 -5.27 8.88
C LEU A 469 17.39 -5.56 7.48
N THR A 470 17.90 -6.61 6.85
CA THR A 470 17.35 -7.16 5.61
C THR A 470 17.11 -8.65 5.88
N MET A 471 15.85 -9.02 6.11
CA MET A 471 15.53 -10.40 6.45
C MET A 471 15.78 -11.31 5.24
N LYS A 472 16.47 -12.41 5.48
CA LYS A 472 16.71 -13.43 4.45
C LYS A 472 15.86 -14.65 4.76
N HIS A 473 15.89 -15.61 3.84
CA HIS A 473 15.18 -16.87 4.01
C HIS A 473 16.18 -18.00 4.18
N ALA A 474 15.67 -19.14 4.64
CA ALA A 474 16.52 -20.33 4.75
C ALA A 474 17.02 -20.72 3.36
N CYS A 475 18.29 -21.11 3.30
CA CYS A 475 18.87 -21.57 2.05
C CYS A 475 18.05 -22.72 1.48
N CYS A 476 17.84 -22.71 0.17
CA CYS A 476 17.11 -23.76 -0.52
C CYS A 476 17.97 -24.26 -1.67
N GLU A 477 18.35 -25.53 -1.63
CA GLU A 477 19.26 -26.11 -2.61
C GLU A 477 18.54 -26.78 -3.78
N HIS A 478 17.21 -26.75 -3.81
CA HIS A 478 16.45 -27.60 -4.72
C HIS A 478 15.87 -26.84 -5.90
N PHE A 479 16.31 -25.61 -6.16
CA PHE A 479 15.80 -24.88 -7.31
C PHE A 479 16.17 -25.60 -8.61
N GLN A 480 15.24 -25.60 -9.55
CA GLN A 480 15.47 -26.13 -10.89
C GLN A 480 15.07 -25.08 -11.91
N MET A 481 15.58 -25.24 -13.12
CA MET A 481 15.34 -24.25 -14.17
C MET A 481 15.44 -24.93 -15.52
N GLN A 482 14.47 -24.64 -16.39
CA GLN A 482 14.43 -25.16 -17.74
C GLN A 482 14.05 -24.02 -18.68
N LEU A 483 14.53 -24.09 -19.92
CA LEU A 483 14.19 -23.06 -20.88
C LEU A 483 12.77 -23.25 -21.39
N ARG A 484 12.26 -22.22 -22.05
CA ARG A 484 10.87 -22.18 -22.47
C ARG A 484 10.74 -22.47 -23.96
N SER A 485 9.51 -22.77 -24.35
CA SER A 485 9.14 -22.85 -25.76
C SER A 485 10.11 -23.65 -26.61
N GLY B 9 31.83 30.18 1.09
CA GLY B 9 30.65 29.69 0.43
C GLY B 9 29.48 30.51 0.88
N LEU B 10 29.35 30.62 2.18
CA LEU B 10 28.35 31.43 2.81
C LEU B 10 29.17 32.42 3.59
N LYS B 11 28.75 33.66 3.59
CA LYS B 11 29.47 34.69 4.33
C LYS B 11 28.61 35.13 5.50
N ASN B 12 29.29 35.67 6.52
CA ASN B 12 28.58 36.26 7.65
C ASN B 12 27.86 37.53 7.18
N PRO B 13 26.80 37.92 7.89
CA PRO B 13 26.11 39.16 7.51
C PRO B 13 27.02 40.36 7.69
N PRO B 14 26.94 41.35 6.81
CA PRO B 14 27.79 42.54 6.97
C PRO B 14 27.31 43.43 8.10
N GLY B 15 28.06 44.48 8.38
CA GLY B 15 27.71 45.43 9.41
C GLY B 15 28.78 46.47 9.61
N PRO B 16 28.43 47.58 10.25
CA PRO B 16 29.43 48.61 10.53
C PRO B 16 30.38 48.19 11.64
N TRP B 17 31.42 48.98 11.82
CA TRP B 17 32.33 48.77 12.93
C TRP B 17 31.66 49.20 14.24
N GLY B 18 32.02 48.52 15.32
CA GLY B 18 31.48 48.83 16.62
C GLY B 18 32.54 48.73 17.69
N TRP B 19 32.35 49.53 18.75
CA TRP B 19 33.31 49.54 19.85
C TRP B 19 33.47 48.13 20.41
N PRO B 20 34.69 47.73 20.79
CA PRO B 20 34.93 46.31 21.11
C PRO B 20 34.34 45.87 22.44
N LEU B 21 33.96 46.79 23.32
CA LEU B 21 33.35 46.44 24.60
C LEU B 21 31.84 46.61 24.60
N ILE B 22 31.33 47.70 24.04
CA ILE B 22 29.88 47.97 24.05
C ILE B 22 29.25 47.77 22.69
N GLY B 23 30.01 47.83 21.60
CA GLY B 23 29.46 47.63 20.28
C GLY B 23 28.69 48.84 19.77
N HIS B 24 27.54 48.59 19.13
CA HIS B 24 26.77 49.64 18.50
C HIS B 24 25.68 50.20 19.43
N MET B 25 25.76 49.91 20.72
CA MET B 25 24.71 50.34 21.63
C MET B 25 24.46 51.84 21.54
N LEU B 26 25.50 52.63 21.30
CA LEU B 26 25.33 54.07 21.22
C LEU B 26 24.67 54.49 19.92
N THR B 27 25.02 53.84 18.81
CA THR B 27 24.47 54.26 17.52
C THR B 27 23.00 53.88 17.39
N LEU B 28 22.57 52.79 18.06
CA LEU B 28 21.15 52.52 18.19
C LEU B 28 20.46 53.68 18.90
N GLY B 29 20.91 53.97 20.12
CA GLY B 29 20.44 55.16 20.82
C GLY B 29 19.01 55.05 21.30
N LYS B 30 18.35 56.20 21.36
CA LYS B 30 17.01 56.29 21.93
C LYS B 30 15.93 55.80 20.97
N ASN B 31 16.21 55.73 19.67
CA ASN B 31 15.24 55.29 18.67
C ASN B 31 15.90 54.23 17.79
N PRO B 32 16.01 53.01 18.29
CA PRO B 32 16.73 51.97 17.52
C PRO B 32 16.11 51.69 16.16
N HIS B 33 14.77 51.73 16.07
CA HIS B 33 14.11 51.47 14.80
C HIS B 33 14.58 52.43 13.72
N LEU B 34 14.79 53.70 14.07
CA LEU B 34 15.26 54.67 13.08
C LEU B 34 16.73 54.43 12.76
N ALA B 35 17.57 54.27 13.79
CA ALA B 35 18.98 54.01 13.56
C ALA B 35 19.18 52.77 12.69
N LEU B 36 18.46 51.69 13.00
CA LEU B 36 18.63 50.45 12.26
C LEU B 36 17.96 50.47 10.90
N SER B 37 16.97 51.35 10.70
CA SER B 37 16.47 51.56 9.34
C SER B 37 17.52 52.25 8.48
N ARG B 38 18.16 53.28 9.03
CA ARG B 38 19.24 53.95 8.31
C ARG B 38 20.32 52.96 7.89
N MET B 39 20.78 52.12 8.82
CA MET B 39 21.82 51.15 8.46
C MET B 39 21.32 50.20 7.37
N SER B 40 20.05 49.80 7.42
CA SER B 40 19.53 48.90 6.40
C SER B 40 19.74 49.48 5.00
N GLN B 41 19.67 50.81 4.87
CA GLN B 41 19.90 51.43 3.58
C GLN B 41 21.31 51.16 3.07
N GLN B 42 22.27 50.95 3.98
CA GLN B 42 23.66 50.77 3.60
C GLN B 42 24.08 49.31 3.52
N TYR B 43 23.56 48.44 4.39
CA TYR B 43 24.02 47.07 4.48
C TYR B 43 23.01 46.04 4.00
N GLY B 44 21.74 46.38 3.97
CA GLY B 44 20.74 45.55 3.33
C GLY B 44 19.83 44.87 4.34
N ASP B 45 19.07 43.89 3.82
CA ASP B 45 18.01 43.26 4.59
C ASP B 45 18.54 42.34 5.67
N VAL B 46 19.81 41.92 5.58
CA VAL B 46 20.41 41.04 6.57
C VAL B 46 21.74 41.68 6.97
N LEU B 47 21.79 42.23 8.18
CA LEU B 47 22.99 42.87 8.70
C LEU B 47 23.18 42.43 10.14
N GLN B 48 24.36 42.75 10.68
CA GLN B 48 24.79 42.25 11.98
C GLN B 48 25.29 43.42 12.82
N ILE B 49 24.85 43.48 14.07
CA ILE B 49 25.37 44.45 15.01
C ILE B 49 25.85 43.71 16.26
N ARG B 50 26.24 44.48 17.27
CA ARG B 50 26.60 43.95 18.58
C ARG B 50 26.08 44.92 19.62
N ILE B 51 25.48 44.37 20.68
CA ILE B 51 25.09 45.14 21.84
C ILE B 51 25.88 44.57 23.01
N GLY B 52 26.65 45.41 23.67
CA GLY B 52 27.64 44.91 24.60
C GLY B 52 28.56 43.97 23.87
N SER B 53 28.56 42.70 24.26
CA SER B 53 29.33 41.67 23.58
C SER B 53 28.46 40.73 22.77
N THR B 54 27.13 40.88 22.83
CA THR B 54 26.22 39.94 22.20
C THR B 54 25.99 40.32 20.75
N PRO B 55 26.23 39.41 19.80
CA PRO B 55 25.89 39.72 18.41
C PRO B 55 24.39 39.68 18.18
N VAL B 56 23.93 40.56 17.29
CA VAL B 56 22.52 40.65 16.95
C VAL B 56 22.41 40.80 15.44
N VAL B 57 21.53 40.01 14.83
CA VAL B 57 21.24 40.10 13.41
C VAL B 57 19.90 40.81 13.26
N VAL B 58 19.89 41.92 12.53
CA VAL B 58 18.68 42.71 12.30
C VAL B 58 18.18 42.42 10.90
N LEU B 59 16.88 42.17 10.78
CA LEU B 59 16.26 41.85 9.50
C LEU B 59 15.36 42.99 9.04
N SER B 60 15.44 43.31 7.75
CA SER B 60 14.61 44.32 7.13
C SER B 60 14.10 43.79 5.80
N GLY B 61 13.22 44.56 5.16
CA GLY B 61 12.72 44.18 3.86
C GLY B 61 11.54 43.24 3.91
N LEU B 62 10.48 43.56 3.16
CA LEU B 62 9.25 42.78 3.25
C LEU B 62 9.46 41.35 2.78
N ASP B 63 10.20 41.15 1.69
CA ASP B 63 10.38 39.79 1.19
C ASP B 63 11.38 39.02 2.04
N THR B 64 12.54 39.62 2.33
CA THR B 64 13.54 38.94 3.13
C THR B 64 12.98 38.53 4.49
N ILE B 65 12.08 39.33 5.06
CA ILE B 65 11.51 38.97 6.36
C ILE B 65 10.46 37.88 6.20
N ARG B 66 9.70 37.87 5.10
CA ARG B 66 8.80 36.74 4.86
C ARG B 66 9.60 35.47 4.62
N GLN B 67 10.71 35.57 3.88
CA GLN B 67 11.56 34.41 3.66
C GLN B 67 11.93 33.74 4.98
N ALA B 68 12.29 34.53 5.98
CA ALA B 68 12.89 33.99 7.20
C ALA B 68 11.84 33.53 8.21
N LEU B 69 10.81 34.33 8.43
CA LEU B 69 9.82 33.98 9.45
C LEU B 69 8.76 33.02 8.91
N VAL B 70 8.51 33.04 7.61
CA VAL B 70 7.45 32.21 7.03
C VAL B 70 8.08 31.00 6.32
N ARG B 71 8.80 31.27 5.22
CA ARG B 71 9.34 30.18 4.42
C ARG B 71 10.37 29.37 5.19
N GLN B 72 11.06 29.97 6.15
CA GLN B 72 12.01 29.29 7.03
C GLN B 72 11.60 29.48 8.48
N GLY B 73 10.29 29.42 8.74
CA GLY B 73 9.78 29.82 10.04
C GLY B 73 10.40 29.03 11.20
N ASP B 74 10.48 27.72 11.04
CA ASP B 74 11.00 26.89 12.12
C ASP B 74 12.45 27.23 12.47
N ASP B 75 13.18 27.86 11.54
CA ASP B 75 14.54 28.29 11.84
C ASP B 75 14.56 29.52 12.73
N PHE B 76 13.53 30.37 12.64
CA PHE B 76 13.55 31.69 13.26
C PHE B 76 12.47 31.87 14.32
N LYS B 77 11.94 30.78 14.87
CA LYS B 77 10.80 30.86 15.76
C LYS B 77 11.18 31.04 17.23
N GLY B 78 12.46 31.20 17.53
CA GLY B 78 12.92 31.14 18.90
C GLY B 78 12.83 32.46 19.64
N ARG B 79 13.24 32.42 20.91
CA ARG B 79 13.32 33.61 21.75
C ARG B 79 14.66 33.61 22.47
N PRO B 80 15.46 34.67 22.35
CA PRO B 80 16.72 34.70 23.10
C PRO B 80 16.47 34.70 24.59
N ASP B 81 17.36 34.04 25.33
CA ASP B 81 17.27 33.98 26.79
C ASP B 81 17.75 35.31 27.37
N LEU B 82 16.89 36.32 27.23
CA LEU B 82 17.16 37.65 27.75
C LEU B 82 16.81 37.73 29.23
N TYR B 83 17.44 38.67 29.92
CA TYR B 83 17.20 38.80 31.36
C TYR B 83 15.81 39.35 31.65
N THR B 84 15.46 40.49 31.03
CA THR B 84 14.17 41.12 31.32
C THR B 84 13.03 40.12 31.16
N PHE B 85 13.15 39.21 30.18
CA PHE B 85 12.08 38.25 29.95
C PHE B 85 11.89 37.32 31.13
N THR B 86 12.97 37.01 31.86
CA THR B 86 12.85 36.11 33.00
C THR B 86 11.96 36.68 34.10
N LEU B 87 11.71 38.00 34.09
CA LEU B 87 10.85 38.63 35.07
C LEU B 87 9.40 38.71 34.62
N ILE B 88 9.07 38.11 33.48
CA ILE B 88 7.71 38.13 32.95
C ILE B 88 7.05 36.79 33.24
N SER B 89 5.84 36.84 33.79
CA SER B 89 5.07 35.65 34.15
C SER B 89 5.96 34.63 34.84
N ASN B 90 6.65 35.08 35.89
CA ASN B 90 7.43 34.19 36.75
C ASN B 90 8.45 33.38 35.95
N GLY B 91 8.91 33.94 34.84
CA GLY B 91 9.88 33.24 34.01
C GLY B 91 9.32 32.11 33.19
N GLN B 92 8.00 31.97 33.11
CA GLN B 92 7.36 30.89 32.37
C GLN B 92 6.31 31.45 31.41
N SER B 93 6.65 32.54 30.73
CA SER B 93 5.72 33.19 29.82
C SER B 93 5.71 32.48 28.47
N MET B 94 4.55 32.18 27.92
CA MET B 94 4.43 31.51 26.66
C MET B 94 5.04 32.26 25.57
N SER B 95 5.06 33.57 25.64
CA SER B 95 5.63 34.32 24.58
C SER B 95 6.94 34.86 24.73
N PHE B 96 7.34 35.19 25.92
CA PHE B 96 8.69 35.67 26.09
C PHE B 96 9.68 34.62 26.58
N SER B 97 9.20 33.49 27.07
CA SER B 97 10.10 32.43 27.52
C SER B 97 10.97 31.96 26.36
N PRO B 98 12.17 31.45 26.64
CA PRO B 98 13.00 30.90 25.54
C PRO B 98 12.45 29.61 24.96
N ASP B 99 11.48 28.98 25.61
CA ASP B 99 10.89 27.74 25.11
C ASP B 99 10.13 28.03 23.82
N SER B 100 10.66 27.52 22.69
CA SER B 100 9.98 27.59 21.41
C SER B 100 9.80 26.18 20.84
N GLY B 101 9.66 25.19 21.71
CA GLY B 101 9.51 23.81 21.31
C GLY B 101 8.09 23.31 21.42
N PRO B 102 7.93 21.99 21.64
CA PRO B 102 6.58 21.42 21.65
C PRO B 102 5.71 21.92 22.80
N VAL B 103 6.30 22.25 23.94
CA VAL B 103 5.51 22.80 25.05
C VAL B 103 4.92 24.15 24.64
N TRP B 104 5.74 25.00 24.02
CA TRP B 104 5.25 26.29 23.52
C TRP B 104 4.12 26.08 22.52
N ALA B 105 4.36 25.26 21.49
CA ALA B 105 3.37 25.09 20.44
C ALA B 105 2.04 24.62 20.99
N ALA B 106 2.06 23.78 22.04
CA ALA B 106 0.82 23.32 22.63
C ALA B 106 0.10 24.46 23.36
N ARG B 107 0.85 25.30 24.08
CA ARG B 107 0.23 26.44 24.74
C ARG B 107 -0.33 27.43 23.73
N ARG B 108 0.35 27.60 22.60
CA ARG B 108 -0.17 28.49 21.58
C ARG B 108 -1.51 28.00 21.05
N ARG B 109 -1.62 26.69 20.77
CA ARG B 109 -2.91 26.12 20.37
C ARG B 109 -3.98 26.42 21.43
N LEU B 110 -3.66 26.17 22.70
CA LEU B 110 -4.61 26.42 23.77
C LEU B 110 -5.10 27.86 23.74
N ALA B 111 -4.17 28.81 23.62
CA ALA B 111 -4.56 30.21 23.58
C ALA B 111 -5.45 30.51 22.38
N GLN B 112 -5.07 29.99 21.21
CA GLN B 112 -5.84 30.28 20.01
C GLN B 112 -7.28 29.79 20.14
N ASN B 113 -7.47 28.58 20.65
CA ASN B 113 -8.81 28.03 20.77
C ASN B 113 -9.61 28.75 21.85
N GLY B 114 -8.97 29.08 22.97
CA GLY B 114 -9.64 29.84 23.99
C GLY B 114 -10.04 31.24 23.55
N LEU B 115 -9.21 31.85 22.69
CA LEU B 115 -9.57 33.15 22.13
C LEU B 115 -10.77 33.03 21.20
N LYS B 116 -10.71 32.08 20.25
CA LYS B 116 -11.81 31.89 19.31
C LYS B 116 -13.10 31.55 20.05
N SER B 117 -12.99 30.79 21.15
CA SER B 117 -14.20 30.26 21.78
C SER B 117 -15.00 31.33 22.50
N PHE B 118 -14.36 32.42 22.95
CA PHE B 118 -15.05 33.44 23.72
C PHE B 118 -14.81 34.84 23.14
N SER B 119 -14.50 34.92 21.85
CA SER B 119 -14.40 36.19 21.15
C SER B 119 -15.14 36.10 19.82
N ILE B 120 -14.75 35.12 19.00
CA ILE B 120 -15.34 34.98 17.68
C ILE B 120 -16.66 34.22 17.72
N ALA B 121 -16.78 33.24 18.61
CA ALA B 121 -17.95 32.39 18.65
C ALA B 121 -19.19 33.16 19.07
N SER B 122 -20.35 32.68 18.63
CA SER B 122 -21.62 33.31 18.99
C SER B 122 -21.83 33.25 20.49
N ASP B 123 -22.25 34.37 21.06
CA ASP B 123 -22.61 34.42 22.47
C ASP B 123 -23.97 33.74 22.65
N PRO B 124 -24.10 32.81 23.61
CA PRO B 124 -25.43 32.25 23.88
C PRO B 124 -26.47 33.32 24.19
N ALA B 125 -26.07 34.42 24.81
CA ALA B 125 -26.97 35.52 25.12
C ALA B 125 -27.26 36.41 23.92
N SER B 126 -26.83 36.03 22.72
CA SER B 126 -27.04 36.86 21.53
C SER B 126 -27.31 35.97 20.33
N SER B 127 -28.52 36.10 19.78
CA SER B 127 -28.83 35.56 18.46
C SER B 127 -27.83 36.02 17.42
N THR B 128 -27.62 37.34 17.35
CA THR B 128 -27.17 38.02 16.15
C THR B 128 -25.68 38.26 16.11
N SER B 129 -25.02 38.35 17.25
CA SER B 129 -23.64 38.83 17.33
C SER B 129 -22.75 37.80 17.99
N CYS B 130 -21.46 38.12 18.04
CA CYS B 130 -20.45 37.32 18.72
C CYS B 130 -20.18 37.90 20.10
N TYR B 131 -19.40 37.16 20.89
CA TYR B 131 -18.98 37.65 22.21
C TYR B 131 -18.35 39.03 22.09
N LEU B 132 -17.43 39.19 21.14
CA LEU B 132 -16.64 40.43 21.06
C LEU B 132 -17.51 41.59 20.63
N GLU B 133 -18.39 41.39 19.64
CA GLU B 133 -19.26 42.48 19.20
C GLU B 133 -20.12 43.00 20.34
N GLU B 134 -20.64 42.10 21.18
CA GLU B 134 -21.48 42.54 22.29
C GLU B 134 -20.64 43.27 23.35
N HIS B 135 -19.45 42.74 23.66
CA HIS B 135 -18.60 43.39 24.64
C HIS B 135 -18.22 44.80 24.20
N VAL B 136 -17.89 44.97 22.92
CA VAL B 136 -17.42 46.27 22.44
C VAL B 136 -18.56 47.29 22.44
N SER B 137 -19.70 46.91 21.85
CA SER B 137 -20.87 47.79 21.90
C SER B 137 -21.16 48.21 23.33
N LYS B 138 -21.23 47.24 24.25
CA LYS B 138 -21.50 47.56 25.65
C LYS B 138 -20.49 48.56 26.20
N GLU B 139 -19.22 48.40 25.85
CA GLU B 139 -18.19 49.30 26.36
C GLU B 139 -18.11 50.59 25.56
N ALA B 140 -18.41 50.55 24.26
CA ALA B 140 -18.43 51.78 23.47
C ALA B 140 -19.45 52.76 24.04
N GLU B 141 -20.61 52.26 24.47
CA GLU B 141 -21.61 53.14 25.07
C GLU B 141 -21.10 53.72 26.39
N VAL B 142 -20.63 52.86 27.30
CA VAL B 142 -20.20 53.32 28.61
C VAL B 142 -19.14 54.41 28.47
N LEU B 143 -18.32 54.34 27.42
CA LEU B 143 -17.26 55.33 27.26
C LEU B 143 -17.82 56.66 26.76
N ILE B 144 -18.81 56.62 25.88
CA ILE B 144 -19.45 57.85 25.43
C ILE B 144 -20.06 58.58 26.63
N SER B 145 -20.91 57.89 27.39
CA SER B 145 -21.50 58.48 28.59
C SER B 145 -20.42 59.04 29.50
N THR B 146 -19.36 58.24 29.74
CA THR B 146 -18.28 58.70 30.62
C THR B 146 -17.59 59.93 30.05
N LEU B 147 -17.48 60.03 28.73
CA LEU B 147 -16.77 61.15 28.13
C LEU B 147 -17.57 62.43 28.17
N GLN B 148 -18.87 62.37 27.88
CA GLN B 148 -19.70 63.56 27.98
C GLN B 148 -19.94 63.96 29.42
N GLU B 149 -19.86 63.02 30.36
CA GLU B 149 -19.92 63.38 31.77
C GLU B 149 -18.86 64.42 32.11
N LEU B 150 -17.68 64.30 31.49
CA LEU B 150 -16.56 65.18 31.83
C LEU B 150 -16.53 66.45 31.00
N MET B 151 -17.00 66.42 29.75
CA MET B 151 -17.16 67.68 29.03
C MET B 151 -18.16 68.58 29.72
N ALA B 152 -19.20 67.98 30.34
CA ALA B 152 -20.09 68.75 31.19
C ALA B 152 -19.35 69.32 32.40
N GLY B 153 -18.30 68.63 32.86
CA GLY B 153 -17.52 69.07 33.98
C GLY B 153 -16.33 69.91 33.56
N PRO B 154 -15.12 69.36 33.70
CA PRO B 154 -13.92 70.15 33.37
C PRO B 154 -13.90 70.70 31.95
N GLY B 155 -14.59 70.05 31.01
CA GLY B 155 -14.59 70.51 29.64
C GLY B 155 -13.41 70.06 28.80
N HIS B 156 -12.55 69.20 29.34
CA HIS B 156 -11.41 68.67 28.62
C HIS B 156 -10.94 67.42 29.35
N PHE B 157 -10.36 66.48 28.61
CA PHE B 157 -9.98 65.21 29.21
C PHE B 157 -8.77 64.62 28.49
N ASN B 158 -8.14 63.66 29.17
CA ASN B 158 -7.13 62.81 28.56
C ASN B 158 -7.81 61.54 28.05
N PRO B 159 -7.78 61.27 26.75
CA PRO B 159 -8.53 60.10 26.24
C PRO B 159 -7.93 58.77 26.68
N TYR B 160 -6.62 58.70 26.89
CA TYR B 160 -6.00 57.42 27.28
C TYR B 160 -6.55 56.92 28.60
N ARG B 161 -6.80 57.83 29.54
CA ARG B 161 -7.28 57.43 30.86
C ARG B 161 -8.58 56.63 30.78
N TYR B 162 -9.39 56.89 29.77
CA TYR B 162 -10.72 56.28 29.68
C TYR B 162 -10.84 55.28 28.54
N VAL B 163 -10.04 55.42 27.49
CA VAL B 163 -9.93 54.36 26.49
C VAL B 163 -9.27 53.12 27.08
N VAL B 164 -8.52 53.27 28.16
CA VAL B 164 -7.72 52.15 28.65
C VAL B 164 -8.59 51.11 29.35
N VAL B 165 -9.57 51.53 30.14
CA VAL B 165 -10.39 50.55 30.84
C VAL B 165 -11.56 50.06 29.98
N SER B 166 -12.04 50.89 29.04
CA SER B 166 -13.02 50.39 28.09
C SER B 166 -12.43 49.24 27.28
N VAL B 167 -11.17 49.36 26.88
CA VAL B 167 -10.51 48.30 26.13
C VAL B 167 -10.15 47.14 27.07
N THR B 168 -9.67 47.45 28.27
CA THR B 168 -9.32 46.39 29.21
C THR B 168 -10.55 45.55 29.58
N ASN B 169 -11.72 46.19 29.67
CA ASN B 169 -12.93 45.46 30.05
C ASN B 169 -13.38 44.50 28.95
N VAL B 170 -12.91 44.69 27.72
CA VAL B 170 -13.28 43.77 26.65
C VAL B 170 -12.48 42.48 26.75
N ILE B 171 -11.16 42.61 26.90
CA ILE B 171 -10.32 41.42 27.07
C ILE B 171 -10.46 40.87 28.49
N CYS B 172 -10.81 41.72 29.46
CA CYS B 172 -11.11 41.22 30.79
C CYS B 172 -12.38 40.37 30.80
N ALA B 173 -13.33 40.69 29.91
CA ALA B 173 -14.54 39.88 29.80
C ALA B 173 -14.25 38.57 29.08
N ILE B 174 -13.38 38.61 28.07
CA ILE B 174 -13.02 37.39 27.36
C ILE B 174 -12.25 36.45 28.27
N CYS B 175 -11.47 36.98 29.21
CA CYS B 175 -10.52 36.20 29.98
C CYS B 175 -11.00 35.86 31.39
N PHE B 176 -11.60 36.81 32.10
CA PHE B 176 -11.98 36.61 33.49
C PHE B 176 -13.47 36.76 33.74
N GLY B 177 -14.28 36.93 32.70
CA GLY B 177 -15.71 37.08 32.87
C GLY B 177 -16.11 38.26 33.74
N ARG B 178 -15.29 39.31 33.76
CA ARG B 178 -15.44 40.43 34.67
C ARG B 178 -15.49 41.73 33.88
N ARG B 179 -15.90 42.80 34.56
CA ARG B 179 -15.69 44.15 34.07
C ARG B 179 -15.71 45.08 35.28
N TYR B 180 -15.09 46.24 35.12
CA TYR B 180 -14.82 47.14 36.23
C TYR B 180 -15.30 48.54 35.89
N ASP B 181 -15.75 49.26 36.92
CA ASP B 181 -16.20 50.64 36.72
C ASP B 181 -15.02 51.53 36.33
N HIS B 182 -15.34 52.66 35.70
CA HIS B 182 -14.31 53.55 35.19
C HIS B 182 -13.50 54.23 36.29
N ASN B 183 -13.73 53.90 37.56
CA ASN B 183 -12.91 54.44 38.63
C ASN B 183 -12.52 53.38 39.66
N HIS B 184 -12.87 52.10 39.44
CA HIS B 184 -12.36 51.00 40.25
C HIS B 184 -10.84 50.94 40.07
N GLN B 185 -10.08 51.26 41.13
CA GLN B 185 -8.65 51.48 40.98
C GLN B 185 -7.79 50.29 41.41
N GLU B 186 -8.38 49.12 41.63
CA GLU B 186 -7.57 47.90 41.56
C GLU B 186 -7.19 47.63 40.10
N LEU B 187 -8.01 48.12 39.16
CA LEU B 187 -7.70 47.99 37.74
C LEU B 187 -6.76 49.09 37.27
N LEU B 188 -7.13 50.35 37.53
CA LEU B 188 -6.26 51.46 37.18
C LEU B 188 -4.87 51.31 37.80
N SER B 189 -4.78 50.58 38.91
CA SER B 189 -3.46 50.27 39.48
C SER B 189 -2.66 49.39 38.54
N LEU B 190 -3.33 48.53 37.77
CA LEU B 190 -2.66 47.56 36.92
C LEU B 190 -2.32 48.12 35.54
N VAL B 191 -3.28 48.76 34.89
CA VAL B 191 -3.17 49.06 33.46
C VAL B 191 -2.85 50.51 33.16
N ASN B 192 -2.99 51.43 34.12
CA ASN B 192 -2.68 52.83 33.88
C ASN B 192 -1.98 53.46 35.08
N LEU B 193 -0.90 52.84 35.53
CA LEU B 193 -0.06 53.45 36.56
C LEU B 193 1.32 52.82 36.50
N ASN B 194 2.30 53.57 35.97
CA ASN B 194 3.68 53.14 35.93
C ASN B 194 3.83 51.90 35.05
N ASN B 195 3.10 51.88 33.93
CA ASN B 195 3.19 50.79 32.97
C ASN B 195 4.33 51.09 32.01
N ASN B 196 5.55 50.79 32.46
CA ASN B 196 6.73 50.90 31.63
C ASN B 196 7.08 49.59 30.94
N PHE B 197 6.16 48.62 30.94
CA PHE B 197 6.43 47.30 30.36
C PHE B 197 7.01 47.45 28.96
N GLY B 198 6.29 48.14 28.07
CA GLY B 198 6.76 48.27 26.71
C GLY B 198 8.11 48.95 26.59
N GLU B 199 8.34 49.97 27.42
CA GLU B 199 9.61 50.68 27.36
C GLU B 199 10.78 49.76 27.73
N VAL B 200 10.54 48.91 28.68
CA VAL B 200 11.55 48.01 29.11
C VAL B 200 11.80 46.83 28.25
N VAL B 201 10.97 46.21 27.62
CA VAL B 201 11.21 44.99 26.82
C VAL B 201 11.28 45.30 25.33
N GLY B 202 11.44 46.57 24.95
CA GLY B 202 11.68 46.88 23.56
C GLY B 202 13.10 46.52 23.15
N SER B 203 13.24 45.99 21.94
CA SER B 203 14.53 45.50 21.47
C SER B 203 15.62 46.54 21.65
N GLY B 204 16.74 46.12 22.23
CA GLY B 204 17.88 46.99 22.46
C GLY B 204 18.10 47.41 23.89
N ASN B 205 17.25 47.00 24.81
CA ASN B 205 17.36 47.31 26.22
C ASN B 205 18.72 47.01 26.74
N PRO B 206 19.53 48.06 27.05
CA PRO B 206 20.91 47.75 27.48
C PRO B 206 20.99 46.76 28.63
N ALA B 207 20.02 46.78 29.55
CA ALA B 207 20.10 45.89 30.70
C ALA B 207 20.18 44.43 30.28
N ASP B 208 19.54 44.07 29.17
CA ASP B 208 19.57 42.69 28.71
C ASP B 208 20.95 42.29 28.20
N PHE B 209 21.79 43.26 27.83
CA PHE B 209 23.08 42.98 27.21
C PHE B 209 24.28 43.45 28.02
N ILE B 210 24.09 44.38 28.96
CA ILE B 210 25.17 44.80 29.86
C ILE B 210 24.88 44.22 31.24
N PRO B 211 25.56 43.14 31.65
CA PRO B 211 25.19 42.50 32.92
C PRO B 211 25.30 43.41 34.13
N ILE B 212 26.05 44.50 34.02
CA ILE B 212 26.28 45.36 35.18
C ILE B 212 25.03 46.15 35.51
N LEU B 213 24.33 46.64 34.48
CA LEU B 213 23.15 47.49 34.71
C LEU B 213 22.06 46.78 35.48
N ARG B 214 22.04 45.44 35.47
CA ARG B 214 21.04 44.72 36.26
C ARG B 214 21.14 45.09 37.72
N TYR B 215 22.35 45.15 38.28
CA TYR B 215 22.55 45.28 39.72
C TYR B 215 22.76 46.72 40.19
N LEU B 216 22.84 47.67 39.28
CA LEU B 216 22.97 49.06 39.69
C LEU B 216 21.60 49.68 39.96
N PRO B 217 21.55 50.77 40.76
CA PRO B 217 20.28 51.48 40.94
C PRO B 217 19.59 51.76 39.61
N ASN B 218 18.40 51.19 39.42
CA ASN B 218 17.69 51.26 38.15
C ASN B 218 16.22 51.47 38.41
N PRO B 219 15.75 52.72 38.46
CA PRO B 219 14.35 52.96 38.83
C PRO B 219 13.36 52.35 37.84
N SER B 220 13.60 52.45 36.53
CA SER B 220 12.64 51.93 35.59
C SER B 220 12.57 50.41 35.63
N LEU B 221 13.65 49.75 36.05
CA LEU B 221 13.65 48.29 36.10
C LEU B 221 13.02 47.77 37.39
N ASN B 222 13.22 48.46 38.51
CA ASN B 222 12.52 48.08 39.74
C ASN B 222 11.02 48.28 39.59
N ALA B 223 10.61 49.29 38.82
CA ALA B 223 9.20 49.42 38.45
C ALA B 223 8.75 48.20 37.65
N PHE B 224 9.55 47.79 36.67
CA PHE B 224 9.20 46.63 35.85
C PHE B 224 8.94 45.40 36.72
N LYS B 225 9.84 45.13 37.66
CA LYS B 225 9.66 43.96 38.53
C LYS B 225 8.38 44.06 39.34
N ASP B 226 8.06 45.27 39.82
CA ASP B 226 6.86 45.44 40.64
C ASP B 226 5.59 45.29 39.81
N LEU B 227 5.63 45.74 38.54
CA LEU B 227 4.47 45.58 37.66
C LEU B 227 4.19 44.11 37.39
N ASN B 228 5.21 43.36 36.99
CA ASN B 228 5.01 41.95 36.66
C ASN B 228 4.55 41.15 37.86
N GLU B 229 5.07 41.48 39.05
CA GLU B 229 4.64 40.77 40.25
C GLU B 229 3.21 41.14 40.62
N LYS B 230 2.80 42.37 40.35
CA LYS B 230 1.43 42.79 40.62
C LYS B 230 0.45 42.22 39.59
N PHE B 231 0.93 41.93 38.37
CA PHE B 231 0.07 41.30 37.37
C PHE B 231 -0.09 39.81 37.63
N TYR B 232 0.94 39.15 38.18
CA TYR B 232 0.81 37.73 38.48
C TYR B 232 -0.16 37.51 39.64
N SER B 233 -0.05 38.31 40.70
CA SER B 233 -0.95 38.17 41.83
C SER B 233 -2.40 38.38 41.41
N PHE B 234 -2.63 39.36 40.53
CA PHE B 234 -3.98 39.56 39.99
C PHE B 234 -4.49 38.29 39.33
N MET B 235 -3.65 37.63 38.52
CA MET B 235 -4.09 36.44 37.82
C MET B 235 -4.31 35.27 38.78
N GLN B 236 -3.45 35.15 39.80
CA GLN B 236 -3.67 34.07 40.78
C GLN B 236 -4.92 34.35 41.60
N LYS B 237 -5.19 35.61 41.91
CA LYS B 237 -6.42 35.96 42.60
C LYS B 237 -7.64 35.60 41.75
N MET B 238 -7.60 35.99 40.47
CA MET B 238 -8.73 35.76 39.59
C MET B 238 -8.87 34.29 39.21
N VAL B 239 -7.76 33.54 39.23
CA VAL B 239 -7.82 32.12 38.91
C VAL B 239 -8.34 31.32 40.11
N LYS B 240 -7.95 31.72 41.32
CA LYS B 240 -8.51 31.08 42.51
C LYS B 240 -10.01 31.30 42.59
N GLU B 241 -10.48 32.51 42.29
CA GLU B 241 -11.91 32.77 42.31
C GLU B 241 -12.64 31.89 41.30
N HIS B 242 -12.04 31.65 40.15
CA HIS B 242 -12.69 30.81 39.14
C HIS B 242 -12.78 29.36 39.58
N TYR B 243 -11.78 28.87 40.31
CA TYR B 243 -11.82 27.49 40.78
C TYR B 243 -12.88 27.31 41.87
N LYS B 244 -13.06 28.33 42.73
CA LYS B 244 -14.07 28.24 43.77
C LYS B 244 -15.48 28.16 43.19
N THR B 245 -15.71 28.81 42.04
CA THR B 245 -17.03 28.95 41.46
C THR B 245 -17.18 28.19 40.15
N PHE B 246 -16.37 27.17 39.93
CA PHE B 246 -16.42 26.40 38.69
C PHE B 246 -17.74 25.63 38.60
N GLU B 247 -18.32 25.61 37.40
CA GLU B 247 -19.48 24.79 37.08
C GLU B 247 -19.06 23.81 35.98
N LYS B 248 -19.08 22.51 36.31
CA LYS B 248 -18.40 21.52 35.49
C LYS B 248 -18.74 21.65 34.01
N GLY B 249 -20.00 21.91 33.69
CA GLY B 249 -20.44 21.96 32.31
C GLY B 249 -20.61 23.33 31.72
N HIS B 250 -20.35 24.39 32.48
CA HIS B 250 -20.55 25.77 32.03
C HIS B 250 -19.20 26.47 32.06
N ILE B 251 -18.62 26.67 30.88
CA ILE B 251 -17.31 27.31 30.73
C ILE B 251 -17.56 28.77 30.40
N ARG B 252 -17.27 29.65 31.37
CA ARG B 252 -17.68 31.05 31.27
C ARG B 252 -16.70 31.90 30.47
N ASP B 253 -15.42 31.54 30.46
CA ASP B 253 -14.41 32.38 29.82
C ASP B 253 -13.17 31.53 29.56
N ILE B 254 -12.05 32.19 29.26
CA ILE B 254 -10.83 31.47 28.92
C ILE B 254 -10.23 30.83 30.16
N THR B 255 -10.26 31.52 31.29
CA THR B 255 -9.72 30.95 32.52
C THR B 255 -10.40 29.63 32.86
N ASP B 256 -11.73 29.58 32.74
CA ASP B 256 -12.44 28.32 32.92
C ASP B 256 -11.97 27.30 31.89
N SER B 257 -11.82 27.72 30.63
CA SER B 257 -11.36 26.80 29.59
C SER B 257 -10.00 26.20 29.91
N LEU B 258 -9.15 26.95 30.61
CA LEU B 258 -7.83 26.45 30.96
C LEU B 258 -7.88 25.60 32.24
N ILE B 259 -8.79 25.92 33.17
CA ILE B 259 -8.97 25.07 34.33
C ILE B 259 -9.58 23.74 33.93
N GLU B 260 -10.48 23.75 32.94
CA GLU B 260 -11.04 22.50 32.45
C GLU B 260 -9.94 21.58 31.93
N HIS B 261 -9.00 22.14 31.16
CA HIS B 261 -7.94 21.33 30.57
C HIS B 261 -6.97 20.81 31.63
N CYS B 262 -6.78 21.55 32.71
CA CYS B 262 -5.91 21.06 33.78
C CYS B 262 -6.49 19.85 34.49
N GLN B 263 -7.82 19.74 34.54
CA GLN B 263 -8.45 18.62 35.23
C GLN B 263 -8.48 17.38 34.35
N GLU B 264 -8.83 17.54 33.07
CA GLU B 264 -8.71 16.43 32.13
C GLU B 264 -7.29 15.92 32.00
N LYS B 265 -6.31 16.65 32.53
CA LYS B 265 -4.90 16.24 32.46
C LYS B 265 -4.48 15.40 33.66
N GLN B 266 -5.16 15.53 34.81
CA GLN B 266 -4.75 14.77 35.98
C GLN B 266 -5.14 13.30 35.88
N LEU B 267 -6.11 12.95 35.03
CA LEU B 267 -6.59 11.58 34.92
C LEU B 267 -5.96 10.83 33.75
N ASP B 268 -4.91 11.36 33.17
CA ASP B 268 -4.21 10.65 32.11
C ASP B 268 -3.16 9.84 32.75
N GLU B 269 -2.91 8.63 32.27
CA GLU B 269 -1.94 7.74 32.92
C GLU B 269 -0.54 8.37 32.97
N ASN B 270 0.11 8.57 31.83
CA ASN B 270 1.42 9.21 31.81
C ASN B 270 1.22 10.69 31.51
N ALA B 271 1.20 11.51 32.57
CA ALA B 271 0.97 12.94 32.43
C ALA B 271 2.28 13.65 32.13
N ASN B 272 2.30 14.43 31.05
CA ASN B 272 3.48 15.21 30.72
C ASN B 272 3.66 16.32 31.76
N VAL B 273 4.83 16.34 32.41
CA VAL B 273 5.06 17.30 33.48
C VAL B 273 5.63 18.62 32.96
N GLN B 274 6.26 18.63 31.78
CA GLN B 274 6.83 19.87 31.26
C GLN B 274 5.76 20.93 31.06
N LEU B 275 4.58 20.52 30.59
CA LEU B 275 3.44 21.43 30.45
C LEU B 275 2.75 21.55 31.81
N SER B 276 3.32 22.41 32.64
CA SER B 276 2.83 22.57 34.01
C SER B 276 1.36 22.96 34.02
N ASP B 277 0.73 22.79 35.18
CA ASP B 277 -0.54 23.47 35.43
C ASP B 277 -0.32 24.98 35.49
N GLU B 278 0.87 25.41 35.91
CA GLU B 278 1.18 26.84 35.90
C GLU B 278 1.31 27.36 34.47
N LYS B 279 2.04 26.63 33.63
CA LYS B 279 2.23 27.06 32.25
C LYS B 279 0.95 26.93 31.43
N ILE B 280 -0.02 26.15 31.90
CA ILE B 280 -1.31 26.10 31.22
C ILE B 280 -2.19 27.26 31.67
N ILE B 281 -2.10 27.64 32.95
CA ILE B 281 -2.99 28.65 33.49
C ILE B 281 -2.50 30.06 33.14
N ASN B 282 -1.20 30.31 33.30
CA ASN B 282 -0.69 31.67 33.10
C ASN B 282 -0.77 32.12 31.64
N ILE B 283 -1.34 31.29 30.76
CA ILE B 283 -1.58 31.72 29.38
C ILE B 283 -2.48 32.95 29.36
N VAL B 284 -3.45 33.01 30.27
CA VAL B 284 -4.37 34.14 30.26
C VAL B 284 -3.62 35.45 30.46
N LEU B 285 -2.55 35.43 31.25
CA LEU B 285 -1.83 36.66 31.53
C LEU B 285 -1.21 37.25 30.28
N ASP B 286 -0.61 36.41 29.43
CA ASP B 286 -0.06 36.89 28.17
C ASP B 286 -1.16 37.41 27.26
N LEU B 287 -2.35 36.79 27.29
CA LEU B 287 -3.47 37.31 26.54
C LEU B 287 -3.98 38.62 27.12
N PHE B 288 -4.16 38.65 28.45
CA PHE B 288 -4.68 39.85 29.09
C PHE B 288 -3.76 41.03 28.86
N GLY B 289 -2.46 40.85 29.11
CA GLY B 289 -1.53 41.96 28.99
C GLY B 289 -1.37 42.43 27.55
N ALA B 290 -1.24 41.50 26.62
CA ALA B 290 -1.15 41.88 25.21
C ALA B 290 -2.44 42.54 24.74
N GLY B 291 -3.58 42.04 25.22
CA GLY B 291 -4.86 42.52 24.71
C GLY B 291 -5.16 43.96 25.11
N PHE B 292 -4.91 44.30 26.37
CA PHE B 292 -5.26 45.64 26.83
C PHE B 292 -4.27 46.69 26.33
N ASP B 293 -2.97 46.38 26.32
CA ASP B 293 -1.97 47.41 26.05
C ASP B 293 -1.93 47.78 24.57
N THR B 294 -1.85 46.79 23.69
CA THR B 294 -1.58 47.10 22.28
C THR B 294 -2.82 47.65 21.58
N VAL B 295 -4.01 47.16 21.93
CA VAL B 295 -5.22 47.68 21.31
C VAL B 295 -5.55 49.06 21.87
N THR B 296 -5.26 49.30 23.14
CA THR B 296 -5.48 50.62 23.72
C THR B 296 -4.59 51.66 23.03
N THR B 297 -3.32 51.32 22.79
CA THR B 297 -2.41 52.24 22.12
C THR B 297 -2.80 52.45 20.67
N ALA B 298 -3.39 51.44 20.02
CA ALA B 298 -3.84 51.61 18.64
C ALA B 298 -4.96 52.63 18.55
N ILE B 299 -5.90 52.60 19.50
CA ILE B 299 -7.00 53.55 19.47
C ILE B 299 -6.55 54.93 19.93
N SER B 300 -5.62 55.00 20.88
CA SER B 300 -5.09 56.29 21.30
C SER B 300 -4.38 57.00 20.14
N TRP B 301 -3.55 56.26 19.40
CA TRP B 301 -2.93 56.85 18.22
C TRP B 301 -3.98 57.24 17.19
N SER B 302 -5.00 56.40 17.01
CA SER B 302 -6.06 56.71 16.07
C SER B 302 -6.69 58.05 16.38
N LEU B 303 -7.08 58.26 17.64
CA LEU B 303 -7.80 59.48 17.99
C LEU B 303 -6.96 60.72 17.72
N MET B 304 -5.71 60.73 18.20
CA MET B 304 -4.87 61.91 18.03
C MET B 304 -4.51 62.15 16.58
N TYR B 305 -4.58 61.11 15.73
CA TYR B 305 -4.53 61.35 14.30
C TYR B 305 -5.82 62.02 13.83
N LEU B 306 -6.95 61.65 14.43
CA LEU B 306 -8.22 62.25 14.02
C LEU B 306 -8.30 63.72 14.40
N VAL B 307 -7.67 64.11 15.51
CA VAL B 307 -7.74 65.50 15.96
C VAL B 307 -6.63 66.37 15.40
N MET B 308 -5.63 65.78 14.72
CA MET B 308 -4.67 66.54 13.95
C MET B 308 -4.97 66.52 12.46
N ASN B 309 -5.92 65.70 12.03
CA ASN B 309 -6.36 65.64 10.64
C ASN B 309 -7.89 65.66 10.62
N PRO B 310 -8.49 66.81 10.97
CA PRO B 310 -9.97 66.89 10.92
C PRO B 310 -10.52 66.64 9.53
N ARG B 311 -9.72 66.81 8.49
CA ARG B 311 -10.15 66.41 7.15
C ARG B 311 -10.56 64.95 7.13
N VAL B 312 -9.80 64.10 7.82
CA VAL B 312 -10.05 62.66 7.77
C VAL B 312 -11.15 62.26 8.73
N GLN B 313 -11.33 62.98 9.84
CA GLN B 313 -12.42 62.63 10.74
C GLN B 313 -13.78 62.86 10.07
N ARG B 314 -13.93 63.97 9.35
CA ARG B 314 -15.21 64.22 8.68
C ARG B 314 -15.39 63.33 7.46
N LYS B 315 -14.30 63.01 6.75
CA LYS B 315 -14.40 62.05 5.65
C LYS B 315 -14.83 60.68 6.16
N ILE B 316 -14.34 60.29 7.34
CA ILE B 316 -14.76 59.02 7.93
C ILE B 316 -16.26 59.02 8.19
N GLN B 317 -16.79 60.17 8.61
CA GLN B 317 -18.20 60.26 8.95
C GLN B 317 -19.07 60.49 7.72
N GLU B 318 -18.51 61.09 6.68
CA GLU B 318 -19.24 61.19 5.42
C GLU B 318 -19.46 59.80 4.83
N GLU B 319 -18.60 58.83 5.17
CA GLU B 319 -18.80 57.46 4.72
C GLU B 319 -19.73 56.70 5.67
N LEU B 320 -19.59 56.94 6.98
CA LEU B 320 -20.50 56.30 7.94
C LEU B 320 -21.94 56.69 7.66
N ASP B 321 -22.18 57.98 7.43
CA ASP B 321 -23.54 58.45 7.16
C ASP B 321 -24.06 57.87 5.84
N THR B 322 -23.18 57.73 4.85
CA THR B 322 -23.62 57.30 3.52
C THR B 322 -24.01 55.82 3.51
N VAL B 323 -23.25 54.97 4.19
CA VAL B 323 -23.47 53.52 4.08
C VAL B 323 -24.32 52.94 5.21
N ILE B 324 -24.46 53.66 6.32
CA ILE B 324 -25.26 53.15 7.43
C ILE B 324 -26.30 54.18 7.86
N GLY B 325 -25.91 55.45 7.90
CA GLY B 325 -26.77 56.47 8.42
C GLY B 325 -26.84 56.43 9.94
N ARG B 326 -27.68 57.31 10.49
CA ARG B 326 -27.81 57.48 11.94
C ARG B 326 -29.06 56.81 12.49
N SER B 327 -29.54 55.77 11.81
CA SER B 327 -30.65 54.97 12.33
C SER B 327 -30.16 53.80 13.18
N ARG B 328 -28.97 53.30 12.89
CA ARG B 328 -28.42 52.10 13.52
C ARG B 328 -27.13 52.42 14.26
N ARG B 329 -26.73 51.49 15.12
CA ARG B 329 -25.33 51.45 15.53
C ARG B 329 -24.56 50.57 14.56
N PRO B 330 -23.30 50.89 14.25
CA PRO B 330 -22.54 50.04 13.33
C PRO B 330 -22.29 48.66 13.93
N ARG B 331 -22.35 47.65 13.07
CA ARG B 331 -22.03 46.27 13.41
C ARG B 331 -20.82 45.83 12.61
N LEU B 332 -20.25 44.69 12.98
CA LEU B 332 -19.08 44.19 12.27
C LEU B 332 -19.41 43.78 10.85
N SER B 333 -20.69 43.54 10.53
CA SER B 333 -21.07 43.23 9.17
C SER B 333 -20.67 44.34 8.21
N ASP B 334 -20.67 45.59 8.69
CA ASP B 334 -20.40 46.74 7.84
C ASP B 334 -18.92 46.97 7.58
N ARG B 335 -18.02 46.29 8.31
CA ARG B 335 -16.60 46.55 8.17
C ARG B 335 -16.14 46.48 6.72
N SER B 336 -16.68 45.53 5.97
CA SER B 336 -16.30 45.35 4.57
C SER B 336 -16.91 46.40 3.64
N HIS B 337 -17.90 47.15 4.11
CA HIS B 337 -18.57 48.17 3.29
C HIS B 337 -18.13 49.58 3.64
N LEU B 338 -17.14 49.75 4.51
CA LEU B 338 -16.60 51.05 4.89
C LEU B 338 -15.11 51.08 4.59
N PRO B 339 -14.73 51.08 3.31
CA PRO B 339 -13.30 50.98 2.97
C PRO B 339 -12.49 52.19 3.39
N TYR B 340 -13.09 53.37 3.56
CA TYR B 340 -12.29 54.50 4.00
C TYR B 340 -11.82 54.34 5.43
N MET B 341 -12.63 53.71 6.28
CA MET B 341 -12.19 53.48 7.66
C MET B 341 -11.02 52.51 7.70
N GLU B 342 -11.15 51.34 7.06
CA GLU B 342 -10.04 50.40 7.06
C GLU B 342 -8.81 51.01 6.40
N ALA B 343 -9.01 51.94 5.47
CA ALA B 343 -7.88 52.72 4.97
C ALA B 343 -7.32 53.63 6.05
N PHE B 344 -8.17 54.15 6.93
CA PHE B 344 -7.69 54.99 8.01
C PHE B 344 -6.93 54.17 9.05
N ILE B 345 -7.53 53.08 9.53
CA ILE B 345 -6.83 52.29 10.53
C ILE B 345 -5.56 51.68 9.95
N LEU B 346 -5.54 51.43 8.64
CA LEU B 346 -4.33 50.90 8.01
C LEU B 346 -3.22 51.94 8.02
N GLU B 347 -3.53 53.18 7.63
CA GLU B 347 -2.51 54.23 7.64
C GLU B 347 -2.04 54.51 9.06
N THR B 348 -2.90 54.35 10.06
CA THR B 348 -2.47 54.54 11.44
C THR B 348 -1.48 53.45 11.85
N PHE B 349 -1.79 52.20 11.52
CA PHE B 349 -0.84 51.12 11.74
C PHE B 349 0.48 51.43 11.04
N ARG B 350 0.42 51.82 9.76
CA ARG B 350 1.65 51.96 8.97
C ARG B 350 2.42 53.20 9.39
N HIS B 351 1.74 54.34 9.51
CA HIS B 351 2.47 55.58 9.77
C HIS B 351 3.09 55.58 11.17
N SER B 352 2.32 55.15 12.18
CA SER B 352 2.84 55.14 13.54
C SER B 352 3.78 53.96 13.77
N SER B 353 3.44 52.79 13.21
CA SER B 353 4.20 51.56 13.45
C SER B 353 4.57 51.45 14.93
N PHE B 354 3.57 51.64 15.79
CA PHE B 354 3.81 51.65 17.23
C PHE B 354 4.34 50.32 17.75
N VAL B 355 4.41 49.31 16.90
CA VAL B 355 5.12 48.07 17.18
C VAL B 355 6.30 48.01 16.23
N PRO B 356 7.35 48.82 16.46
CA PRO B 356 8.39 48.96 15.41
C PRO B 356 9.14 47.67 15.15
N PHE B 357 9.55 46.97 16.20
CA PHE B 357 10.14 45.64 16.07
C PHE B 357 9.16 44.59 16.60
N THR B 358 9.25 43.38 16.05
CA THR B 358 8.62 42.25 16.71
C THR B 358 9.30 42.06 18.07
N ILE B 359 8.85 41.09 18.86
CA ILE B 359 9.64 40.67 20.01
C ILE B 359 10.89 39.96 19.51
N PRO B 360 12.07 40.21 20.08
CA PRO B 360 13.29 39.64 19.50
C PRO B 360 13.15 38.13 19.26
N HIS B 361 13.61 37.69 18.10
CA HIS B 361 13.61 36.28 17.74
C HIS B 361 14.98 35.68 18.04
N SER B 362 15.12 34.39 17.73
CA SER B 362 16.37 33.67 17.91
C SER B 362 16.36 32.46 16.98
N THR B 363 17.53 32.09 16.48
CA THR B 363 17.63 30.96 15.57
C THR B 363 17.57 29.65 16.33
N THR B 364 16.76 28.72 15.84
CA THR B 364 16.63 27.39 16.44
C THR B 364 17.77 26.47 16.05
N ARG B 365 18.61 26.86 15.08
CA ARG B 365 19.54 25.95 14.45
C ARG B 365 20.36 26.71 13.42
N ASP B 366 21.57 26.22 13.11
CA ASP B 366 22.35 26.79 12.01
C ASP B 366 21.47 26.90 10.78
N THR B 367 21.51 28.07 10.13
CA THR B 367 20.67 28.31 8.97
C THR B 367 21.37 29.29 8.05
N SER B 368 20.73 29.56 6.92
CA SER B 368 21.24 30.52 5.94
C SER B 368 20.09 31.38 5.45
N LEU B 369 20.39 32.63 5.16
CA LEU B 369 19.38 33.59 4.72
C LEU B 369 20.02 34.57 3.74
N LYS B 370 19.41 34.69 2.56
CA LYS B 370 19.96 35.50 1.48
C LYS B 370 21.47 35.25 1.34
N GLY B 371 21.88 33.98 1.41
CA GLY B 371 23.26 33.62 1.22
C GLY B 371 24.19 33.91 2.37
N PHE B 372 23.67 34.29 3.53
CA PHE B 372 24.49 34.55 4.70
C PHE B 372 24.31 33.45 5.73
N TYR B 373 25.36 33.19 6.49
CA TYR B 373 25.34 32.14 7.51
C TYR B 373 24.95 32.74 8.86
N ILE B 374 24.00 32.08 9.53
CA ILE B 374 23.53 32.51 10.84
C ILE B 374 23.57 31.30 11.76
N PRO B 375 24.38 31.32 12.82
CA PRO B 375 24.51 30.12 13.67
C PRO B 375 23.34 29.96 14.62
N LYS B 376 23.25 28.76 15.19
CA LYS B 376 22.25 28.48 16.21
C LYS B 376 22.43 29.42 17.40
N GLY B 377 21.32 29.94 17.90
CA GLY B 377 21.33 30.77 19.09
C GLY B 377 21.47 32.25 18.86
N ARG B 378 21.67 32.68 17.61
CA ARG B 378 21.88 34.09 17.31
C ARG B 378 20.62 34.89 17.60
N CYS B 379 20.76 35.99 18.33
CA CYS B 379 19.65 36.89 18.59
C CYS B 379 19.32 37.68 17.33
N VAL B 380 18.01 37.89 17.11
CA VAL B 380 17.53 38.46 15.85
C VAL B 380 16.48 39.53 16.15
N PHE B 381 16.71 40.74 15.64
CA PHE B 381 15.71 41.79 15.64
C PHE B 381 15.03 41.82 14.27
N VAL B 382 13.71 42.03 14.28
CA VAL B 382 12.91 42.13 13.07
C VAL B 382 12.28 43.51 13.04
N ASN B 383 12.55 44.27 11.98
CA ASN B 383 12.23 45.70 11.92
C ASN B 383 11.01 45.90 11.02
N GLN B 384 9.83 45.89 11.62
CA GLN B 384 8.62 46.19 10.87
C GLN B 384 8.57 47.66 10.48
N TRP B 385 9.06 48.54 11.35
CA TRP B 385 9.08 49.96 11.04
C TRP B 385 9.77 50.22 9.70
N GLN B 386 10.87 49.53 9.43
CA GLN B 386 11.57 49.73 8.17
C GLN B 386 10.69 49.39 6.98
N ILE B 387 9.81 48.39 7.13
CA ILE B 387 8.89 48.04 6.05
C ILE B 387 7.85 49.13 5.87
N ASN B 388 7.17 49.49 6.96
CA ASN B 388 6.08 50.46 6.90
C ASN B 388 6.55 51.85 6.47
N HIS B 389 7.85 52.08 6.36
CA HIS B 389 8.37 53.37 5.95
C HIS B 389 9.36 53.29 4.81
N ASP B 390 9.49 52.13 4.16
CA ASP B 390 10.39 52.00 3.02
C ASP B 390 9.96 52.95 1.91
N GLN B 391 10.88 53.82 1.48
CA GLN B 391 10.56 54.75 0.42
C GLN B 391 10.32 54.05 -0.91
N LYS B 392 10.83 52.83 -1.09
CA LYS B 392 10.52 52.08 -2.31
C LYS B 392 9.05 51.69 -2.36
N LEU B 393 8.49 51.27 -1.22
CA LEU B 393 7.13 50.74 -1.21
C LEU B 393 6.08 51.83 -1.14
N TRP B 394 6.36 52.94 -0.46
CA TRP B 394 5.42 54.03 -0.29
C TRP B 394 5.98 55.29 -0.93
N VAL B 395 5.10 56.24 -1.24
CA VAL B 395 5.49 57.41 -2.02
C VAL B 395 6.06 58.51 -1.13
N ASN B 396 5.34 58.94 -0.10
CA ASN B 396 5.85 59.90 0.88
C ASN B 396 5.53 59.30 2.25
N PRO B 397 6.41 58.44 2.77
CA PRO B 397 6.00 57.56 3.88
C PRO B 397 5.73 58.29 5.19
N SER B 398 6.26 59.49 5.38
CA SER B 398 6.13 60.18 6.66
C SER B 398 4.96 61.16 6.69
N GLU B 399 4.08 61.11 5.70
CA GLU B 399 2.86 61.89 5.70
C GLU B 399 1.68 60.96 5.98
N PHE B 400 0.75 61.42 6.82
CA PHE B 400 -0.43 60.65 7.18
C PHE B 400 -1.50 60.88 6.11
N LEU B 401 -1.74 59.87 5.27
CA LEU B 401 -2.66 60.02 4.14
C LEU B 401 -3.38 58.70 3.90
N PRO B 402 -4.51 58.49 4.57
CA PRO B 402 -5.25 57.21 4.39
C PRO B 402 -5.58 56.90 2.95
N GLU B 403 -5.69 57.93 2.10
CA GLU B 403 -6.08 57.71 0.72
C GLU B 403 -5.10 56.83 -0.03
N ARG B 404 -3.87 56.67 0.48
CA ARG B 404 -2.86 55.90 -0.24
C ARG B 404 -3.26 54.45 -0.41
N PHE B 405 -4.23 53.97 0.36
CA PHE B 405 -4.71 52.59 0.25
C PHE B 405 -5.92 52.46 -0.64
N LEU B 406 -6.38 53.55 -1.25
CA LEU B 406 -7.64 53.57 -1.97
C LEU B 406 -7.40 53.57 -3.49
N THR B 407 -8.19 52.75 -4.18
CA THR B 407 -8.19 52.74 -5.63
C THR B 407 -8.91 53.98 -6.16
N PRO B 408 -8.86 54.21 -7.47
CA PRO B 408 -9.70 55.28 -8.04
C PRO B 408 -11.18 55.11 -7.72
N ASP B 409 -11.69 53.88 -7.83
CA ASP B 409 -13.09 53.60 -7.51
C ASP B 409 -13.44 53.92 -6.07
N GLY B 410 -12.43 54.01 -5.19
CA GLY B 410 -12.69 54.16 -3.78
C GLY B 410 -12.74 52.86 -3.01
N ALA B 411 -12.18 51.79 -3.56
CA ALA B 411 -12.14 50.48 -2.91
C ALA B 411 -10.73 50.20 -2.41
N ILE B 412 -10.63 49.42 -1.34
CA ILE B 412 -9.34 49.18 -0.71
C ILE B 412 -8.41 48.50 -1.69
N ASP B 413 -7.26 49.14 -1.94
CA ASP B 413 -6.18 48.54 -2.72
C ASP B 413 -5.57 47.40 -1.91
N LYS B 414 -6.13 46.20 -2.01
CA LYS B 414 -5.87 45.15 -1.04
C LYS B 414 -4.47 44.56 -1.17
N VAL B 415 -3.83 44.66 -2.33
CA VAL B 415 -2.47 44.15 -2.46
C VAL B 415 -1.49 45.07 -1.75
N LEU B 416 -1.79 46.37 -1.71
CA LEU B 416 -0.94 47.32 -1.00
C LEU B 416 -1.17 47.29 0.50
N SER B 417 -2.40 47.03 0.93
CA SER B 417 -2.67 46.92 2.36
C SER B 417 -1.88 45.77 2.98
N GLU B 418 -1.60 44.73 2.19
CA GLU B 418 -0.88 43.57 2.71
C GLU B 418 0.58 43.87 3.00
N LYS B 419 1.08 45.03 2.59
CA LYS B 419 2.45 45.43 2.90
C LYS B 419 2.56 46.18 4.21
N VAL B 420 1.44 46.40 4.91
CA VAL B 420 1.46 46.98 6.25
C VAL B 420 1.75 45.84 7.22
N ILE B 421 3.00 45.74 7.65
CA ILE B 421 3.44 44.72 8.60
C ILE B 421 3.38 45.31 10.00
N ILE B 422 2.55 44.73 10.86
CA ILE B 422 2.41 45.21 12.22
C ILE B 422 2.16 44.06 13.19
N PHE B 423 1.76 42.90 12.65
CA PHE B 423 1.43 41.75 13.47
C PHE B 423 2.46 40.63 13.35
N GLY B 424 3.63 40.93 12.81
CA GLY B 424 4.60 39.89 12.57
C GLY B 424 4.11 38.86 11.58
N MET B 425 4.90 37.81 11.38
CA MET B 425 4.53 36.75 10.47
C MET B 425 5.11 35.44 11.00
N GLY B 426 4.80 34.36 10.29
CA GLY B 426 5.40 33.08 10.59
C GLY B 426 4.77 32.41 11.80
N LYS B 427 5.59 31.60 12.48
CA LYS B 427 5.11 30.76 13.57
C LYS B 427 4.93 31.52 14.87
N ARG B 428 5.43 32.76 14.97
CA ARG B 428 5.19 33.60 16.14
C ARG B 428 4.19 34.71 15.87
N LYS B 429 3.49 34.68 14.75
CA LYS B 429 2.61 35.79 14.39
C LYS B 429 1.54 36.00 15.44
N CYS B 430 1.14 37.26 15.62
CA CYS B 430 0.14 37.62 16.60
C CYS B 430 -1.10 36.75 16.47
N ILE B 431 -1.51 36.15 17.58
CA ILE B 431 -2.70 35.30 17.59
C ILE B 431 -3.97 36.09 17.88
N GLY B 432 -3.86 37.38 18.18
CA GLY B 432 -5.02 38.22 18.40
C GLY B 432 -5.21 39.23 17.29
N GLU B 433 -4.71 38.90 16.09
CA GLU B 433 -4.77 39.83 14.97
C GLU B 433 -6.21 40.19 14.63
N THR B 434 -7.07 39.18 14.45
CA THR B 434 -8.43 39.46 14.04
C THR B 434 -9.22 40.15 15.16
N ILE B 435 -9.02 39.74 16.41
CA ILE B 435 -9.70 40.41 17.52
C ILE B 435 -9.35 41.89 17.53
N ALA B 436 -8.05 42.19 17.47
CA ALA B 436 -7.62 43.59 17.51
C ALA B 436 -8.20 44.37 16.34
N ARG B 437 -8.20 43.78 15.15
CA ARG B 437 -8.65 44.50 13.96
C ARG B 437 -10.13 44.83 14.05
N TRP B 438 -10.93 43.92 14.63
CA TRP B 438 -12.36 44.19 14.81
C TRP B 438 -12.61 45.10 16.00
N GLU B 439 -11.88 44.90 17.09
CA GLU B 439 -12.09 45.72 18.28
C GLU B 439 -11.83 47.19 17.98
N VAL B 440 -10.77 47.48 17.21
CA VAL B 440 -10.48 48.87 16.88
C VAL B 440 -11.54 49.43 15.95
N PHE B 441 -11.87 48.69 14.89
CA PHE B 441 -12.88 49.15 13.95
C PHE B 441 -14.17 49.54 14.67
N LEU B 442 -14.70 48.63 15.48
CA LEU B 442 -15.99 48.88 16.12
C LEU B 442 -15.93 50.08 17.05
N PHE B 443 -14.91 50.15 17.90
CA PHE B 443 -14.80 51.27 18.83
C PHE B 443 -14.84 52.60 18.07
N LEU B 444 -14.03 52.72 17.02
CA LEU B 444 -14.03 53.96 16.23
C LEU B 444 -15.36 54.14 15.52
N ALA B 445 -15.87 53.09 14.88
CA ALA B 445 -17.12 53.20 14.14
C ALA B 445 -18.26 53.66 15.05
N ILE B 446 -18.46 52.95 16.17
CA ILE B 446 -19.54 53.33 17.07
C ILE B 446 -19.32 54.72 17.64
N LEU B 447 -18.06 55.12 17.82
CA LEU B 447 -17.78 56.40 18.45
C LEU B 447 -17.90 57.54 17.45
N LEU B 448 -17.28 57.41 16.28
CA LEU B 448 -17.25 58.52 15.34
C LEU B 448 -18.62 58.77 14.71
N GLN B 449 -19.49 57.78 14.65
CA GLN B 449 -20.81 57.97 14.13
C GLN B 449 -21.67 58.79 15.02
N ARG B 450 -21.30 58.98 16.26
CA ARG B 450 -22.12 59.68 17.21
C ARG B 450 -21.47 60.92 17.81
N VAL B 451 -20.15 61.06 17.75
CA VAL B 451 -19.46 62.19 18.36
C VAL B 451 -18.30 62.63 17.48
N GLU B 452 -17.90 63.88 17.66
CA GLU B 452 -16.73 64.46 17.02
C GLU B 452 -15.67 64.75 18.07
N PHE B 453 -14.40 64.66 17.68
CA PHE B 453 -13.27 64.91 18.57
C PHE B 453 -12.48 66.11 18.06
N SER B 454 -11.83 66.80 19.01
CA SER B 454 -11.21 68.07 18.68
C SER B 454 -10.21 68.45 19.77
N VAL B 455 -9.27 69.32 19.39
CA VAL B 455 -8.41 70.02 20.34
C VAL B 455 -8.25 71.45 19.84
N PRO B 456 -8.29 72.45 20.71
CA PRO B 456 -8.17 73.85 20.23
C PRO B 456 -6.83 74.11 19.59
N LEU B 457 -6.76 75.23 18.89
CA LEU B 457 -5.49 75.75 18.41
C LEU B 457 -4.68 76.29 19.58
N GLY B 458 -3.36 76.24 19.45
CA GLY B 458 -2.46 76.85 20.41
C GLY B 458 -2.00 75.97 21.54
N VAL B 459 -2.35 74.69 21.53
CA VAL B 459 -1.90 73.76 22.57
C VAL B 459 -0.88 72.81 21.96
N LYS B 460 0.08 72.40 22.79
CA LYS B 460 1.13 71.50 22.35
C LYS B 460 0.64 70.06 22.41
N VAL B 461 0.71 69.36 21.27
CA VAL B 461 0.28 67.97 21.17
C VAL B 461 1.45 67.21 20.55
N ASP B 462 2.28 66.60 21.40
CA ASP B 462 3.45 65.88 20.92
C ASP B 462 3.01 64.61 20.20
N MET B 463 3.29 64.54 18.90
CA MET B 463 3.03 63.34 18.11
C MET B 463 4.24 62.42 18.01
N THR B 464 5.37 62.78 18.62
CA THR B 464 6.58 61.98 18.46
C THR B 464 6.45 60.69 19.27
N PRO B 465 6.56 59.51 18.64
CA PRO B 465 6.44 58.27 19.40
C PRO B 465 7.56 58.08 20.41
N ILE B 466 7.20 57.51 21.56
CA ILE B 466 8.13 57.17 22.62
C ILE B 466 8.54 55.71 22.45
N TYR B 467 9.82 55.45 22.28
CA TYR B 467 10.24 54.11 21.88
C TYR B 467 9.85 53.07 22.93
N GLY B 468 9.55 51.87 22.45
CA GLY B 468 9.16 50.76 23.29
C GLY B 468 8.68 49.64 22.40
N LEU B 469 8.36 48.51 23.03
CA LEU B 469 7.76 47.42 22.25
C LEU B 469 6.44 47.86 21.65
N THR B 470 5.68 48.69 22.38
CA THR B 470 4.48 49.36 21.87
C THR B 470 4.70 50.85 22.10
N MET B 471 5.02 51.59 21.04
CA MET B 471 5.36 52.99 21.16
C MET B 471 4.11 53.80 21.52
N LYS B 472 4.19 54.54 22.62
CA LYS B 472 3.13 55.44 23.04
C LYS B 472 3.58 56.88 22.84
N HIS B 473 2.65 57.81 23.03
CA HIS B 473 2.89 59.23 22.87
C HIS B 473 2.80 59.93 24.22
N ALA B 474 3.16 61.20 24.23
CA ALA B 474 3.03 62.01 25.44
C ALA B 474 1.55 62.16 25.77
N CYS B 475 1.21 61.97 27.04
CA CYS B 475 -0.18 62.14 27.47
C CYS B 475 -0.66 63.54 27.13
N CYS B 476 -1.85 63.64 26.55
CA CYS B 476 -2.44 64.90 26.11
C CYS B 476 -3.76 65.08 26.84
N GLU B 477 -3.90 66.19 27.57
CA GLU B 477 -5.06 66.44 28.40
C GLU B 477 -6.06 67.41 27.75
N HIS B 478 -5.82 67.78 26.48
CA HIS B 478 -6.59 68.84 25.83
C HIS B 478 -7.71 68.31 24.92
N PHE B 479 -8.09 67.04 25.07
CA PHE B 479 -9.09 66.48 24.17
C PHE B 479 -10.47 66.99 24.52
N GLN B 480 -11.32 67.12 23.48
CA GLN B 480 -12.69 67.59 23.67
C GLN B 480 -13.58 66.90 22.65
N MET B 481 -14.78 66.51 23.11
CA MET B 481 -15.76 65.82 22.29
C MET B 481 -17.09 66.54 22.39
N GLN B 482 -17.81 66.59 21.25
CA GLN B 482 -19.15 67.16 21.20
C GLN B 482 -20.00 66.28 20.30
N LEU B 483 -21.25 66.05 20.71
CA LEU B 483 -22.16 65.24 19.91
C LEU B 483 -22.31 65.84 18.52
N ARG B 484 -23.01 65.11 17.66
CA ARG B 484 -23.19 65.50 16.27
C ARG B 484 -24.63 65.95 16.04
N SER B 485 -24.81 66.78 15.01
CA SER B 485 -26.10 67.35 14.69
C SER B 485 -27.18 66.29 14.56
N GLY C 9 1.58 48.19 -15.03
CA GLY C 9 2.47 47.04 -14.96
C GLY C 9 1.87 45.78 -15.54
N LEU C 10 0.56 45.79 -15.72
CA LEU C 10 -0.15 44.68 -16.34
C LEU C 10 -0.82 45.16 -17.63
N LYS C 11 -1.11 44.19 -18.50
CA LYS C 11 -1.69 44.47 -19.81
C LYS C 11 -2.99 43.70 -19.98
N ASN C 12 -3.93 44.29 -20.76
CA ASN C 12 -5.16 43.58 -21.07
C ASN C 12 -4.95 42.71 -22.32
N PRO C 13 -5.68 41.60 -22.44
CA PRO C 13 -5.42 40.66 -23.55
C PRO C 13 -5.57 41.34 -24.89
N PRO C 14 -4.73 40.97 -25.86
CA PRO C 14 -4.89 41.54 -27.21
C PRO C 14 -6.07 40.92 -27.94
N GLY C 15 -6.53 41.61 -28.96
CA GLY C 15 -7.67 41.18 -29.74
C GLY C 15 -7.90 42.05 -30.95
N PRO C 16 -8.50 41.49 -31.99
CA PRO C 16 -8.65 42.23 -33.25
C PRO C 16 -9.82 43.20 -33.19
N TRP C 17 -9.73 44.23 -34.04
CA TRP C 17 -10.79 45.22 -34.12
C TRP C 17 -12.10 44.55 -34.51
N GLY C 18 -13.17 44.90 -33.79
CA GLY C 18 -14.48 44.35 -34.04
C GLY C 18 -15.49 45.46 -34.31
N TRP C 19 -16.64 45.06 -34.83
CA TRP C 19 -17.72 46.01 -35.07
C TRP C 19 -18.21 46.57 -33.74
N PRO C 20 -18.46 47.89 -33.66
CA PRO C 20 -18.65 48.51 -32.34
C PRO C 20 -19.81 47.96 -31.52
N LEU C 21 -20.80 47.29 -32.13
CA LEU C 21 -21.97 46.84 -31.37
C LEU C 21 -22.21 45.34 -31.42
N ILE C 22 -21.83 44.64 -32.50
CA ILE C 22 -22.00 43.19 -32.54
C ILE C 22 -20.67 42.52 -32.19
N GLY C 23 -19.56 43.21 -32.46
CA GLY C 23 -18.26 42.72 -32.06
C GLY C 23 -17.62 41.84 -33.13
N HIS C 24 -17.17 40.65 -32.72
CA HIS C 24 -16.55 39.70 -33.62
C HIS C 24 -17.42 38.48 -33.89
N MET C 25 -18.73 38.58 -33.64
CA MET C 25 -19.57 37.39 -33.71
C MET C 25 -19.69 36.86 -35.14
N LEU C 26 -19.52 37.72 -36.14
CA LEU C 26 -19.56 37.25 -37.52
C LEU C 26 -18.26 36.57 -37.93
N THR C 27 -17.14 36.93 -37.30
CA THR C 27 -15.89 36.25 -37.60
C THR C 27 -15.86 34.85 -37.00
N LEU C 28 -16.54 34.64 -35.87
CA LEU C 28 -16.75 33.30 -35.36
C LEU C 28 -17.48 32.44 -36.39
N GLY C 29 -18.72 32.82 -36.70
CA GLY C 29 -19.43 32.21 -37.81
C GLY C 29 -19.86 30.79 -37.52
N LYS C 30 -19.82 29.95 -38.57
CA LYS C 30 -20.29 28.58 -38.47
C LYS C 30 -19.51 27.82 -37.39
N ASN C 31 -18.17 27.90 -37.45
CA ASN C 31 -17.29 27.08 -36.63
C ASN C 31 -16.42 27.98 -35.77
N PRO C 32 -16.85 28.29 -34.54
CA PRO C 32 -15.99 29.13 -33.67
C PRO C 32 -14.63 28.51 -33.40
N HIS C 33 -14.56 27.19 -33.23
CA HIS C 33 -13.30 26.56 -32.83
C HIS C 33 -12.22 26.79 -33.87
N LEU C 34 -12.58 26.76 -35.16
CA LEU C 34 -11.59 26.99 -36.20
C LEU C 34 -11.18 28.45 -36.26
N ALA C 35 -12.14 29.37 -36.19
CA ALA C 35 -11.83 30.79 -36.30
C ALA C 35 -10.92 31.24 -35.16
N LEU C 36 -11.27 30.90 -33.92
CA LEU C 36 -10.42 31.26 -32.79
C LEU C 36 -9.08 30.55 -32.84
N SER C 37 -8.99 29.41 -33.53
CA SER C 37 -7.69 28.77 -33.72
C SER C 37 -6.80 29.60 -34.63
N ARG C 38 -7.38 30.19 -35.69
CA ARG C 38 -6.57 31.02 -36.58
C ARG C 38 -6.19 32.34 -35.93
N MET C 39 -7.00 32.82 -34.98
CA MET C 39 -6.63 34.02 -34.23
C MET C 39 -5.62 33.71 -33.15
N SER C 40 -5.69 32.52 -32.55
CA SER C 40 -4.68 32.13 -31.57
C SER C 40 -3.29 32.12 -32.18
N GLN C 41 -3.19 31.85 -33.48
CA GLN C 41 -1.89 31.95 -34.15
C GLN C 41 -1.45 33.40 -34.29
N GLN C 42 -2.39 34.35 -34.21
CA GLN C 42 -2.09 35.77 -34.36
C GLN C 42 -2.00 36.51 -33.03
N TYR C 43 -2.85 36.17 -32.06
CA TYR C 43 -2.89 36.89 -30.79
C TYR C 43 -2.35 36.10 -29.61
N GLY C 44 -2.11 34.80 -29.77
CA GLY C 44 -1.44 34.02 -28.74
C GLY C 44 -2.42 33.25 -27.87
N ASP C 45 -1.83 32.59 -26.86
CA ASP C 45 -2.59 31.68 -26.02
C ASP C 45 -3.68 32.40 -25.24
N VAL C 46 -3.47 33.68 -24.91
CA VAL C 46 -4.45 34.49 -24.19
C VAL C 46 -4.94 35.57 -25.14
N LEU C 47 -6.26 35.69 -25.24
CA LEU C 47 -6.88 36.55 -26.25
C LEU C 47 -8.25 36.96 -25.74
N GLN C 48 -8.77 38.07 -26.28
CA GLN C 48 -10.09 38.56 -25.93
C GLN C 48 -10.85 38.92 -27.19
N ILE C 49 -12.14 38.59 -27.19
CA ILE C 49 -13.04 38.97 -28.29
C ILE C 49 -14.22 39.71 -27.67
N ARG C 50 -15.27 39.92 -28.46
CA ARG C 50 -16.47 40.59 -27.98
C ARG C 50 -17.66 39.97 -28.68
N ILE C 51 -18.61 39.46 -27.91
CA ILE C 51 -19.87 38.95 -28.44
C ILE C 51 -20.92 40.00 -28.14
N GLY C 52 -21.30 40.77 -29.15
CA GLY C 52 -22.19 41.89 -28.95
C GLY C 52 -21.56 42.86 -27.98
N SER C 53 -22.24 43.07 -26.84
CA SER C 53 -21.74 43.96 -25.81
C SER C 53 -20.72 43.30 -24.91
N THR C 54 -20.83 41.98 -24.73
CA THR C 54 -20.14 41.29 -23.64
C THR C 54 -18.76 40.83 -24.09
N PRO C 55 -17.69 41.21 -23.39
CA PRO C 55 -16.38 40.62 -23.71
C PRO C 55 -16.28 39.21 -23.17
N VAL C 56 -15.45 38.41 -23.83
CA VAL C 56 -15.13 37.06 -23.38
C VAL C 56 -13.67 36.79 -23.71
N VAL C 57 -12.95 36.22 -22.75
CA VAL C 57 -11.55 35.84 -22.94
C VAL C 57 -11.52 34.41 -23.45
N VAL C 58 -10.65 34.15 -24.40
CA VAL C 58 -10.46 32.81 -24.97
C VAL C 58 -9.04 32.39 -24.66
N LEU C 59 -8.87 31.17 -24.16
CA LEU C 59 -7.57 30.65 -23.81
C LEU C 59 -7.26 29.42 -24.66
N SER C 60 -6.05 29.37 -25.19
CA SER C 60 -5.59 28.26 -26.01
C SER C 60 -4.17 27.90 -25.54
N GLY C 61 -3.51 27.01 -26.27
CA GLY C 61 -2.17 26.60 -25.91
C GLY C 61 -2.15 25.65 -24.74
N LEU C 62 -1.43 24.54 -24.87
CA LEU C 62 -1.50 23.48 -23.86
C LEU C 62 -1.06 24.00 -22.48
N ASP C 63 0.15 24.54 -22.39
CA ASP C 63 0.66 24.95 -21.08
C ASP C 63 -0.07 26.18 -20.55
N THR C 64 -0.49 27.09 -21.43
CA THR C 64 -1.23 28.26 -20.99
C THR C 64 -2.58 27.86 -20.40
N ILE C 65 -3.24 26.85 -20.99
CA ILE C 65 -4.47 26.32 -20.41
C ILE C 65 -4.15 25.54 -19.14
N ARG C 66 -3.03 24.81 -19.14
CA ARG C 66 -2.63 24.06 -17.95
C ARG C 66 -2.48 24.98 -16.75
N GLN C 67 -1.82 26.13 -16.94
CA GLN C 67 -1.66 27.08 -15.84
C GLN C 67 -2.99 27.70 -15.43
N ALA C 68 -3.90 27.89 -16.38
CA ALA C 68 -5.13 28.61 -16.10
C ALA C 68 -6.06 27.80 -15.20
N LEU C 69 -6.32 26.55 -15.56
CA LEU C 69 -7.39 25.79 -14.93
C LEU C 69 -6.92 24.86 -13.81
N VAL C 70 -5.64 24.53 -13.76
CA VAL C 70 -5.09 23.71 -12.68
C VAL C 70 -4.29 24.56 -11.70
N ARG C 71 -3.18 25.14 -12.15
CA ARG C 71 -2.34 25.94 -11.28
C ARG C 71 -3.11 27.06 -10.63
N GLN C 72 -3.99 27.72 -11.38
CA GLN C 72 -4.88 28.75 -10.85
C GLN C 72 -6.33 28.27 -10.81
N GLY C 73 -6.53 26.98 -10.54
CA GLY C 73 -7.85 26.40 -10.69
C GLY C 73 -8.94 27.13 -9.94
N ASP C 74 -8.61 27.66 -8.76
CA ASP C 74 -9.63 28.33 -7.96
C ASP C 74 -10.01 29.69 -8.52
N ASP C 75 -9.32 30.18 -9.55
CA ASP C 75 -9.68 31.44 -10.18
C ASP C 75 -10.66 31.26 -11.33
N PHE C 76 -10.63 30.11 -12.00
CA PHE C 76 -11.44 29.87 -13.19
C PHE C 76 -12.50 28.80 -12.98
N LYS C 77 -12.79 28.45 -11.73
CA LYS C 77 -13.79 27.44 -11.44
C LYS C 77 -15.22 27.96 -11.55
N GLY C 78 -15.42 29.12 -12.18
CA GLY C 78 -16.73 29.72 -12.27
C GLY C 78 -17.40 29.44 -13.60
N ARG C 79 -18.71 29.68 -13.62
CA ARG C 79 -19.54 29.50 -14.80
C ARG C 79 -20.26 30.81 -15.12
N PRO C 80 -20.18 31.30 -16.35
CA PRO C 80 -20.90 32.55 -16.67
C PRO C 80 -22.39 32.43 -16.46
N ASP C 81 -22.99 33.61 -16.23
CA ASP C 81 -24.42 33.83 -16.09
C ASP C 81 -25.11 33.86 -17.43
N LEU C 82 -25.13 32.68 -18.07
CA LEU C 82 -25.66 32.74 -19.41
C LEU C 82 -27.15 32.36 -19.46
N TYR C 83 -27.86 32.82 -20.51
CA TYR C 83 -29.31 32.60 -20.57
C TYR C 83 -29.65 31.14 -20.89
N THR C 84 -28.91 30.53 -21.81
CA THR C 84 -29.16 29.13 -22.16
C THR C 84 -29.08 28.24 -20.93
N PHE C 85 -28.11 28.53 -20.04
CA PHE C 85 -27.90 27.67 -18.88
C PHE C 85 -29.07 27.75 -17.90
N THR C 86 -29.78 28.87 -17.87
CA THR C 86 -30.92 29.01 -16.99
C THR C 86 -32.07 28.09 -17.37
N LEU C 87 -32.09 27.58 -18.59
CA LEU C 87 -33.16 26.72 -19.05
C LEU C 87 -32.88 25.24 -18.80
N ILE C 88 -31.65 24.90 -18.44
CA ILE C 88 -31.29 23.50 -18.20
C ILE C 88 -31.54 23.18 -16.73
N SER C 89 -32.06 21.99 -16.49
CA SER C 89 -32.33 21.47 -15.14
C SER C 89 -32.89 22.56 -14.24
N ASN C 90 -33.95 23.21 -14.70
CA ASN C 90 -34.73 24.15 -13.88
C ASN C 90 -33.88 25.30 -13.35
N GLY C 91 -32.73 25.57 -13.97
CA GLY C 91 -31.85 26.61 -13.48
C GLY C 91 -31.04 26.23 -12.27
N GLN C 92 -31.05 24.96 -11.87
CA GLN C 92 -30.27 24.48 -10.75
C GLN C 92 -29.32 23.37 -11.18
N SER C 93 -28.80 23.46 -12.41
CA SER C 93 -27.87 22.46 -12.92
C SER C 93 -26.54 22.59 -12.20
N MET C 94 -26.07 21.49 -11.60
CA MET C 94 -24.76 21.51 -10.95
C MET C 94 -23.66 21.85 -11.95
N SER C 95 -23.81 21.44 -13.20
CA SER C 95 -22.78 21.68 -14.20
C SER C 95 -22.85 23.05 -14.84
N PHE C 96 -24.05 23.64 -14.93
CA PHE C 96 -24.26 24.85 -15.71
C PHE C 96 -24.67 26.07 -14.89
N SER C 97 -25.08 25.90 -13.64
CA SER C 97 -25.50 27.04 -12.84
C SER C 97 -24.32 27.98 -12.60
N PRO C 98 -24.60 29.25 -12.29
CA PRO C 98 -23.52 30.14 -11.86
C PRO C 98 -22.91 29.76 -10.52
N ASP C 99 -23.53 28.81 -9.80
CA ASP C 99 -23.00 28.34 -8.53
C ASP C 99 -21.56 27.87 -8.68
N SER C 100 -20.66 28.48 -7.90
CA SER C 100 -19.24 28.21 -8.02
C SER C 100 -18.54 27.95 -6.69
N GLY C 101 -19.22 28.15 -5.56
CA GLY C 101 -18.60 28.05 -4.26
C GLY C 101 -18.69 26.67 -3.65
N PRO C 102 -18.85 26.61 -2.32
CA PRO C 102 -18.94 25.29 -1.67
C PRO C 102 -20.24 24.55 -1.95
N VAL C 103 -21.28 25.23 -2.44
CA VAL C 103 -22.51 24.53 -2.77
C VAL C 103 -22.30 23.63 -3.99
N TRP C 104 -21.42 24.04 -4.91
CA TRP C 104 -21.10 23.20 -6.06
C TRP C 104 -20.12 22.10 -5.69
N ALA C 105 -18.96 22.47 -5.13
CA ALA C 105 -17.93 21.49 -4.81
C ALA C 105 -18.47 20.33 -4.01
N ALA C 106 -19.50 20.58 -3.19
CA ALA C 106 -20.14 19.49 -2.46
C ALA C 106 -20.91 18.58 -3.41
N ARG C 107 -21.78 19.17 -4.24
CA ARG C 107 -22.59 18.38 -5.15
C ARG C 107 -21.72 17.54 -6.09
N ARG C 108 -20.60 18.10 -6.53
CA ARG C 108 -19.69 17.35 -7.38
C ARG C 108 -19.29 16.03 -6.72
N ARG C 109 -18.95 16.09 -5.43
CA ARG C 109 -18.44 14.89 -4.76
C ARG C 109 -19.49 13.79 -4.69
N LEU C 110 -20.76 14.16 -4.48
CA LEU C 110 -21.80 13.14 -4.44
C LEU C 110 -21.88 12.40 -5.76
N ALA C 111 -21.66 13.10 -6.87
CA ALA C 111 -21.67 12.45 -8.18
C ALA C 111 -20.44 11.57 -8.36
N GLN C 112 -19.25 12.12 -8.07
CA GLN C 112 -18.03 11.33 -8.19
C GLN C 112 -18.17 10.02 -7.44
N ASN C 113 -18.58 10.08 -6.17
CA ASN C 113 -18.71 8.87 -5.36
C ASN C 113 -19.90 8.03 -5.82
N GLY C 114 -21.03 8.67 -6.12
CA GLY C 114 -22.15 7.93 -6.67
C GLY C 114 -21.75 7.09 -7.86
N LEU C 115 -20.96 7.65 -8.76
CA LEU C 115 -20.45 6.87 -9.88
C LEU C 115 -19.68 5.66 -9.38
N LYS C 116 -18.56 5.89 -8.68
CA LYS C 116 -17.66 4.79 -8.34
C LYS C 116 -18.41 3.66 -7.63
N SER C 117 -19.52 3.97 -6.95
CA SER C 117 -20.28 2.94 -6.27
C SER C 117 -21.03 2.03 -7.25
N PHE C 118 -21.46 2.58 -8.39
CA PHE C 118 -22.15 1.82 -9.42
C PHE C 118 -21.46 1.94 -10.77
N SER C 119 -20.20 2.39 -10.76
CA SER C 119 -19.39 2.47 -11.95
C SER C 119 -18.26 1.43 -11.89
N ILE C 120 -17.30 1.65 -11.00
CA ILE C 120 -16.08 0.85 -10.90
C ILE C 120 -16.16 -0.17 -9.78
N ALA C 121 -17.16 -0.06 -8.91
CA ALA C 121 -17.26 -0.95 -7.76
C ALA C 121 -17.52 -2.38 -8.20
N SER C 122 -16.96 -3.32 -7.45
CA SER C 122 -17.17 -4.74 -7.72
C SER C 122 -18.65 -5.06 -7.62
N ASP C 123 -19.17 -5.77 -8.62
CA ASP C 123 -20.56 -6.21 -8.63
C ASP C 123 -20.72 -7.38 -7.67
N PRO C 124 -21.68 -7.35 -6.74
CA PRO C 124 -21.89 -8.53 -5.88
C PRO C 124 -22.25 -9.77 -6.67
N ALA C 125 -22.88 -9.62 -7.83
CA ALA C 125 -23.23 -10.76 -8.65
C ALA C 125 -22.02 -11.42 -9.29
N SER C 126 -20.87 -10.76 -9.30
CA SER C 126 -19.74 -11.25 -10.06
C SER C 126 -18.49 -11.23 -9.18
N SER C 127 -17.75 -12.31 -9.15
CA SER C 127 -16.47 -12.21 -8.46
C SER C 127 -15.49 -11.45 -9.35
N THR C 128 -15.67 -11.51 -10.68
CA THR C 128 -14.63 -11.06 -11.59
C THR C 128 -14.61 -9.56 -11.92
N SER C 129 -15.77 -8.96 -12.13
CA SER C 129 -15.87 -7.69 -12.85
C SER C 129 -16.57 -6.63 -12.02
N CYS C 130 -16.46 -5.39 -12.50
CA CYS C 130 -17.12 -4.25 -11.90
C CYS C 130 -18.50 -4.06 -12.54
N TYR C 131 -19.21 -3.02 -12.10
CA TYR C 131 -20.54 -2.76 -12.63
C TYR C 131 -20.47 -2.45 -14.13
N LEU C 132 -19.63 -1.48 -14.51
CA LEU C 132 -19.58 -1.04 -15.90
C LEU C 132 -19.33 -2.21 -16.85
N GLU C 133 -18.43 -3.12 -16.49
CA GLU C 133 -18.09 -4.22 -17.39
C GLU C 133 -19.30 -5.12 -17.64
N GLU C 134 -20.08 -5.39 -16.60
CA GLU C 134 -21.20 -6.33 -16.76
C GLU C 134 -22.37 -5.70 -17.49
N HIS C 135 -22.55 -4.38 -17.36
CA HIS C 135 -23.59 -3.70 -18.13
C HIS C 135 -23.19 -3.59 -19.59
N VAL C 136 -21.97 -3.15 -19.86
CA VAL C 136 -21.52 -2.97 -21.22
C VAL C 136 -21.46 -4.31 -21.95
N SER C 137 -21.06 -5.37 -21.24
CA SER C 137 -20.98 -6.69 -21.87
C SER C 137 -22.37 -7.19 -22.24
N LYS C 138 -23.36 -6.97 -21.37
CA LYS C 138 -24.73 -7.35 -21.68
C LYS C 138 -25.21 -6.62 -22.94
N GLU C 139 -25.05 -5.29 -22.96
CA GLU C 139 -25.53 -4.51 -24.11
C GLU C 139 -24.72 -4.81 -25.36
N ALA C 140 -23.41 -5.04 -25.21
CA ALA C 140 -22.55 -5.24 -26.37
C ALA C 140 -23.01 -6.42 -27.22
N GLU C 141 -23.60 -7.44 -26.60
CA GLU C 141 -23.94 -8.66 -27.34
C GLU C 141 -25.37 -8.63 -27.89
N VAL C 142 -26.28 -7.89 -27.25
CA VAL C 142 -27.59 -7.71 -27.88
C VAL C 142 -27.50 -6.68 -29.00
N LEU C 143 -26.53 -5.77 -28.92
CA LEU C 143 -26.29 -4.88 -30.06
C LEU C 143 -25.80 -5.67 -31.27
N ILE C 144 -24.96 -6.68 -31.04
CA ILE C 144 -24.51 -7.54 -32.13
C ILE C 144 -25.69 -8.22 -32.79
N SER C 145 -26.46 -8.98 -31.99
CA SER C 145 -27.62 -9.67 -32.54
C SER C 145 -28.59 -8.70 -33.21
N THR C 146 -28.66 -7.46 -32.72
CA THR C 146 -29.50 -6.46 -33.36
C THR C 146 -29.00 -6.15 -34.76
N LEU C 147 -27.68 -5.95 -34.91
CA LEU C 147 -27.14 -5.61 -36.22
C LEU C 147 -27.18 -6.81 -37.17
N GLN C 148 -27.01 -8.03 -36.65
CA GLN C 148 -27.18 -9.21 -37.49
C GLN C 148 -28.62 -9.30 -38.00
N GLU C 149 -29.59 -9.00 -37.13
CA GLU C 149 -30.98 -8.97 -37.55
C GLU C 149 -31.18 -8.05 -38.74
N LEU C 150 -30.45 -6.94 -38.78
CA LEU C 150 -30.66 -5.91 -39.78
C LEU C 150 -29.84 -6.11 -41.05
N MET C 151 -28.79 -6.95 -41.01
CA MET C 151 -28.10 -7.29 -42.24
C MET C 151 -28.84 -8.36 -43.02
N ALA C 152 -29.55 -9.24 -42.33
CA ALA C 152 -30.38 -10.23 -43.01
C ALA C 152 -31.51 -9.56 -43.80
N GLY C 153 -32.01 -8.43 -43.31
CA GLY C 153 -33.07 -7.71 -43.97
C GLY C 153 -32.55 -6.68 -44.94
N PRO C 154 -32.66 -5.39 -44.59
CA PRO C 154 -32.18 -4.35 -45.50
C PRO C 154 -30.74 -4.52 -45.95
N GLY C 155 -29.91 -5.19 -45.15
CA GLY C 155 -28.51 -5.34 -45.47
C GLY C 155 -27.66 -4.12 -45.19
N HIS C 156 -28.17 -3.16 -44.44
CA HIS C 156 -27.44 -1.93 -44.13
C HIS C 156 -28.20 -1.20 -43.04
N PHE C 157 -27.50 -0.27 -42.37
CA PHE C 157 -28.07 0.38 -41.20
C PHE C 157 -27.31 1.68 -40.93
N ASN C 158 -27.93 2.53 -40.11
CA ASN C 158 -27.28 3.71 -39.55
C ASN C 158 -26.88 3.38 -38.13
N PRO C 159 -25.59 3.12 -37.84
CA PRO C 159 -25.25 2.59 -36.50
C PRO C 159 -25.63 3.51 -35.36
N TYR C 160 -25.63 4.83 -35.58
CA TYR C 160 -25.97 5.75 -34.49
C TYR C 160 -27.30 5.39 -33.85
N ARG C 161 -28.25 4.87 -34.63
CA ARG C 161 -29.58 4.65 -34.10
C ARG C 161 -29.64 3.48 -33.12
N TYR C 162 -28.63 2.62 -33.10
CA TYR C 162 -28.65 1.43 -32.26
C TYR C 162 -27.58 1.41 -31.18
N VAL C 163 -26.44 2.06 -31.40
CA VAL C 163 -25.51 2.26 -30.28
C VAL C 163 -26.04 3.34 -29.35
N VAL C 164 -26.97 4.17 -29.82
CA VAL C 164 -27.51 5.24 -28.99
C VAL C 164 -28.24 4.66 -27.78
N VAL C 165 -28.98 3.57 -27.97
CA VAL C 165 -29.73 2.98 -26.87
C VAL C 165 -28.84 2.02 -26.08
N SER C 166 -27.86 1.40 -26.74
CA SER C 166 -26.97 0.47 -26.04
C SER C 166 -26.20 1.20 -24.94
N VAL C 167 -25.60 2.35 -25.27
CA VAL C 167 -24.85 3.08 -24.26
C VAL C 167 -25.77 3.85 -23.32
N THR C 168 -27.01 4.13 -23.72
CA THR C 168 -27.96 4.68 -22.77
C THR C 168 -28.38 3.63 -21.75
N ASN C 169 -28.37 2.35 -22.14
CA ASN C 169 -28.77 1.30 -21.22
C ASN C 169 -27.78 1.13 -20.06
N VAL C 170 -26.48 1.34 -20.32
CA VAL C 170 -25.51 1.19 -19.25
C VAL C 170 -25.53 2.42 -18.33
N ILE C 171 -25.59 3.62 -18.91
CA ILE C 171 -25.72 4.83 -18.11
C ILE C 171 -27.04 4.86 -17.37
N CYS C 172 -28.07 4.23 -17.94
CA CYS C 172 -29.37 4.18 -17.28
C CYS C 172 -29.39 3.11 -16.20
N ALA C 173 -28.78 1.95 -16.47
CA ALA C 173 -28.63 0.94 -15.43
C ALA C 173 -27.82 1.47 -14.26
N ILE C 174 -26.87 2.36 -14.53
CA ILE C 174 -26.07 2.94 -13.46
C ILE C 174 -26.88 3.98 -12.68
N CYS C 175 -27.80 4.67 -13.35
CA CYS C 175 -28.55 5.77 -12.74
C CYS C 175 -29.91 5.35 -12.22
N PHE C 176 -30.60 4.44 -12.92
CA PHE C 176 -31.96 4.06 -12.55
C PHE C 176 -32.14 2.55 -12.47
N GLY C 177 -31.06 1.79 -12.51
CA GLY C 177 -31.15 0.34 -12.47
C GLY C 177 -32.08 -0.20 -13.53
N ARG C 178 -32.13 0.44 -14.70
CA ARG C 178 -33.07 0.04 -15.74
C ARG C 178 -32.45 0.13 -17.12
N ARG C 179 -32.66 -0.93 -17.92
CA ARG C 179 -32.37 -0.97 -19.34
C ARG C 179 -33.67 -0.93 -20.13
N TYR C 180 -33.54 -0.69 -21.44
CA TYR C 180 -34.73 -0.53 -22.28
C TYR C 180 -34.57 -1.29 -23.60
N ASP C 181 -35.72 -1.61 -24.18
CA ASP C 181 -35.78 -2.27 -25.48
C ASP C 181 -35.13 -1.38 -26.55
N HIS C 182 -34.65 -2.01 -27.61
CA HIS C 182 -34.01 -1.27 -28.69
C HIS C 182 -35.01 -0.50 -29.54
N ASN C 183 -36.32 -0.63 -29.29
CA ASN C 183 -37.33 0.14 -30.00
C ASN C 183 -38.36 0.74 -29.05
N HIS C 184 -38.04 0.83 -27.76
CA HIS C 184 -38.88 1.56 -26.82
C HIS C 184 -39.08 2.99 -27.32
N GLN C 185 -40.34 3.35 -27.57
CA GLN C 185 -40.60 4.69 -28.07
C GLN C 185 -40.45 5.75 -26.97
N GLU C 186 -40.54 5.37 -25.70
CA GLU C 186 -40.25 6.30 -24.62
C GLU C 186 -38.75 6.44 -24.38
N LEU C 187 -37.91 5.58 -24.94
CA LEU C 187 -36.47 5.81 -24.89
C LEU C 187 -36.02 6.67 -26.07
N LEU C 188 -36.27 6.20 -27.30
CA LEU C 188 -36.08 7.03 -28.47
C LEU C 188 -36.78 8.38 -28.33
N SER C 189 -37.80 8.42 -27.48
CA SER C 189 -38.39 9.66 -26.99
C SER C 189 -37.39 10.80 -26.76
N LEU C 190 -36.35 10.45 -26.05
CA LEU C 190 -35.41 11.42 -25.63
C LEU C 190 -34.04 11.40 -26.17
N VAL C 191 -33.55 10.25 -26.57
CA VAL C 191 -32.19 10.14 -26.97
C VAL C 191 -31.87 10.34 -28.43
N ASN C 192 -32.77 9.96 -29.29
CA ASN C 192 -32.55 10.02 -30.73
C ASN C 192 -33.69 10.72 -31.46
N LEU C 193 -34.16 11.83 -30.91
CA LEU C 193 -35.11 12.68 -31.65
C LEU C 193 -34.97 14.10 -31.12
N ASN C 194 -34.56 15.01 -32.02
CA ASN C 194 -34.43 16.43 -31.69
C ASN C 194 -33.47 16.66 -30.54
N ASN C 195 -32.32 15.98 -30.60
CA ASN C 195 -31.24 16.20 -29.64
C ASN C 195 -30.38 17.35 -30.17
N ASN C 196 -30.86 18.57 -29.94
CA ASN C 196 -30.16 19.78 -30.33
C ASN C 196 -29.36 20.40 -29.19
N PHE C 197 -29.30 19.74 -28.03
CA PHE C 197 -28.57 20.27 -26.89
C PHE C 197 -27.18 20.74 -27.31
N GLY C 198 -26.42 19.88 -27.96
CA GLY C 198 -25.07 20.24 -28.36
C GLY C 198 -25.01 21.51 -29.18
N GLU C 199 -25.98 21.69 -30.08
CA GLU C 199 -25.99 22.87 -30.93
C GLU C 199 -26.16 24.14 -30.10
N VAL C 200 -27.10 24.13 -29.16
CA VAL C 200 -27.52 25.37 -28.51
C VAL C 200 -26.44 25.86 -27.55
N VAL C 201 -26.01 25.02 -26.61
CA VAL C 201 -25.11 25.47 -25.57
C VAL C 201 -23.65 25.43 -25.98
N GLY C 202 -23.35 25.00 -27.21
CA GLY C 202 -22.01 25.14 -27.72
C GLY C 202 -21.50 26.55 -27.53
N SER C 203 -20.32 26.70 -26.94
CA SER C 203 -19.81 28.02 -26.61
C SER C 203 -19.89 28.96 -27.81
N GLY C 204 -20.40 30.16 -27.58
CA GLY C 204 -20.56 31.16 -28.61
C GLY C 204 -21.97 31.36 -29.10
N ASN C 205 -22.95 30.71 -28.49
CA ASN C 205 -24.34 30.84 -28.92
C ASN C 205 -24.78 32.29 -28.87
N PRO C 206 -25.28 32.87 -29.97
CA PRO C 206 -25.63 34.30 -29.94
C PRO C 206 -26.72 34.65 -28.94
N ALA C 207 -27.70 33.77 -28.73
CA ALA C 207 -28.83 34.11 -27.89
C ALA C 207 -28.40 34.47 -26.47
N ASP C 208 -27.27 33.94 -26.03
CA ASP C 208 -26.82 34.14 -24.65
C ASP C 208 -26.25 35.53 -24.39
N PHE C 209 -26.00 36.32 -25.45
CA PHE C 209 -25.24 37.55 -25.31
C PHE C 209 -25.97 38.79 -25.83
N ILE C 210 -27.05 38.62 -26.61
CA ILE C 210 -27.83 39.75 -27.10
C ILE C 210 -29.29 39.47 -26.78
N PRO C 211 -29.95 40.33 -25.98
CA PRO C 211 -31.19 39.91 -25.31
C PRO C 211 -32.41 39.78 -26.20
N ILE C 212 -32.31 40.10 -27.49
CA ILE C 212 -33.51 40.11 -28.33
C ILE C 212 -33.81 38.71 -28.84
N LEU C 213 -32.80 37.99 -29.31
CA LEU C 213 -33.00 36.68 -29.91
C LEU C 213 -33.69 35.71 -28.96
N ARG C 214 -33.79 36.03 -27.67
CA ARG C 214 -34.51 35.18 -26.74
C ARG C 214 -36.01 35.19 -27.02
N TYR C 215 -36.55 36.32 -27.47
CA TYR C 215 -37.99 36.51 -27.58
C TYR C 215 -38.54 36.25 -28.98
N LEU C 216 -37.71 36.35 -29.98
CA LEU C 216 -38.13 36.18 -31.34
C LEU C 216 -38.34 34.74 -31.61
N PRO C 217 -39.18 34.40 -32.58
CA PRO C 217 -39.42 33.02 -32.90
C PRO C 217 -38.13 32.37 -33.24
N ASN C 218 -37.82 31.31 -32.54
CA ASN C 218 -36.57 30.66 -32.71
C ASN C 218 -36.90 29.23 -32.69
N PRO C 219 -36.98 28.64 -33.88
CA PRO C 219 -37.29 27.20 -33.81
C PRO C 219 -36.28 26.42 -33.00
N SER C 220 -34.99 26.77 -33.21
CA SER C 220 -33.87 26.15 -32.51
C SER C 220 -34.01 26.16 -30.99
N LEU C 221 -34.41 27.28 -30.42
CA LEU C 221 -34.34 27.52 -28.99
C LEU C 221 -35.59 26.98 -28.33
N ASN C 222 -36.76 27.17 -28.93
CA ASN C 222 -37.97 26.66 -28.27
C ASN C 222 -37.98 25.14 -28.22
N ALA C 223 -37.34 24.48 -29.19
CA ALA C 223 -37.15 23.04 -29.08
C ALA C 223 -36.24 22.70 -27.90
N PHE C 224 -35.37 23.63 -27.51
CA PHE C 224 -34.44 23.39 -26.40
C PHE C 224 -35.19 23.25 -25.09
N LYS C 225 -36.16 24.12 -24.82
CA LYS C 225 -36.83 24.13 -23.52
C LYS C 225 -37.97 23.12 -23.43
N ASP C 226 -38.38 22.50 -24.54
CA ASP C 226 -39.28 21.37 -24.46
C ASP C 226 -38.54 20.06 -24.30
N LEU C 227 -37.30 19.99 -24.79
CA LEU C 227 -36.46 18.82 -24.56
C LEU C 227 -35.92 18.80 -23.13
N ASN C 228 -35.46 19.96 -22.64
CA ASN C 228 -34.93 20.01 -21.28
C ASN C 228 -36.00 19.75 -20.25
N GLU C 229 -37.21 20.31 -20.46
CA GLU C 229 -38.31 20.01 -19.57
C GLU C 229 -38.96 18.67 -19.88
N LYS C 230 -38.65 18.04 -21.02
CA LYS C 230 -38.92 16.61 -21.16
C LYS C 230 -37.71 15.75 -20.78
N PHE C 231 -36.74 16.32 -20.06
CA PHE C 231 -35.76 15.51 -19.34
C PHE C 231 -35.93 15.61 -17.84
N TYR C 232 -36.50 16.69 -17.30
CA TYR C 232 -36.96 16.77 -15.95
C TYR C 232 -38.14 15.85 -15.93
N SER C 233 -38.90 15.78 -17.03
CA SER C 233 -39.87 14.73 -17.26
C SER C 233 -39.49 13.42 -16.61
N PHE C 234 -38.34 12.91 -17.03
CA PHE C 234 -37.99 11.50 -16.92
C PHE C 234 -37.47 11.16 -15.54
N MET C 235 -36.75 12.08 -14.91
CA MET C 235 -36.21 11.83 -13.57
C MET C 235 -37.25 12.10 -12.49
N GLN C 236 -38.00 13.19 -12.62
CA GLN C 236 -39.06 13.47 -11.66
C GLN C 236 -40.06 12.31 -11.59
N LYS C 237 -40.24 11.59 -12.70
CA LYS C 237 -41.18 10.47 -12.75
C LYS C 237 -40.52 9.14 -12.44
N MET C 238 -39.18 9.06 -12.40
CA MET C 238 -38.48 7.85 -12.02
C MET C 238 -37.83 7.93 -10.65
N VAL C 239 -37.40 9.12 -10.23
CA VAL C 239 -37.03 9.30 -8.82
C VAL C 239 -38.19 8.88 -7.93
N LYS C 240 -39.39 9.35 -8.28
CA LYS C 240 -40.56 9.07 -7.45
C LYS C 240 -40.89 7.58 -7.43
N GLU C 241 -40.76 6.90 -8.56
CA GLU C 241 -41.05 5.46 -8.57
C GLU C 241 -39.95 4.65 -7.89
N HIS C 242 -38.83 5.27 -7.52
CA HIS C 242 -37.79 4.60 -6.75
C HIS C 242 -37.88 4.90 -5.26
N TYR C 243 -38.70 5.87 -4.85
CA TYR C 243 -39.01 6.05 -3.44
C TYR C 243 -40.16 5.12 -3.02
N LYS C 244 -41.04 4.75 -3.96
CA LYS C 244 -42.07 3.77 -3.67
C LYS C 244 -41.50 2.36 -3.49
N THR C 245 -40.20 2.16 -3.78
CA THR C 245 -39.55 0.88 -3.57
C THR C 245 -38.15 1.05 -2.97
N PHE C 246 -37.93 2.14 -2.25
CA PHE C 246 -36.65 2.36 -1.58
C PHE C 246 -36.55 1.45 -0.36
N GLU C 247 -35.49 0.64 -0.32
CA GLU C 247 -35.11 -0.12 0.86
C GLU C 247 -33.78 0.45 1.37
N LYS C 248 -33.82 1.02 2.58
CA LYS C 248 -32.72 1.89 3.03
C LYS C 248 -31.38 1.18 3.06
N GLY C 249 -31.38 -0.14 3.31
CA GLY C 249 -30.13 -0.86 3.46
C GLY C 249 -29.53 -1.33 2.14
N HIS C 250 -30.37 -1.41 1.11
CA HIS C 250 -29.97 -1.96 -0.19
C HIS C 250 -30.10 -0.85 -1.24
N ILE C 251 -29.01 -0.09 -1.42
CA ILE C 251 -28.98 0.94 -2.43
C ILE C 251 -28.75 0.28 -3.78
N ARG C 252 -29.65 0.53 -4.73
CA ARG C 252 -29.61 -0.09 -6.06
C ARG C 252 -29.01 0.81 -7.12
N ASP C 253 -29.32 2.10 -7.08
CA ASP C 253 -29.01 3.03 -8.16
C ASP C 253 -28.15 4.18 -7.67
N ILE C 254 -27.90 5.14 -8.54
CA ILE C 254 -27.34 6.42 -8.11
C ILE C 254 -28.45 7.28 -7.50
N THR C 255 -29.69 7.14 -7.99
CA THR C 255 -30.79 7.86 -7.36
C THR C 255 -30.97 7.43 -5.92
N ASP C 256 -30.96 6.12 -5.66
CA ASP C 256 -30.99 5.64 -4.30
C ASP C 256 -29.83 6.19 -3.49
N SER C 257 -28.67 6.38 -4.13
CA SER C 257 -27.55 7.01 -3.45
C SER C 257 -27.88 8.44 -3.03
N LEU C 258 -28.69 9.14 -3.82
CA LEU C 258 -29.02 10.53 -3.55
C LEU C 258 -30.25 10.67 -2.65
N ILE C 259 -31.25 9.80 -2.82
CA ILE C 259 -32.35 9.75 -1.85
C ILE C 259 -31.81 9.44 -0.47
N GLU C 260 -30.82 8.55 -0.40
CA GLU C 260 -30.20 8.22 0.89
C GLU C 260 -29.54 9.44 1.51
N HIS C 261 -28.95 10.32 0.69
CA HIS C 261 -28.22 11.46 1.21
C HIS C 261 -29.11 12.65 1.52
N CYS C 262 -30.33 12.69 0.99
CA CYS C 262 -31.28 13.74 1.33
C CYS C 262 -31.91 13.55 2.71
N GLN C 263 -31.33 12.71 3.55
CA GLN C 263 -31.85 12.42 4.88
C GLN C 263 -30.72 12.42 5.91
N LEU C 275 -27.53 21.49 0.20
CA LEU C 275 -28.57 22.50 0.08
C LEU C 275 -29.89 21.83 -0.33
N SER C 276 -30.60 22.42 -1.29
CA SER C 276 -31.96 21.99 -1.61
C SER C 276 -32.01 20.51 -2.00
N ASP C 277 -33.16 19.89 -1.72
CA ASP C 277 -33.37 18.51 -2.15
C ASP C 277 -33.35 18.41 -3.68
N GLU C 278 -33.87 19.44 -4.36
CA GLU C 278 -33.75 19.49 -5.82
C GLU C 278 -32.29 19.42 -6.23
N LYS C 279 -31.48 20.35 -5.71
CA LYS C 279 -30.08 20.46 -6.12
C LYS C 279 -29.26 19.19 -5.88
N ILE C 280 -29.80 18.21 -5.15
CA ILE C 280 -29.06 16.98 -4.90
C ILE C 280 -29.46 15.94 -5.94
N ILE C 281 -30.79 15.71 -6.04
CA ILE C 281 -31.47 14.75 -6.92
C ILE C 281 -31.54 15.18 -8.34
N ASN C 282 -31.20 16.44 -8.56
CA ASN C 282 -30.94 17.00 -9.89
C ASN C 282 -29.72 16.48 -10.52
N ILE C 283 -28.82 15.97 -9.73
CA ILE C 283 -27.51 15.57 -10.24
C ILE C 283 -27.63 14.39 -11.19
N VAL C 284 -28.53 13.45 -10.89
CA VAL C 284 -28.65 12.26 -11.74
C VAL C 284 -28.98 12.63 -13.18
N LEU C 285 -29.56 13.81 -13.40
CA LEU C 285 -29.83 14.26 -14.76
C LEU C 285 -28.54 14.65 -15.46
N ASP C 286 -27.64 15.35 -14.76
CA ASP C 286 -26.37 15.74 -15.39
C ASP C 286 -25.58 14.52 -15.83
N LEU C 287 -25.58 13.45 -15.02
CA LEU C 287 -24.79 12.27 -15.36
C LEU C 287 -25.47 11.44 -16.44
N PHE C 288 -26.80 11.28 -16.35
CA PHE C 288 -27.52 10.59 -17.41
C PHE C 288 -27.36 11.34 -18.74
N GLY C 289 -27.33 12.67 -18.68
CA GLY C 289 -27.18 13.47 -19.88
C GLY C 289 -25.82 13.32 -20.53
N ALA C 290 -24.77 13.75 -19.83
CA ALA C 290 -23.43 13.60 -20.38
C ALA C 290 -23.12 12.14 -20.69
N GLY C 291 -23.60 11.23 -19.85
CA GLY C 291 -23.25 9.83 -20.02
C GLY C 291 -23.67 9.28 -21.37
N PHE C 292 -24.93 9.51 -21.74
CA PHE C 292 -25.48 8.83 -22.93
C PHE C 292 -25.13 9.54 -24.23
N ASP C 293 -24.87 10.84 -24.19
CA ASP C 293 -24.65 11.59 -25.43
C ASP C 293 -23.18 11.53 -25.88
N THR C 294 -22.27 11.97 -25.01
CA THR C 294 -20.87 12.10 -25.43
C THR C 294 -20.26 10.74 -25.77
N VAL C 295 -20.58 9.70 -25.00
CA VAL C 295 -20.01 8.39 -25.27
C VAL C 295 -20.56 7.83 -26.58
N THR C 296 -21.83 8.09 -26.87
CA THR C 296 -22.38 7.69 -28.16
C THR C 296 -21.65 8.40 -29.30
N THR C 297 -21.61 9.72 -29.26
CA THR C 297 -20.85 10.49 -30.23
C THR C 297 -19.44 9.94 -30.37
N ALA C 298 -18.81 9.58 -29.25
CA ALA C 298 -17.44 9.04 -29.31
C ALA C 298 -17.42 7.70 -30.04
N ILE C 299 -18.41 6.85 -29.79
CA ILE C 299 -18.44 5.53 -30.42
C ILE C 299 -18.84 5.65 -31.88
N SER C 300 -19.79 6.53 -32.19
CA SER C 300 -20.21 6.70 -33.59
C SER C 300 -19.07 7.25 -34.43
N TRP C 301 -18.36 8.26 -33.93
CA TRP C 301 -17.18 8.75 -34.63
C TRP C 301 -16.17 7.64 -34.84
N SER C 302 -15.96 6.80 -33.82
CA SER C 302 -14.99 5.72 -33.94
C SER C 302 -15.40 4.73 -35.03
N LEU C 303 -16.70 4.49 -35.19
CA LEU C 303 -17.15 3.53 -36.18
C LEU C 303 -16.98 4.07 -37.60
N MET C 304 -17.07 5.39 -37.78
CA MET C 304 -16.87 5.95 -39.10
C MET C 304 -15.39 6.05 -39.45
N TYR C 305 -14.54 6.43 -38.49
CA TYR C 305 -13.11 6.38 -38.72
C TYR C 305 -12.66 4.98 -39.11
N LEU C 306 -13.38 3.95 -38.67
CA LEU C 306 -12.97 2.58 -38.95
C LEU C 306 -13.27 2.19 -40.39
N VAL C 307 -14.46 2.55 -40.89
CA VAL C 307 -14.82 2.17 -42.25
C VAL C 307 -14.22 3.11 -43.28
N MET C 308 -13.73 4.24 -42.87
CA MET C 308 -13.05 5.10 -43.76
C MET C 308 -11.55 4.84 -43.75
N ASN C 309 -11.05 4.10 -42.79
CA ASN C 309 -9.63 3.74 -42.68
C ASN C 309 -9.54 2.23 -42.45
N PRO C 310 -9.86 1.44 -43.47
CA PRO C 310 -9.86 -0.02 -43.28
C PRO C 310 -8.50 -0.57 -42.87
N ARG C 311 -7.42 0.16 -43.12
CA ARG C 311 -6.10 -0.30 -42.68
C ARG C 311 -6.04 -0.41 -41.17
N VAL C 312 -6.60 0.58 -40.46
CA VAL C 312 -6.49 0.56 -39.01
C VAL C 312 -7.48 -0.41 -38.38
N GLN C 313 -8.63 -0.65 -39.03
CA GLN C 313 -9.58 -1.60 -38.47
C GLN C 313 -9.04 -3.03 -38.51
N ARG C 314 -8.19 -3.34 -39.49
CA ARG C 314 -7.58 -4.66 -39.54
C ARG C 314 -6.43 -4.79 -38.55
N LYS C 315 -5.73 -3.68 -38.27
CA LYS C 315 -4.66 -3.72 -37.28
C LYS C 315 -5.22 -3.88 -35.88
N ILE C 316 -6.35 -3.22 -35.59
CA ILE C 316 -7.06 -3.50 -34.34
C ILE C 316 -7.37 -4.98 -34.23
N GLN C 317 -8.11 -5.51 -35.22
CA GLN C 317 -8.50 -6.92 -35.16
C GLN C 317 -7.29 -7.83 -35.07
N GLU C 318 -6.21 -7.51 -35.79
CA GLU C 318 -5.02 -8.33 -35.74
C GLU C 318 -4.40 -8.33 -34.35
N GLU C 319 -4.41 -7.17 -33.69
CA GLU C 319 -3.86 -7.09 -32.34
C GLU C 319 -4.65 -7.95 -31.36
N LEU C 320 -5.97 -7.77 -31.33
CA LEU C 320 -6.79 -8.49 -30.36
C LEU C 320 -6.87 -9.98 -30.67
N ASP C 321 -6.49 -10.38 -31.89
CA ASP C 321 -6.33 -11.80 -32.17
C ASP C 321 -5.06 -12.34 -31.54
N THR C 322 -3.95 -11.59 -31.63
CA THR C 322 -2.66 -12.09 -31.15
C THR C 322 -2.52 -11.95 -29.64
N VAL C 323 -3.21 -10.99 -29.04
CA VAL C 323 -3.14 -10.81 -27.59
C VAL C 323 -4.18 -11.64 -26.84
N ILE C 324 -5.28 -12.02 -27.51
CA ILE C 324 -6.40 -12.66 -26.84
C ILE C 324 -6.78 -13.92 -27.59
N GLY C 325 -6.64 -13.90 -28.91
CA GLY C 325 -7.17 -14.98 -29.74
C GLY C 325 -8.69 -14.96 -29.70
N ARG C 326 -9.32 -15.80 -30.52
CA ARG C 326 -10.77 -15.91 -30.54
C ARG C 326 -11.27 -17.08 -29.70
N SER C 327 -10.56 -17.38 -28.61
CA SER C 327 -10.98 -18.39 -27.64
C SER C 327 -11.92 -17.82 -26.59
N ARG C 328 -11.74 -16.55 -26.21
CA ARG C 328 -12.54 -15.90 -25.19
C ARG C 328 -12.78 -14.46 -25.60
N ARG C 329 -13.91 -13.90 -25.15
CA ARG C 329 -14.15 -12.48 -25.40
C ARG C 329 -13.11 -11.65 -24.66
N PRO C 330 -12.87 -10.43 -25.11
CA PRO C 330 -12.01 -9.53 -24.32
C PRO C 330 -12.71 -9.08 -23.05
N ARG C 331 -11.94 -8.99 -21.97
CA ARG C 331 -12.40 -8.40 -20.72
C ARG C 331 -11.73 -7.04 -20.55
N LEU C 332 -12.29 -6.23 -19.65
CA LEU C 332 -11.65 -4.96 -19.33
C LEU C 332 -10.23 -5.18 -18.82
N SER C 333 -9.97 -6.35 -18.23
CA SER C 333 -8.63 -6.68 -17.76
C SER C 333 -7.58 -6.41 -18.82
N ASP C 334 -7.91 -6.66 -20.09
CA ASP C 334 -6.93 -6.65 -21.17
C ASP C 334 -6.67 -5.27 -21.75
N ARG C 335 -7.27 -4.22 -21.18
CA ARG C 335 -7.13 -2.90 -21.80
C ARG C 335 -5.67 -2.46 -21.87
N SER C 336 -4.93 -2.64 -20.77
CA SER C 336 -3.57 -2.14 -20.73
C SER C 336 -2.64 -2.90 -21.66
N HIS C 337 -2.99 -4.14 -22.02
CA HIS C 337 -2.18 -4.96 -22.91
C HIS C 337 -2.56 -4.78 -24.37
N LEU C 338 -3.41 -3.80 -24.68
CA LEU C 338 -3.84 -3.50 -26.06
C LEU C 338 -3.45 -2.06 -26.35
N PRO C 339 -2.17 -1.82 -26.70
CA PRO C 339 -1.76 -0.43 -26.97
C PRO C 339 -2.38 0.15 -28.22
N TYR C 340 -2.66 -0.67 -29.23
CA TYR C 340 -3.13 -0.11 -30.50
C TYR C 340 -4.57 0.38 -30.41
N MET C 341 -5.45 -0.41 -29.79
CA MET C 341 -6.83 0.05 -29.62
C MET C 341 -6.86 1.35 -28.81
N GLU C 342 -5.96 1.51 -27.85
CA GLU C 342 -5.90 2.77 -27.09
C GLU C 342 -5.36 3.90 -27.96
N ALA C 343 -4.44 3.60 -28.88
CA ALA C 343 -3.97 4.62 -29.80
C ALA C 343 -5.06 5.01 -30.80
N PHE C 344 -5.93 4.08 -31.18
CA PHE C 344 -7.06 4.43 -32.02
C PHE C 344 -8.04 5.33 -31.26
N ILE C 345 -8.42 4.92 -30.05
CA ILE C 345 -9.37 5.72 -29.27
C ILE C 345 -8.78 7.08 -28.95
N LEU C 346 -7.46 7.18 -28.85
CA LEU C 346 -6.84 8.48 -28.62
C LEU C 346 -6.89 9.35 -29.87
N GLU C 347 -6.73 8.73 -31.05
CA GLU C 347 -6.74 9.49 -32.29
C GLU C 347 -8.15 9.87 -32.71
N THR C 348 -9.14 9.03 -32.39
CA THR C 348 -10.53 9.43 -32.59
C THR C 348 -10.88 10.64 -31.74
N PHE C 349 -10.41 10.67 -30.49
CA PHE C 349 -10.65 11.83 -29.64
C PHE C 349 -9.91 13.05 -30.15
N ARG C 350 -8.67 12.87 -30.61
CA ARG C 350 -7.84 14.01 -31.03
C ARG C 350 -8.33 14.58 -32.36
N HIS C 351 -8.38 13.75 -33.39
CA HIS C 351 -8.76 14.22 -34.72
C HIS C 351 -10.14 14.86 -34.70
N SER C 352 -11.15 14.12 -34.23
CA SER C 352 -12.50 14.68 -34.17
C SER C 352 -12.54 15.90 -33.27
N SER C 353 -11.87 15.83 -32.12
CA SER C 353 -12.00 16.86 -31.08
C SER C 353 -13.48 17.18 -30.87
N PHE C 354 -14.29 16.13 -30.79
CA PHE C 354 -15.74 16.33 -30.83
C PHE C 354 -16.27 17.06 -29.61
N VAL C 355 -15.41 17.49 -28.69
CA VAL C 355 -15.75 18.49 -27.68
C VAL C 355 -14.80 19.66 -27.89
N PRO C 356 -14.97 20.46 -28.95
CA PRO C 356 -13.91 21.42 -29.31
C PRO C 356 -13.67 22.47 -28.25
N PHE C 357 -14.71 22.83 -27.49
CA PHE C 357 -14.59 23.77 -26.40
C PHE C 357 -15.04 23.12 -25.09
N THR C 358 -14.47 23.56 -23.99
CA THR C 358 -15.02 23.21 -22.69
C THR C 358 -16.34 23.94 -22.49
N ILE C 359 -17.09 23.50 -21.48
CA ILE C 359 -18.23 24.34 -21.08
C ILE C 359 -17.68 25.72 -20.71
N PRO C 360 -18.30 26.82 -21.15
CA PRO C 360 -17.70 28.14 -20.87
C PRO C 360 -17.39 28.32 -19.39
N HIS C 361 -16.19 28.84 -19.12
CA HIS C 361 -15.75 29.14 -17.76
C HIS C 361 -15.93 30.62 -17.48
N SER C 362 -15.74 30.99 -16.21
CA SER C 362 -15.87 32.37 -15.77
C SER C 362 -14.93 32.60 -14.61
N THR C 363 -14.19 33.71 -14.64
CA THR C 363 -13.32 34.06 -13.54
C THR C 363 -14.13 34.35 -12.28
N THR C 364 -13.72 33.77 -11.16
CA THR C 364 -14.37 34.00 -9.88
C THR C 364 -13.69 35.10 -9.07
N ARG C 365 -12.58 35.65 -9.56
CA ARG C 365 -11.90 36.76 -8.91
C ARG C 365 -10.91 37.36 -9.92
N ASP C 366 -10.77 38.69 -9.88
CA ASP C 366 -9.80 39.36 -10.73
C ASP C 366 -8.44 38.66 -10.58
N THR C 367 -7.83 38.34 -11.72
CA THR C 367 -6.68 37.44 -11.71
C THR C 367 -5.66 37.83 -12.77
N SER C 368 -4.44 37.33 -12.57
CA SER C 368 -3.35 37.45 -13.52
C SER C 368 -3.21 36.15 -14.30
N LEU C 369 -2.72 36.26 -15.54
CA LEU C 369 -2.53 35.07 -16.38
C LEU C 369 -1.58 35.43 -17.51
N LYS C 370 -0.44 34.75 -17.57
CA LYS C 370 0.58 35.02 -18.57
C LYS C 370 0.85 36.53 -18.68
N GLY C 371 0.69 37.24 -17.57
CA GLY C 371 0.93 38.67 -17.55
C GLY C 371 -0.21 39.51 -18.06
N PHE C 372 -1.44 39.00 -18.04
CA PHE C 372 -2.61 39.72 -18.53
C PHE C 372 -3.63 39.87 -17.41
N TYR C 373 -4.18 41.08 -17.29
CA TYR C 373 -5.22 41.36 -16.31
C TYR C 373 -6.56 40.85 -16.81
N ILE C 374 -7.31 40.18 -15.94
CA ILE C 374 -8.61 39.64 -16.27
C ILE C 374 -9.56 39.92 -15.11
N PRO C 375 -10.54 40.82 -15.26
CA PRO C 375 -11.46 41.12 -14.15
C PRO C 375 -12.36 39.93 -13.84
N LYS C 376 -12.98 40.00 -12.67
CA LYS C 376 -13.91 38.95 -12.25
C LYS C 376 -15.23 39.06 -13.00
N GLY C 377 -15.90 37.92 -13.14
CA GLY C 377 -17.10 37.83 -13.94
C GLY C 377 -16.86 37.64 -15.42
N ARG C 378 -15.62 37.78 -15.87
CA ARG C 378 -15.29 37.63 -17.27
C ARG C 378 -15.56 36.19 -17.72
N CYS C 379 -16.38 36.03 -18.75
CA CYS C 379 -16.66 34.72 -19.32
C CYS C 379 -15.50 34.29 -20.20
N VAL C 380 -15.06 33.04 -20.03
CA VAL C 380 -13.83 32.56 -20.65
C VAL C 380 -14.12 31.31 -21.46
N PHE C 381 -13.63 31.29 -22.70
CA PHE C 381 -13.72 30.14 -23.58
C PHE C 381 -12.41 29.37 -23.56
N VAL C 382 -12.49 28.05 -23.56
CA VAL C 382 -11.33 27.16 -23.50
C VAL C 382 -11.37 26.27 -24.74
N ASN C 383 -10.37 26.41 -25.60
CA ASN C 383 -10.38 25.82 -26.94
C ASN C 383 -9.50 24.57 -26.94
N GLN C 384 -10.13 23.42 -26.65
CA GLN C 384 -9.40 22.16 -26.74
C GLN C 384 -9.05 21.80 -28.18
N TRP C 385 -9.87 22.25 -29.14
CA TRP C 385 -9.60 21.93 -30.54
C TRP C 385 -8.21 22.43 -30.96
N GLN C 386 -7.85 23.66 -30.55
CA GLN C 386 -6.56 24.21 -30.94
C GLN C 386 -5.41 23.33 -30.47
N ILE C 387 -5.54 22.76 -29.27
CA ILE C 387 -4.47 21.92 -28.74
C ILE C 387 -4.31 20.67 -29.59
N ASN C 388 -5.40 19.92 -29.78
CA ASN C 388 -5.33 18.64 -30.47
C ASN C 388 -4.90 18.78 -31.93
N HIS C 389 -4.95 20.00 -32.49
CA HIS C 389 -4.54 20.24 -33.87
C HIS C 389 -3.41 21.26 -33.99
N ASP C 390 -2.75 21.59 -32.88
CA ASP C 390 -1.59 22.47 -32.92
C ASP C 390 -0.45 21.78 -33.66
N GLN C 391 0.04 22.41 -34.72
CA GLN C 391 1.14 21.83 -35.48
C GLN C 391 2.46 21.86 -34.72
N LYS C 392 2.54 22.64 -33.63
CA LYS C 392 3.68 22.54 -32.73
C LYS C 392 3.85 21.11 -32.22
N LEU C 393 2.73 20.52 -31.78
CA LEU C 393 2.74 19.28 -31.02
C LEU C 393 2.63 18.04 -31.88
N TRP C 394 1.92 18.13 -33.00
CA TRP C 394 1.65 17.00 -33.87
C TRP C 394 2.25 17.25 -35.24
N VAL C 395 2.74 16.19 -35.87
CA VAL C 395 3.45 16.33 -37.14
C VAL C 395 2.47 16.74 -38.23
N ASN C 396 1.53 15.86 -38.56
CA ASN C 396 0.49 16.14 -39.56
C ASN C 396 -0.86 16.06 -38.87
N PRO C 397 -1.33 17.15 -38.26
CA PRO C 397 -2.50 17.03 -37.37
C PRO C 397 -3.77 16.61 -38.08
N SER C 398 -3.96 17.04 -39.33
CA SER C 398 -5.23 16.81 -40.01
C SER C 398 -5.40 15.36 -40.47
N GLU C 399 -4.33 14.58 -40.50
CA GLU C 399 -4.42 13.17 -40.90
C GLU C 399 -4.79 12.31 -39.69
N PHE C 400 -5.59 11.29 -39.94
CA PHE C 400 -5.99 10.34 -38.90
C PHE C 400 -5.01 9.18 -38.95
N LEU C 401 -4.07 9.15 -38.01
CA LEU C 401 -3.09 8.07 -37.92
C LEU C 401 -2.84 7.73 -36.45
N PRO C 402 -3.47 6.68 -35.93
CA PRO C 402 -3.22 6.30 -34.54
C PRO C 402 -1.76 6.02 -34.23
N GLU C 403 -0.95 5.74 -35.26
CA GLU C 403 0.43 5.34 -35.04
C GLU C 403 1.27 6.45 -34.40
N ARG C 404 0.82 7.70 -34.48
CA ARG C 404 1.59 8.79 -33.90
C ARG C 404 1.77 8.67 -32.40
N PHE C 405 1.03 7.78 -31.74
CA PHE C 405 1.10 7.62 -30.30
C PHE C 405 1.90 6.39 -29.89
N LEU C 406 2.54 5.71 -30.83
CA LEU C 406 3.22 4.47 -30.55
C LEU C 406 4.73 4.68 -30.44
N THR C 407 5.37 3.73 -29.78
CA THR C 407 6.82 3.69 -29.63
C THR C 407 7.45 2.97 -30.80
N PRO C 408 8.78 3.01 -30.93
CA PRO C 408 9.44 2.10 -31.86
C PRO C 408 9.14 0.64 -31.59
N ASP C 409 8.72 0.30 -30.37
CA ASP C 409 8.45 -1.08 -29.98
C ASP C 409 6.97 -1.40 -29.93
N GLY C 410 6.09 -0.43 -30.10
CA GLY C 410 4.66 -0.68 -30.16
C GLY C 410 3.88 -0.34 -28.92
N ALA C 411 4.45 0.42 -28.00
CA ALA C 411 3.80 0.75 -26.74
C ALA C 411 3.25 2.18 -26.78
N ILE C 412 2.34 2.46 -25.86
CA ILE C 412 1.70 3.77 -25.81
C ILE C 412 2.71 4.78 -25.25
N ASP C 413 3.21 5.66 -26.10
CA ASP C 413 4.07 6.75 -25.67
C ASP C 413 3.24 7.70 -24.81
N LYS C 414 3.39 7.57 -23.49
CA LYS C 414 2.47 8.25 -22.57
C LYS C 414 2.70 9.77 -22.57
N VAL C 415 3.90 10.23 -22.90
CA VAL C 415 4.15 11.66 -22.91
C VAL C 415 3.24 12.35 -23.93
N LEU C 416 2.96 11.68 -25.04
CA LEU C 416 2.13 12.26 -26.10
C LEU C 416 0.64 12.03 -25.87
N SER C 417 0.26 10.82 -25.42
CA SER C 417 -1.15 10.56 -25.15
C SER C 417 -1.72 11.54 -24.14
N GLU C 418 -0.88 12.10 -23.27
CA GLU C 418 -1.34 13.06 -22.28
C GLU C 418 -1.47 14.47 -22.83
N LYS C 419 -1.13 14.68 -24.11
CA LYS C 419 -1.33 15.97 -24.75
C LYS C 419 -2.68 16.08 -25.44
N VAL C 420 -3.44 14.99 -25.50
CA VAL C 420 -4.75 14.97 -26.14
C VAL C 420 -5.77 15.46 -25.11
N ILE C 421 -6.15 16.73 -25.20
CA ILE C 421 -7.06 17.33 -24.24
C ILE C 421 -8.46 17.35 -24.86
N ILE C 422 -9.37 16.58 -24.27
CA ILE C 422 -10.77 16.58 -24.68
C ILE C 422 -11.66 16.44 -23.45
N PHE C 423 -11.07 16.11 -22.30
CA PHE C 423 -11.82 15.96 -21.07
C PHE C 423 -11.73 17.16 -20.14
N GLY C 424 -10.89 18.13 -20.45
CA GLY C 424 -10.72 19.29 -19.60
C GLY C 424 -9.57 19.13 -18.63
N MET C 425 -9.50 20.12 -17.73
CA MET C 425 -8.46 20.15 -16.71
C MET C 425 -9.04 20.77 -15.45
N GLY C 426 -8.30 20.64 -14.35
CA GLY C 426 -8.59 21.43 -13.18
C GLY C 426 -9.83 21.01 -12.41
N LYS C 427 -10.32 21.94 -11.59
CA LYS C 427 -11.36 21.65 -10.62
C LYS C 427 -12.73 21.42 -11.24
N ARG C 428 -12.86 21.56 -12.57
CA ARG C 428 -14.12 21.27 -13.25
C ARG C 428 -13.93 20.25 -14.38
N LYS C 429 -12.80 19.53 -14.37
CA LYS C 429 -12.56 18.47 -15.34
C LYS C 429 -13.70 17.46 -15.32
N CYS C 430 -13.80 16.69 -16.40
CA CYS C 430 -14.82 15.66 -16.52
C CYS C 430 -14.72 14.67 -15.36
N ILE C 431 -15.84 14.46 -14.67
CA ILE C 431 -15.90 13.46 -13.63
C ILE C 431 -16.31 12.09 -14.16
N GLY C 432 -16.57 11.97 -15.45
CA GLY C 432 -16.84 10.69 -16.07
C GLY C 432 -15.73 10.19 -16.95
N GLU C 433 -14.55 10.82 -16.92
CA GLU C 433 -13.47 10.46 -17.84
C GLU C 433 -13.21 8.96 -17.83
N THR C 434 -12.91 8.40 -16.66
CA THR C 434 -12.55 6.98 -16.61
C THR C 434 -13.68 6.12 -17.13
N ILE C 435 -14.92 6.46 -16.81
CA ILE C 435 -16.06 5.65 -17.25
C ILE C 435 -16.15 5.68 -18.77
N ALA C 436 -16.04 6.86 -19.36
CA ALA C 436 -16.10 6.98 -20.83
C ALA C 436 -15.00 6.16 -21.49
N ARG C 437 -13.78 6.27 -20.98
CA ARG C 437 -12.66 5.56 -21.60
C ARG C 437 -12.83 4.05 -21.52
N TRP C 438 -13.41 3.55 -20.43
CA TRP C 438 -13.60 2.11 -20.29
C TRP C 438 -14.75 1.62 -21.15
N GLU C 439 -15.83 2.39 -21.23
CA GLU C 439 -16.96 2.02 -22.08
C GLU C 439 -16.54 1.96 -23.55
N VAL C 440 -15.98 3.07 -24.05
CA VAL C 440 -15.53 3.11 -25.44
C VAL C 440 -14.66 1.91 -25.76
N PHE C 441 -13.63 1.67 -24.93
CA PHE C 441 -12.74 0.55 -25.18
C PHE C 441 -13.49 -0.77 -25.20
N LEU C 442 -14.39 -0.98 -24.25
CA LEU C 442 -15.04 -2.28 -24.11
C LEU C 442 -15.96 -2.56 -25.29
N PHE C 443 -16.81 -1.59 -25.64
CA PHE C 443 -17.70 -1.77 -26.80
C PHE C 443 -16.89 -2.11 -28.05
N LEU C 444 -15.91 -1.27 -28.39
CA LEU C 444 -15.15 -1.53 -29.61
C LEU C 444 -14.39 -2.84 -29.51
N ALA C 445 -13.98 -3.24 -28.30
CA ALA C 445 -13.23 -4.48 -28.16
C ALA C 445 -14.11 -5.71 -28.40
N ILE C 446 -15.28 -5.75 -27.77
CA ILE C 446 -16.15 -6.91 -27.91
C ILE C 446 -16.66 -7.02 -29.35
N LEU C 447 -17.04 -5.88 -29.94
CA LEU C 447 -17.58 -5.89 -31.30
C LEU C 447 -16.52 -6.27 -32.31
N LEU C 448 -15.47 -5.46 -32.43
CA LEU C 448 -14.46 -5.65 -33.47
C LEU C 448 -13.74 -6.98 -33.37
N GLN C 449 -13.89 -7.70 -32.26
CA GLN C 449 -13.31 -9.04 -32.18
C GLN C 449 -14.12 -10.06 -32.97
N ARG C 450 -15.42 -9.81 -33.15
CA ARG C 450 -16.31 -10.77 -33.79
C ARG C 450 -16.93 -10.30 -35.08
N VAL C 451 -16.93 -8.99 -35.36
CA VAL C 451 -17.51 -8.47 -36.59
C VAL C 451 -16.57 -7.44 -37.20
N GLU C 452 -16.76 -7.22 -38.50
CA GLU C 452 -16.10 -6.15 -39.23
C GLU C 452 -17.16 -5.19 -39.74
N PHE C 453 -16.86 -3.89 -39.72
CA PHE C 453 -17.73 -2.87 -40.27
C PHE C 453 -17.15 -2.35 -41.58
N SER C 454 -18.04 -1.91 -42.47
CA SER C 454 -17.63 -1.49 -43.79
C SER C 454 -18.72 -0.63 -44.41
N VAL C 455 -18.30 0.19 -45.38
CA VAL C 455 -19.22 0.93 -46.23
C VAL C 455 -18.85 0.61 -47.67
N PRO C 456 -19.80 0.28 -48.55
CA PRO C 456 -19.44 0.03 -49.95
C PRO C 456 -18.91 1.30 -50.61
N LEU C 457 -18.19 1.10 -51.70
CA LEU C 457 -17.70 2.23 -52.47
C LEU C 457 -18.85 2.85 -53.26
N GLY C 458 -18.77 4.17 -53.44
CA GLY C 458 -19.75 4.90 -54.22
C GLY C 458 -20.77 5.67 -53.42
N VAL C 459 -20.72 5.60 -52.09
CA VAL C 459 -21.65 6.32 -51.24
C VAL C 459 -20.90 7.42 -50.50
N LYS C 460 -21.57 8.54 -50.30
CA LYS C 460 -20.97 9.69 -49.63
C LYS C 460 -20.98 9.49 -48.12
N VAL C 461 -19.86 9.82 -47.45
CA VAL C 461 -19.80 9.88 -46.03
C VAL C 461 -19.22 11.26 -45.64
N ASP C 462 -20.00 12.19 -45.13
CA ASP C 462 -19.54 13.48 -44.64
C ASP C 462 -18.98 13.30 -43.24
N MET C 463 -17.63 13.32 -43.17
CA MET C 463 -16.85 13.26 -41.95
C MET C 463 -16.57 14.61 -41.32
N THR C 464 -16.98 15.69 -41.97
CA THR C 464 -16.81 17.01 -41.38
C THR C 464 -17.73 17.13 -40.18
N PRO C 465 -17.24 17.55 -39.03
CA PRO C 465 -18.11 17.61 -37.84
C PRO C 465 -19.05 18.80 -37.85
N ILE C 466 -20.21 18.60 -37.25
CA ILE C 466 -21.24 19.63 -37.12
C ILE C 466 -21.07 20.30 -35.77
N TYR C 467 -20.73 21.59 -35.78
CA TYR C 467 -20.36 22.27 -34.54
C TYR C 467 -21.39 22.11 -33.43
N GLY C 468 -20.94 22.27 -32.20
CA GLY C 468 -21.77 22.13 -31.03
C GLY C 468 -20.87 21.93 -29.82
N LEU C 469 -21.51 21.72 -28.67
CA LEU C 469 -20.74 21.27 -27.52
C LEU C 469 -20.20 19.86 -27.77
N THR C 470 -21.06 18.97 -28.27
CA THR C 470 -20.67 17.64 -28.74
C THR C 470 -20.92 17.63 -30.24
N MET C 471 -19.95 18.08 -31.02
CA MET C 471 -20.13 18.13 -32.47
C MET C 471 -20.14 16.71 -33.04
N LYS C 472 -21.14 16.43 -33.85
CA LYS C 472 -21.40 15.10 -34.38
C LYS C 472 -21.18 15.08 -35.89
N HIS C 473 -21.44 13.93 -36.49
CA HIS C 473 -21.23 13.73 -37.91
C HIS C 473 -22.56 13.60 -38.64
N ALA C 474 -22.52 13.84 -39.95
CA ALA C 474 -23.71 13.71 -40.77
C ALA C 474 -24.23 12.28 -40.73
N CYS C 475 -25.53 12.14 -40.52
CA CYS C 475 -26.18 10.84 -40.53
C CYS C 475 -25.74 10.02 -41.73
N CYS C 476 -25.50 8.73 -41.51
CA CYS C 476 -25.00 7.83 -42.55
C CYS C 476 -25.74 6.51 -42.43
N GLU C 477 -26.46 6.13 -43.48
CA GLU C 477 -27.39 5.00 -43.43
C GLU C 477 -26.90 3.78 -44.20
N HIS C 478 -25.62 3.74 -44.58
CA HIS C 478 -25.12 2.69 -45.47
C HIS C 478 -24.08 1.80 -44.82
N PHE C 479 -24.04 1.76 -43.50
CA PHE C 479 -23.10 0.87 -42.82
C PHE C 479 -23.48 -0.58 -43.07
N GLN C 480 -22.47 -1.43 -43.24
CA GLN C 480 -22.66 -2.87 -43.36
C GLN C 480 -21.76 -3.57 -42.35
N MET C 481 -22.22 -4.72 -41.87
CA MET C 481 -21.51 -5.47 -40.84
C MET C 481 -21.47 -6.94 -41.21
N GLN C 482 -20.29 -7.54 -41.05
CA GLN C 482 -20.05 -8.92 -41.44
C GLN C 482 -19.23 -9.60 -40.36
N LEU C 483 -19.68 -10.78 -39.94
CA LEU C 483 -18.96 -11.52 -38.92
C LEU C 483 -17.67 -12.08 -39.52
N ARG C 484 -16.77 -12.51 -38.64
CA ARG C 484 -15.40 -12.82 -39.01
C ARG C 484 -15.17 -14.32 -39.11
N SER C 485 -14.16 -14.69 -39.90
CA SER C 485 -13.76 -16.07 -40.11
C SER C 485 -13.98 -16.97 -38.90
N GLY D 9 26.71 -84.38 -9.10
CA GLY D 9 27.02 -83.26 -9.95
C GLY D 9 26.31 -82.05 -9.42
N LEU D 10 26.47 -81.82 -8.14
CA LEU D 10 25.83 -80.72 -7.47
C LEU D 10 26.90 -79.88 -6.83
N LYS D 11 26.60 -78.62 -6.64
CA LYS D 11 27.56 -77.74 -6.05
C LYS D 11 26.99 -77.06 -4.84
N ASN D 12 27.85 -76.35 -4.12
CA ASN D 12 27.42 -75.50 -3.01
C ASN D 12 27.02 -74.13 -3.52
N PRO D 13 25.89 -73.57 -3.07
CA PRO D 13 25.46 -72.26 -3.59
C PRO D 13 26.53 -71.21 -3.39
N PRO D 14 26.78 -70.36 -4.39
CA PRO D 14 27.84 -69.36 -4.27
C PRO D 14 27.45 -68.24 -3.33
N GLY D 15 28.44 -67.43 -2.97
CA GLY D 15 28.24 -66.29 -2.12
C GLY D 15 29.55 -65.69 -1.65
N PRO D 16 29.53 -64.41 -1.31
CA PRO D 16 30.77 -63.75 -0.87
C PRO D 16 31.17 -64.23 0.52
N TRP D 17 32.37 -63.81 0.92
CA TRP D 17 32.89 -64.21 2.22
C TRP D 17 32.39 -63.25 3.30
N GLY D 18 32.05 -63.82 4.45
CA GLY D 18 31.62 -63.03 5.59
C GLY D 18 32.45 -63.36 6.81
N TRP D 19 32.40 -62.45 7.78
CA TRP D 19 33.23 -62.61 8.98
C TRP D 19 32.77 -63.82 9.78
N PRO D 20 33.68 -64.42 10.57
CA PRO D 20 33.44 -65.79 11.04
C PRO D 20 32.35 -65.93 12.09
N LEU D 21 31.94 -64.82 12.73
CA LEU D 21 31.03 -64.83 13.88
C LEU D 21 29.67 -64.22 13.59
N ILE D 22 29.61 -63.16 12.80
CA ILE D 22 28.37 -62.47 12.48
C ILE D 22 27.97 -62.73 11.03
N GLY D 23 28.94 -63.05 10.17
CA GLY D 23 28.61 -63.32 8.79
C GLY D 23 28.44 -62.07 7.96
N HIS D 24 27.39 -62.03 7.13
CA HIS D 24 27.12 -60.89 6.27
C HIS D 24 26.16 -59.90 6.91
N MET D 25 26.01 -59.95 8.24
CA MET D 25 24.99 -59.12 8.90
C MET D 25 25.16 -57.65 8.58
N LEU D 26 26.39 -57.17 8.40
CA LEU D 26 26.60 -55.75 8.19
C LEU D 26 26.36 -55.33 6.74
N THR D 27 26.53 -56.25 5.79
CA THR D 27 26.31 -55.88 4.38
C THR D 27 24.82 -55.75 4.07
N LEU D 28 23.97 -56.50 4.78
CA LEU D 28 22.53 -56.31 4.68
C LEU D 28 22.16 -54.94 5.27
N GLY D 29 22.19 -54.85 6.60
CA GLY D 29 22.05 -53.57 7.26
C GLY D 29 20.63 -53.06 7.33
N LYS D 30 20.45 -51.78 7.03
CA LYS D 30 19.13 -51.16 7.16
C LYS D 30 18.15 -51.75 6.15
N ASN D 31 18.58 -51.90 4.90
CA ASN D 31 17.71 -52.31 3.80
C ASN D 31 18.25 -53.60 3.19
N PRO D 32 17.91 -54.75 3.77
CA PRO D 32 18.41 -56.01 3.19
C PRO D 32 18.06 -56.18 1.72
N HIS D 33 16.81 -55.91 1.34
CA HIS D 33 16.37 -56.18 -0.02
C HIS D 33 17.23 -55.48 -1.06
N LEU D 34 17.74 -54.28 -0.76
CA LEU D 34 18.60 -53.60 -1.71
C LEU D 34 19.96 -54.27 -1.82
N ALA D 35 20.46 -54.83 -0.71
CA ALA D 35 21.76 -55.48 -0.75
C ALA D 35 21.71 -56.80 -1.51
N LEU D 36 20.75 -57.65 -1.18
CA LEU D 36 20.63 -58.94 -1.85
C LEU D 36 20.27 -58.80 -3.33
N SER D 37 19.77 -57.63 -3.74
CA SER D 37 19.53 -57.41 -5.16
C SER D 37 20.80 -57.01 -5.88
N ARG D 38 21.74 -56.34 -5.18
CA ARG D 38 23.03 -56.03 -5.78
C ARG D 38 23.96 -57.23 -5.77
N MET D 39 23.83 -58.12 -4.79
CA MET D 39 24.64 -59.33 -4.77
C MET D 39 24.18 -60.31 -5.84
N SER D 40 22.86 -60.40 -6.05
CA SER D 40 22.34 -61.30 -7.08
C SER D 40 22.94 -60.99 -8.45
N GLN D 41 23.29 -59.73 -8.69
CA GLN D 41 23.93 -59.37 -9.95
C GLN D 41 25.25 -60.10 -10.14
N GLN D 42 25.91 -60.48 -9.05
CA GLN D 42 27.23 -61.07 -9.10
C GLN D 42 27.24 -62.59 -8.90
N TYR D 43 26.33 -63.11 -8.08
CA TYR D 43 26.33 -64.54 -7.76
C TYR D 43 25.09 -65.27 -8.23
N GLY D 44 24.19 -64.60 -8.94
CA GLY D 44 23.11 -65.30 -9.60
C GLY D 44 21.87 -65.47 -8.73
N ASP D 45 20.86 -66.09 -9.35
CA ASP D 45 19.56 -66.20 -8.71
C ASP D 45 19.62 -67.00 -7.42
N VAL D 46 20.60 -67.89 -7.27
CA VAL D 46 20.70 -68.74 -6.09
C VAL D 46 22.05 -68.45 -5.43
N LEU D 47 22.00 -67.99 -4.18
CA LEU D 47 23.19 -67.65 -3.43
C LEU D 47 22.91 -67.89 -1.95
N GLN D 48 23.98 -68.06 -1.18
CA GLN D 48 23.87 -68.34 0.24
C GLN D 48 24.64 -67.28 1.03
N ILE D 49 24.11 -66.94 2.20
CA ILE D 49 24.77 -66.01 3.10
C ILE D 49 24.74 -66.58 4.51
N ARG D 50 25.17 -65.77 5.48
CA ARG D 50 25.25 -66.17 6.87
C ARG D 50 24.84 -64.99 7.74
N ILE D 51 23.99 -65.23 8.71
CA ILE D 51 23.65 -64.25 9.74
C ILE D 51 24.03 -64.90 11.06
N GLY D 52 25.16 -64.50 11.62
CA GLY D 52 25.64 -65.14 12.83
C GLY D 52 26.08 -66.56 12.53
N SER D 53 25.54 -67.51 13.30
CA SER D 53 25.88 -68.91 13.14
C SER D 53 25.01 -69.61 12.11
N THR D 54 23.93 -69.00 11.66
CA THR D 54 22.95 -69.68 10.83
C THR D 54 23.16 -69.39 9.35
N PRO D 55 23.11 -70.39 8.48
CA PRO D 55 23.16 -70.12 7.04
C PRO D 55 21.77 -69.95 6.45
N VAL D 56 21.71 -69.15 5.39
CA VAL D 56 20.43 -68.83 4.75
C VAL D 56 20.68 -68.60 3.27
N VAL D 57 19.74 -69.09 2.44
CA VAL D 57 19.82 -68.97 1.00
C VAL D 57 18.92 -67.83 0.55
N VAL D 58 19.21 -67.28 -0.63
CA VAL D 58 18.50 -66.11 -1.15
C VAL D 58 18.19 -66.37 -2.62
N LEU D 59 16.91 -66.61 -2.93
CA LEU D 59 16.48 -66.86 -4.29
C LEU D 59 16.05 -65.56 -4.96
N SER D 60 16.60 -65.26 -6.14
CA SER D 60 16.32 -64.04 -6.86
C SER D 60 15.86 -64.43 -8.27
N GLY D 61 15.49 -63.45 -9.06
CA GLY D 61 15.06 -63.69 -10.42
C GLY D 61 13.61 -64.05 -10.51
N LEU D 62 13.12 -64.14 -11.73
CA LEU D 62 11.74 -64.52 -11.96
C LEU D 62 11.73 -66.03 -12.19
N ASP D 63 12.53 -66.47 -13.16
CA ASP D 63 12.58 -67.88 -13.55
C ASP D 63 12.90 -68.77 -12.35
N THR D 64 13.95 -68.43 -11.61
CA THR D 64 14.45 -69.32 -10.57
C THR D 64 13.48 -69.45 -9.41
N ILE D 65 12.68 -68.41 -9.14
CA ILE D 65 11.86 -68.43 -7.94
C ILE D 65 10.58 -69.22 -8.18
N ARG D 66 10.01 -69.16 -9.39
CA ARG D 66 8.94 -70.09 -9.71
C ARG D 66 9.40 -71.52 -9.47
N GLN D 67 10.56 -71.85 -9.97
CA GLN D 67 11.05 -73.16 -9.84
C GLN D 67 11.36 -73.56 -8.45
N ALA D 68 11.29 -72.66 -7.48
CA ALA D 68 11.47 -73.08 -6.16
C ALA D 68 10.12 -73.12 -5.52
N LEU D 69 9.21 -72.20 -5.85
CA LEU D 69 7.95 -72.19 -5.13
C LEU D 69 6.85 -72.96 -5.85
N VAL D 70 6.77 -72.88 -7.17
CA VAL D 70 5.70 -73.60 -7.80
C VAL D 70 6.13 -74.96 -8.24
N ARG D 71 7.28 -75.15 -8.86
CA ARG D 71 7.62 -76.50 -9.30
C ARG D 71 7.80 -77.46 -8.17
N GLN D 72 8.21 -76.95 -7.03
CA GLN D 72 8.60 -77.78 -5.97
C GLN D 72 8.00 -77.19 -4.79
N GLY D 73 6.69 -77.01 -4.89
CA GLY D 73 5.91 -76.41 -3.86
C GLY D 73 6.00 -77.26 -2.65
N ASP D 74 5.94 -78.57 -2.81
CA ASP D 74 6.09 -79.41 -1.71
C ASP D 74 7.43 -79.20 -1.06
N ASP D 75 8.54 -79.02 -1.76
CA ASP D 75 9.83 -78.83 -1.12
C ASP D 75 10.13 -77.55 -0.32
N PHE D 76 9.64 -76.41 -0.75
CA PHE D 76 9.89 -75.13 -0.12
C PHE D 76 8.69 -74.58 0.64
N LYS D 77 7.75 -75.45 1.03
CA LYS D 77 6.54 -75.00 1.71
C LYS D 77 6.75 -74.77 3.19
N GLY D 78 7.97 -74.92 3.70
CA GLY D 78 8.20 -74.79 5.13
C GLY D 78 8.45 -73.35 5.56
N ARG D 79 8.26 -73.12 6.85
CA ARG D 79 8.57 -71.86 7.51
C ARG D 79 9.64 -72.10 8.55
N PRO D 80 10.73 -71.32 8.58
CA PRO D 80 11.80 -71.60 9.54
C PRO D 80 11.34 -71.46 10.98
N ASP D 81 12.10 -72.10 11.87
CA ASP D 81 11.81 -72.09 13.31
C ASP D 81 12.49 -70.89 13.95
N LEU D 82 11.95 -69.72 13.62
CA LEU D 82 12.52 -68.46 14.08
C LEU D 82 11.89 -68.04 15.41
N TYR D 83 12.62 -67.22 16.14
CA TYR D 83 12.21 -66.81 17.46
C TYR D 83 11.07 -65.88 17.41
N THR D 84 11.10 -64.91 16.52
CA THR D 84 10.03 -63.94 16.45
C THR D 84 8.69 -64.55 16.16
N PHE D 85 8.64 -65.59 15.36
CA PHE D 85 7.42 -66.30 15.08
C PHE D 85 6.80 -66.97 16.32
N THR D 86 7.56 -67.30 17.34
CA THR D 86 7.00 -67.84 18.53
C THR D 86 6.17 -66.85 19.33
N LEU D 87 6.27 -65.55 19.11
CA LEU D 87 5.45 -64.63 19.86
C LEU D 87 4.13 -64.32 19.17
N ILE D 88 3.94 -64.80 17.94
CA ILE D 88 2.75 -64.49 17.16
C ILE D 88 1.66 -65.50 17.50
N SER D 89 0.53 -64.99 17.99
CA SER D 89 -0.65 -65.81 18.27
C SER D 89 -0.32 -66.97 19.20
N ASN D 90 0.40 -66.67 20.29
CA ASN D 90 0.72 -67.63 21.33
C ASN D 90 1.66 -68.73 20.84
N GLY D 91 2.34 -68.50 19.71
CA GLY D 91 3.18 -69.52 19.13
C GLY D 91 2.46 -70.52 18.26
N GLN D 92 1.18 -70.31 17.98
CA GLN D 92 0.37 -71.21 17.18
C GLN D 92 -0.19 -70.50 15.95
N SER D 93 0.59 -69.58 15.39
CA SER D 93 0.15 -68.85 14.21
C SER D 93 0.24 -69.74 12.98
N MET D 94 -0.81 -69.72 12.15
CA MET D 94 -0.86 -70.60 11.00
C MET D 94 0.12 -70.15 9.92
N SER D 95 0.30 -68.84 9.74
CA SER D 95 1.18 -68.34 8.68
C SER D 95 2.64 -68.38 9.08
N PHE D 96 2.94 -68.28 10.37
CA PHE D 96 4.32 -68.26 10.86
C PHE D 96 4.66 -69.50 11.68
N SER D 97 3.73 -70.45 11.82
CA SER D 97 4.08 -71.74 12.39
C SER D 97 5.22 -72.35 11.60
N PRO D 98 6.13 -73.09 12.24
CA PRO D 98 7.08 -73.92 11.49
C PRO D 98 6.40 -75.09 10.82
N ASP D 99 5.16 -75.38 11.21
CA ASP D 99 4.43 -76.55 10.74
C ASP D 99 3.93 -76.30 9.32
N SER D 100 4.34 -77.11 8.37
CA SER D 100 3.78 -76.96 7.03
C SER D 100 3.03 -78.25 6.69
N GLY D 101 2.69 -79.08 7.67
CA GLY D 101 2.07 -80.36 7.40
C GLY D 101 0.59 -80.34 7.05
N PRO D 102 -0.04 -81.54 6.97
CA PRO D 102 -1.46 -81.57 6.61
C PRO D 102 -2.32 -80.74 7.57
N VAL D 103 -2.04 -80.79 8.87
CA VAL D 103 -2.73 -79.97 9.84
C VAL D 103 -2.70 -78.50 9.38
N TRP D 104 -1.59 -78.04 8.80
CA TRP D 104 -1.59 -76.66 8.32
C TRP D 104 -2.47 -76.49 7.09
N ALA D 105 -2.23 -77.31 6.06
CA ALA D 105 -2.97 -77.16 4.80
C ALA D 105 -4.47 -77.24 5.02
N ALA D 106 -4.91 -77.95 6.07
CA ALA D 106 -6.34 -77.98 6.38
C ALA D 106 -6.83 -76.59 6.79
N ARG D 107 -6.14 -75.96 7.74
CA ARG D 107 -6.51 -74.62 8.16
C ARG D 107 -6.53 -73.67 6.97
N ARG D 108 -5.47 -73.70 6.16
CA ARG D 108 -5.41 -72.85 4.97
C ARG D 108 -6.68 -72.98 4.14
N ARG D 109 -7.16 -74.21 3.96
CA ARG D 109 -8.42 -74.38 3.24
C ARG D 109 -9.58 -73.73 3.98
N LEU D 110 -9.60 -73.85 5.31
CA LEU D 110 -10.70 -73.24 6.07
C LEU D 110 -10.64 -71.72 6.01
N ALA D 111 -9.44 -71.14 5.98
CA ALA D 111 -9.31 -69.70 5.79
C ALA D 111 -9.89 -69.29 4.44
N GLN D 112 -9.48 -69.98 3.37
CA GLN D 112 -10.00 -69.65 2.05
C GLN D 112 -11.52 -69.81 2.00
N ASN D 113 -11.97 -70.86 2.62
CA ASN D 113 -13.37 -71.10 2.62
C ASN D 113 -14.03 -69.98 3.32
N GLY D 114 -13.68 -69.69 4.57
CA GLY D 114 -14.28 -68.65 5.38
C GLY D 114 -14.32 -67.31 4.67
N LEU D 115 -13.21 -66.92 4.06
CA LEU D 115 -13.14 -65.62 3.40
C LEU D 115 -14.13 -65.56 2.24
N LYS D 116 -13.87 -66.33 1.18
CA LYS D 116 -14.73 -66.27 0.00
C LYS D 116 -16.18 -66.60 0.33
N SER D 117 -16.43 -67.15 1.49
CA SER D 117 -17.80 -67.34 1.90
C SER D 117 -18.39 -66.02 2.31
N PHE D 118 -17.56 -65.08 2.72
CA PHE D 118 -18.00 -63.75 3.11
C PHE D 118 -17.15 -62.69 2.45
N SER D 119 -16.60 -63.03 1.28
CA SER D 119 -15.84 -62.08 0.47
C SER D 119 -16.55 -61.79 -0.84
N ILE D 120 -16.52 -62.73 -1.80
CA ILE D 120 -17.23 -62.62 -3.07
C ILE D 120 -18.65 -63.15 -2.99
N ALA D 121 -19.07 -63.65 -1.83
CA ALA D 121 -20.35 -64.33 -1.71
C ALA D 121 -21.52 -63.36 -1.89
N SER D 122 -22.68 -63.93 -2.26
CA SER D 122 -23.90 -63.15 -2.38
C SER D 122 -24.35 -62.71 -0.98
N ASP D 123 -24.34 -61.42 -0.74
CA ASP D 123 -24.92 -60.87 0.50
C ASP D 123 -26.44 -60.95 0.39
N PRO D 124 -27.13 -61.59 1.35
CA PRO D 124 -28.59 -61.68 1.24
C PRO D 124 -29.32 -60.36 1.31
N ALA D 125 -28.59 -59.25 1.48
CA ALA D 125 -29.18 -57.92 1.55
C ALA D 125 -29.04 -57.13 0.26
N SER D 126 -28.30 -57.64 -0.72
CA SER D 126 -28.16 -56.96 -2.00
C SER D 126 -28.08 -58.00 -3.11
N SER D 127 -28.92 -57.83 -4.14
CA SER D 127 -28.95 -58.74 -5.27
C SER D 127 -27.86 -58.43 -6.30
N THR D 128 -27.20 -57.28 -6.19
CA THR D 128 -26.35 -56.80 -7.28
C THR D 128 -24.93 -57.30 -7.21
N SER D 129 -24.30 -57.31 -6.03
CA SER D 129 -22.90 -57.69 -5.97
C SER D 129 -22.55 -58.20 -4.58
N CYS D 130 -21.25 -58.20 -4.27
CA CYS D 130 -20.69 -59.02 -3.21
C CYS D 130 -20.94 -58.45 -1.82
N TYR D 131 -20.50 -59.21 -0.81
CA TYR D 131 -20.34 -58.65 0.54
C TYR D 131 -19.35 -57.49 0.50
N LEU D 132 -18.21 -57.70 -0.17
CA LEU D 132 -17.16 -56.69 -0.18
C LEU D 132 -17.66 -55.39 -0.79
N GLU D 133 -18.31 -55.47 -1.96
CA GLU D 133 -18.77 -54.25 -2.62
C GLU D 133 -19.61 -53.39 -1.68
N GLU D 134 -20.46 -54.03 -0.87
CA GLU D 134 -21.23 -53.29 0.12
C GLU D 134 -20.31 -52.69 1.18
N HIS D 135 -19.43 -53.52 1.74
CA HIS D 135 -18.57 -53.05 2.82
C HIS D 135 -17.63 -51.95 2.36
N VAL D 136 -17.03 -52.12 1.18
CA VAL D 136 -16.00 -51.18 0.75
C VAL D 136 -16.62 -49.83 0.37
N SER D 137 -17.78 -49.85 -0.27
CA SER D 137 -18.39 -48.60 -0.72
C SER D 137 -18.95 -47.80 0.45
N LYS D 138 -19.59 -48.47 1.42
CA LYS D 138 -20.07 -47.76 2.59
C LYS D 138 -18.91 -47.11 3.34
N GLU D 139 -17.78 -47.82 3.44
CA GLU D 139 -16.60 -47.25 4.08
C GLU D 139 -15.90 -46.23 3.20
N ALA D 140 -16.02 -46.37 1.88
CA ALA D 140 -15.51 -45.34 0.99
C ALA D 140 -16.29 -44.04 1.12
N GLU D 141 -17.59 -44.14 1.43
CA GLU D 141 -18.40 -42.93 1.59
C GLU D 141 -18.13 -42.26 2.94
N VAL D 142 -18.21 -43.03 4.03
CA VAL D 142 -17.95 -42.46 5.35
C VAL D 142 -16.57 -41.81 5.39
N LEU D 143 -15.63 -42.32 4.60
CA LEU D 143 -14.30 -41.72 4.55
C LEU D 143 -14.32 -40.38 3.84
N ILE D 144 -15.03 -40.29 2.71
CA ILE D 144 -15.13 -39.03 2.00
C ILE D 144 -15.69 -37.95 2.93
N SER D 145 -16.80 -38.26 3.61
CA SER D 145 -17.40 -37.30 4.52
C SER D 145 -16.43 -36.92 5.63
N THR D 146 -15.70 -37.90 6.17
CA THR D 146 -14.77 -37.62 7.25
C THR D 146 -13.63 -36.71 6.78
N LEU D 147 -13.16 -36.92 5.54
CA LEU D 147 -12.09 -36.08 5.02
C LEU D 147 -12.58 -34.64 4.83
N GLN D 148 -13.77 -34.48 4.24
CA GLN D 148 -14.35 -33.15 4.11
C GLN D 148 -14.43 -32.43 5.45
N GLU D 149 -14.68 -33.17 6.52
CA GLU D 149 -14.82 -32.53 7.83
C GLU D 149 -13.53 -31.87 8.29
N LEU D 150 -12.38 -32.39 7.86
CA LEU D 150 -11.09 -31.83 8.27
C LEU D 150 -10.56 -30.81 7.27
N MET D 151 -11.03 -30.84 6.02
CA MET D 151 -10.75 -29.72 5.12
C MET D 151 -11.50 -28.48 5.56
N ALA D 152 -12.67 -28.64 6.18
CA ALA D 152 -13.38 -27.51 6.75
C ALA D 152 -12.71 -27.01 8.02
N GLY D 153 -12.04 -27.90 8.77
CA GLY D 153 -11.39 -27.54 10.00
C GLY D 153 -9.94 -27.14 9.79
N PRO D 154 -9.00 -28.05 10.06
CA PRO D 154 -7.59 -27.69 9.89
C PRO D 154 -7.19 -27.42 8.45
N GLY D 155 -7.83 -28.09 7.49
CA GLY D 155 -7.45 -27.96 6.10
C GLY D 155 -6.40 -28.95 5.64
N HIS D 156 -5.97 -29.87 6.51
CA HIS D 156 -4.97 -30.86 6.14
C HIS D 156 -5.08 -32.04 7.11
N PHE D 157 -4.66 -33.21 6.63
CA PHE D 157 -4.82 -34.43 7.39
C PHE D 157 -3.70 -35.40 7.06
N ASN D 158 -3.59 -36.47 7.86
CA ASN D 158 -2.69 -37.56 7.58
C ASN D 158 -3.52 -38.71 7.01
N PRO D 159 -3.33 -39.08 5.74
CA PRO D 159 -4.27 -40.06 5.15
C PRO D 159 -4.20 -41.44 5.79
N TYR D 160 -3.01 -41.89 6.19
CA TYR D 160 -2.91 -43.21 6.80
C TYR D 160 -3.73 -43.31 8.08
N ARG D 161 -3.96 -42.18 8.75
CA ARG D 161 -4.69 -42.22 10.02
C ARG D 161 -6.15 -42.61 9.81
N TYR D 162 -6.78 -42.11 8.74
CA TYR D 162 -8.19 -42.36 8.49
C TYR D 162 -8.43 -43.42 7.43
N VAL D 163 -7.41 -43.78 6.65
CA VAL D 163 -7.55 -44.91 5.74
C VAL D 163 -7.38 -46.23 6.50
N VAL D 164 -6.50 -46.25 7.50
CA VAL D 164 -6.26 -47.48 8.24
C VAL D 164 -7.52 -47.99 8.93
N VAL D 165 -8.48 -47.10 9.17
CA VAL D 165 -9.71 -47.50 9.87
C VAL D 165 -10.76 -48.01 8.89
N SER D 166 -11.00 -47.29 7.79
CA SER D 166 -11.96 -47.77 6.82
C SER D 166 -11.51 -49.06 6.16
N VAL D 167 -10.19 -49.24 6.00
CA VAL D 167 -9.69 -50.51 5.47
C VAL D 167 -9.79 -51.60 6.53
N THR D 168 -9.67 -51.23 7.81
CA THR D 168 -9.89 -52.22 8.86
C THR D 168 -11.37 -52.55 9.02
N ASN D 169 -12.25 -51.62 8.65
CA ASN D 169 -13.67 -51.86 8.80
C ASN D 169 -14.16 -52.95 7.86
N VAL D 170 -13.64 -52.98 6.63
CA VAL D 170 -14.11 -53.97 5.66
C VAL D 170 -13.70 -55.37 6.08
N ILE D 171 -12.45 -55.55 6.52
CA ILE D 171 -12.00 -56.88 6.92
C ILE D 171 -12.43 -57.20 8.35
N CYS D 172 -12.77 -56.19 9.16
CA CYS D 172 -13.40 -56.45 10.45
C CYS D 172 -14.89 -56.70 10.31
N ALA D 173 -15.49 -56.32 9.19
CA ALA D 173 -16.85 -56.72 8.88
C ALA D 173 -16.91 -58.11 8.28
N ILE D 174 -15.88 -58.50 7.52
CA ILE D 174 -15.80 -59.85 6.99
C ILE D 174 -15.46 -60.85 8.09
N CYS D 175 -14.85 -60.39 9.19
CA CYS D 175 -14.37 -61.26 10.24
C CYS D 175 -15.20 -61.22 11.51
N PHE D 176 -15.62 -60.04 11.96
CA PHE D 176 -16.32 -59.89 13.23
C PHE D 176 -17.68 -59.22 13.08
N GLY D 177 -18.14 -59.00 11.86
CA GLY D 177 -19.45 -58.38 11.65
C GLY D 177 -19.60 -57.02 12.27
N ARG D 178 -18.49 -56.29 12.43
CA ARG D 178 -18.49 -55.03 13.16
C ARG D 178 -17.82 -53.94 12.33
N ARG D 179 -18.20 -52.69 12.61
CA ARG D 179 -17.51 -51.52 12.11
C ARG D 179 -17.27 -50.58 13.28
N TYR D 180 -16.41 -49.60 13.07
CA TYR D 180 -15.97 -48.70 14.14
C TYR D 180 -15.90 -47.27 13.62
N ASP D 181 -16.21 -46.33 14.50
CA ASP D 181 -16.08 -44.92 14.15
C ASP D 181 -14.60 -44.56 14.00
N HIS D 182 -14.34 -43.50 13.25
CA HIS D 182 -12.97 -43.11 12.91
C HIS D 182 -12.23 -42.47 14.06
N ASN D 183 -12.72 -42.63 15.29
CA ASN D 183 -12.01 -42.14 16.45
C ASN D 183 -12.12 -43.07 17.65
N HIS D 184 -12.63 -44.29 17.46
CA HIS D 184 -12.68 -45.25 18.56
C HIS D 184 -11.27 -45.53 19.05
N GLN D 185 -10.99 -45.18 20.31
CA GLN D 185 -9.63 -45.14 20.80
C GLN D 185 -9.06 -46.50 21.15
N GLU D 186 -9.87 -47.56 21.19
CA GLU D 186 -9.34 -48.89 21.43
C GLU D 186 -9.13 -49.69 20.15
N LEU D 187 -9.68 -49.24 19.03
CA LEU D 187 -9.24 -49.78 17.74
C LEU D 187 -7.94 -49.11 17.32
N LEU D 188 -7.93 -47.79 17.20
CA LEU D 188 -6.71 -47.08 16.85
C LEU D 188 -5.55 -47.47 17.74
N SER D 189 -5.85 -47.92 18.97
CA SER D 189 -4.81 -48.41 19.86
C SER D 189 -4.12 -49.64 19.29
N LEU D 190 -4.73 -50.33 18.34
CA LEU D 190 -4.18 -51.57 17.79
C LEU D 190 -3.68 -51.43 16.37
N VAL D 191 -4.39 -50.70 15.51
CA VAL D 191 -4.03 -50.67 14.10
C VAL D 191 -3.06 -49.54 13.75
N ASN D 192 -3.10 -48.42 14.47
CA ASN D 192 -2.20 -47.31 14.19
C ASN D 192 -1.62 -46.73 15.48
N LEU D 193 -1.01 -47.58 16.31
CA LEU D 193 -0.30 -47.11 17.51
C LEU D 193 0.90 -48.04 17.70
N ASN D 194 2.09 -47.55 17.33
CA ASN D 194 3.33 -48.32 17.39
C ASN D 194 3.18 -49.62 16.59
N ASN D 195 2.92 -49.45 15.30
CA ASN D 195 2.81 -50.56 14.35
C ASN D 195 4.23 -50.91 13.90
N ASN D 196 4.89 -51.77 14.68
CA ASN D 196 6.24 -52.23 14.36
C ASN D 196 6.25 -53.69 13.94
N PHE D 197 5.09 -54.29 13.71
CA PHE D 197 5.01 -55.67 13.25
C PHE D 197 5.88 -55.85 12.01
N GLY D 198 5.65 -55.04 10.98
CA GLY D 198 6.43 -55.15 9.76
C GLY D 198 7.92 -54.99 10.00
N GLU D 199 8.30 -54.15 10.96
CA GLU D 199 9.71 -53.85 11.17
C GLU D 199 10.46 -54.97 11.89
N VAL D 200 9.78 -55.85 12.59
CA VAL D 200 10.42 -56.90 13.36
C VAL D 200 10.52 -58.21 12.58
N VAL D 201 9.38 -58.69 12.07
CA VAL D 201 9.39 -59.99 11.39
C VAL D 201 10.04 -59.94 10.03
N GLY D 202 10.26 -58.74 9.47
CA GLY D 202 10.91 -58.60 8.19
C GLY D 202 12.12 -59.50 8.06
N SER D 203 12.28 -60.12 6.90
CA SER D 203 13.35 -61.09 6.69
C SER D 203 14.69 -60.52 7.16
N GLY D 204 15.38 -61.29 7.98
CA GLY D 204 16.74 -60.97 8.37
C GLY D 204 16.90 -60.15 9.63
N ASN D 205 15.85 -60.02 10.46
CA ASN D 205 16.05 -59.17 11.62
C ASN D 205 16.91 -59.89 12.67
N PRO D 206 17.88 -59.22 13.26
CA PRO D 206 19.00 -59.94 13.91
C PRO D 206 18.62 -60.78 15.11
N ALA D 207 17.53 -60.46 15.81
CA ALA D 207 17.22 -61.18 17.05
C ALA D 207 17.01 -62.67 16.82
N ASP D 208 16.64 -63.07 15.60
CA ASP D 208 16.35 -64.46 15.31
C ASP D 208 17.60 -65.33 15.17
N PHE D 209 18.74 -64.72 14.85
CA PHE D 209 19.94 -65.47 14.51
C PHE D 209 21.12 -65.23 15.44
N ILE D 210 21.07 -64.20 16.28
CA ILE D 210 22.05 -63.96 17.33
C ILE D 210 21.37 -64.27 18.66
N PRO D 211 21.73 -65.36 19.35
CA PRO D 211 20.92 -65.81 20.50
C PRO D 211 20.93 -64.86 21.69
N ILE D 212 21.76 -63.83 21.69
CA ILE D 212 21.92 -62.94 22.85
C ILE D 212 20.92 -61.79 22.82
N LEU D 213 20.68 -61.22 21.64
CA LEU D 213 19.86 -60.03 21.52
C LEU D 213 18.48 -60.21 22.10
N ARG D 214 18.07 -61.45 22.38
CA ARG D 214 16.78 -61.67 23.03
C ARG D 214 16.79 -61.21 24.49
N TYR D 215 17.93 -61.31 25.16
CA TYR D 215 18.02 -61.02 26.58
C TYR D 215 18.49 -59.60 26.89
N LEU D 216 18.86 -58.82 25.88
CA LEU D 216 19.30 -57.45 26.12
C LEU D 216 18.11 -56.52 26.27
N PRO D 217 18.28 -55.37 26.95
CA PRO D 217 17.24 -54.33 26.92
C PRO D 217 16.81 -54.01 25.50
N ASN D 218 15.63 -54.47 25.11
CA ASN D 218 15.15 -54.36 23.73
C ASN D 218 13.79 -53.68 23.70
N PRO D 219 13.71 -52.41 23.32
CA PRO D 219 12.40 -51.75 23.22
C PRO D 219 11.56 -52.30 22.09
N SER D 220 12.13 -52.35 20.89
CA SER D 220 11.34 -52.74 19.71
C SER D 220 10.77 -54.14 19.85
N LEU D 221 11.44 -55.02 20.60
CA LEU D 221 10.98 -56.39 20.70
C LEU D 221 9.92 -56.59 21.77
N ASN D 222 9.94 -55.81 22.85
CA ASN D 222 8.90 -55.92 23.86
C ASN D 222 7.60 -55.27 23.39
N ALA D 223 7.70 -54.18 22.62
CA ALA D 223 6.52 -53.66 21.94
C ALA D 223 5.90 -54.72 21.03
N PHE D 224 6.74 -55.58 20.45
CA PHE D 224 6.24 -56.68 19.64
C PHE D 224 5.42 -57.66 20.47
N LYS D 225 5.88 -57.97 21.68
CA LYS D 225 5.16 -58.91 22.53
C LYS D 225 3.87 -58.29 23.07
N ASP D 226 3.82 -56.97 23.22
CA ASP D 226 2.63 -56.33 23.72
C ASP D 226 1.58 -56.11 22.63
N LEU D 227 2.04 -55.92 21.37
CA LEU D 227 1.09 -55.78 20.27
C LEU D 227 0.48 -57.14 19.90
N ASN D 228 1.20 -58.23 20.11
CA ASN D 228 0.67 -59.54 19.76
C ASN D 228 -0.22 -60.11 20.86
N GLU D 229 0.08 -59.74 22.09
CA GLU D 229 -0.77 -60.19 23.16
C GLU D 229 -1.96 -59.27 23.19
N LYS D 230 -1.83 -58.02 22.84
CA LYS D 230 -2.95 -57.09 22.74
C LYS D 230 -3.88 -57.42 21.59
N PHE D 231 -3.39 -58.17 20.58
CA PHE D 231 -4.22 -58.64 19.48
C PHE D 231 -4.87 -59.98 19.79
N TYR D 232 -4.20 -60.84 20.55
CA TYR D 232 -4.84 -62.07 21.03
C TYR D 232 -5.96 -61.75 22.01
N SER D 233 -5.85 -60.62 22.68
CA SER D 233 -6.85 -60.22 23.65
C SER D 233 -8.11 -59.77 22.95
N PHE D 234 -7.94 -58.87 22.02
CA PHE D 234 -9.06 -58.40 21.21
C PHE D 234 -9.82 -59.56 20.57
N MET D 235 -9.10 -60.55 20.08
CA MET D 235 -9.73 -61.69 19.41
C MET D 235 -10.39 -62.62 20.41
N GLN D 236 -9.66 -63.01 21.47
CA GLN D 236 -10.16 -64.04 22.37
C GLN D 236 -11.51 -63.66 22.97
N LYS D 237 -11.62 -62.43 23.48
CA LYS D 237 -12.85 -62.00 24.13
C LYS D 237 -13.88 -61.46 23.16
N MET D 238 -13.55 -61.37 21.87
CA MET D 238 -14.52 -60.99 20.85
C MET D 238 -15.26 -62.20 20.30
N VAL D 239 -14.54 -63.30 20.06
CA VAL D 239 -15.20 -64.55 19.69
C VAL D 239 -15.98 -65.11 20.87
N LYS D 240 -15.43 -64.97 22.08
CA LYS D 240 -16.14 -65.43 23.27
C LYS D 240 -17.51 -64.79 23.38
N GLU D 241 -17.66 -63.57 22.87
CA GLU D 241 -18.97 -62.94 22.80
C GLU D 241 -19.76 -63.34 21.57
N HIS D 242 -19.09 -63.74 20.49
CA HIS D 242 -19.81 -64.28 19.34
C HIS D 242 -20.50 -65.59 19.68
N TYR D 243 -19.92 -66.38 20.59
CA TYR D 243 -20.52 -67.65 20.98
C TYR D 243 -21.82 -67.43 21.74
N LYS D 244 -21.87 -66.40 22.60
CA LYS D 244 -23.08 -66.14 23.36
C LYS D 244 -24.24 -65.78 22.45
N THR D 245 -23.98 -65.06 21.37
CA THR D 245 -25.01 -64.62 20.44
C THR D 245 -25.04 -65.47 19.17
N PHE D 246 -24.71 -66.76 19.27
CA PHE D 246 -24.67 -67.66 18.13
C PHE D 246 -26.01 -68.41 18.04
N GLU D 247 -26.68 -68.27 16.90
CA GLU D 247 -27.76 -69.16 16.50
C GLU D 247 -27.30 -69.93 15.27
N LYS D 248 -27.21 -71.26 15.41
CA LYS D 248 -26.46 -72.07 14.46
C LYS D 248 -26.99 -71.98 13.04
N GLY D 249 -28.23 -71.54 12.84
CA GLY D 249 -28.82 -71.56 11.52
C GLY D 249 -28.27 -70.50 10.59
N HIS D 250 -27.91 -69.34 11.11
CA HIS D 250 -27.45 -68.21 10.32
C HIS D 250 -26.05 -67.83 10.77
N ILE D 251 -25.08 -68.07 9.88
CA ILE D 251 -23.69 -67.68 10.13
C ILE D 251 -23.51 -66.24 9.69
N ARG D 252 -23.02 -65.40 10.61
CA ARG D 252 -22.90 -63.97 10.31
C ARG D 252 -21.59 -63.65 9.59
N ASP D 253 -20.50 -64.31 9.95
CA ASP D 253 -19.23 -64.15 9.24
C ASP D 253 -18.19 -65.14 9.76
N ILE D 254 -16.92 -64.90 9.46
CA ILE D 254 -15.92 -65.96 9.57
C ILE D 254 -15.76 -66.42 11.01
N THR D 255 -15.75 -65.49 11.96
CA THR D 255 -15.66 -65.90 13.37
C THR D 255 -16.70 -66.96 13.68
N ASP D 256 -17.94 -66.74 13.24
CA ASP D 256 -18.97 -67.76 13.38
C ASP D 256 -18.66 -68.99 12.54
N SER D 257 -18.20 -68.77 11.30
CA SER D 257 -17.89 -69.88 10.41
C SER D 257 -16.95 -70.88 11.07
N LEU D 258 -15.95 -70.38 11.79
CA LEU D 258 -14.98 -71.25 12.44
C LEU D 258 -15.55 -71.88 13.70
N ILE D 259 -16.32 -71.14 14.48
CA ILE D 259 -16.82 -71.75 15.70
C ILE D 259 -17.83 -72.84 15.35
N GLU D 260 -18.50 -72.73 14.19
CA GLU D 260 -19.40 -73.81 13.80
C GLU D 260 -18.65 -75.13 13.61
N HIS D 261 -17.65 -75.14 12.73
CA HIS D 261 -16.85 -76.33 12.45
C HIS D 261 -16.09 -76.79 13.69
N CYS D 262 -16.18 -76.04 14.78
CA CYS D 262 -15.65 -76.47 16.06
C CYS D 262 -16.67 -77.36 16.77
N LEU D 275 -5.30 -80.20 15.64
CA LEU D 275 -6.39 -79.42 15.08
C LEU D 275 -7.28 -78.82 16.17
N SER D 276 -6.66 -78.14 17.13
CA SER D 276 -7.39 -77.56 18.26
C SER D 276 -8.12 -76.31 17.84
N ASP D 277 -9.23 -76.02 18.54
CA ASP D 277 -10.01 -74.82 18.25
C ASP D 277 -9.16 -73.56 18.35
N GLU D 278 -8.18 -73.55 19.27
CA GLU D 278 -7.25 -72.44 19.31
C GLU D 278 -6.57 -72.24 17.96
N LYS D 279 -6.20 -73.34 17.30
CA LYS D 279 -5.59 -73.24 15.99
C LYS D 279 -6.61 -73.02 14.88
N ILE D 280 -7.89 -73.31 15.14
CA ILE D 280 -8.93 -73.04 14.15
C ILE D 280 -9.49 -71.63 14.30
N ILE D 281 -9.55 -71.10 15.52
CA ILE D 281 -10.10 -69.77 15.76
C ILE D 281 -9.05 -68.68 15.56
N ASN D 282 -7.76 -69.02 15.76
CA ASN D 282 -6.68 -68.06 15.52
C ASN D 282 -6.63 -67.57 14.08
N ILE D 283 -7.29 -68.27 13.16
CA ILE D 283 -7.18 -67.94 11.74
C ILE D 283 -7.70 -66.54 11.46
N VAL D 284 -8.83 -66.18 12.09
CA VAL D 284 -9.36 -64.82 11.93
C VAL D 284 -8.29 -63.78 12.24
N LEU D 285 -7.41 -64.09 13.19
CA LEU D 285 -6.34 -63.15 13.55
C LEU D 285 -5.33 -63.02 12.41
N ASP D 286 -4.93 -64.15 11.82
CA ASP D 286 -4.01 -64.08 10.67
C ASP D 286 -4.64 -63.32 9.52
N LEU D 287 -5.96 -63.45 9.33
CA LEU D 287 -6.63 -62.74 8.25
C LEU D 287 -6.88 -61.28 8.62
N PHE D 288 -7.23 -61.01 9.88
CA PHE D 288 -7.44 -59.63 10.31
C PHE D 288 -6.15 -58.84 10.24
N GLY D 289 -5.06 -59.40 10.78
CA GLY D 289 -3.78 -58.69 10.75
C GLY D 289 -3.33 -58.39 9.34
N ALA D 290 -3.29 -59.41 8.48
CA ALA D 290 -2.90 -59.18 7.09
C ALA D 290 -3.92 -58.33 6.36
N GLY D 291 -5.19 -58.39 6.77
CA GLY D 291 -6.22 -57.64 6.07
C GLY D 291 -6.00 -56.14 6.11
N PHE D 292 -5.80 -55.59 7.31
CA PHE D 292 -5.70 -54.14 7.44
C PHE D 292 -4.30 -53.63 7.15
N ASP D 293 -3.27 -54.34 7.62
CA ASP D 293 -1.92 -53.80 7.53
C ASP D 293 -1.41 -53.75 6.09
N THR D 294 -1.72 -54.79 5.31
CA THR D 294 -1.19 -54.85 3.95
C THR D 294 -2.00 -53.98 2.99
N VAL D 295 -3.32 -54.04 3.08
CA VAL D 295 -4.16 -53.25 2.16
C VAL D 295 -4.04 -51.76 2.47
N THR D 296 -3.85 -51.41 3.75
CA THR D 296 -3.67 -50.01 4.11
C THR D 296 -2.39 -49.45 3.49
N THR D 297 -1.27 -50.13 3.70
CA THR D 297 -0.01 -49.69 3.12
C THR D 297 -0.10 -49.59 1.60
N ALA D 298 -0.88 -50.49 0.97
CA ALA D 298 -1.03 -50.44 -0.47
C ALA D 298 -1.80 -49.21 -0.92
N ILE D 299 -2.87 -48.88 -0.22
CA ILE D 299 -3.62 -47.66 -0.57
C ILE D 299 -2.87 -46.42 -0.09
N SER D 300 -2.17 -46.51 1.04
CA SER D 300 -1.39 -45.37 1.52
C SER D 300 -0.33 -44.98 0.51
N TRP D 301 0.41 -45.96 -0.02
CA TRP D 301 1.39 -45.68 -1.05
C TRP D 301 0.72 -45.13 -2.31
N SER D 302 -0.45 -45.66 -2.66
CA SER D 302 -1.13 -45.22 -3.86
C SER D 302 -1.31 -43.71 -3.86
N LEU D 303 -1.82 -43.16 -2.76
CA LEU D 303 -2.11 -41.74 -2.71
C LEU D 303 -0.83 -40.91 -2.67
N MET D 304 0.20 -41.39 -1.96
CA MET D 304 1.47 -40.68 -1.99
C MET D 304 2.08 -40.68 -3.39
N TYR D 305 1.69 -41.63 -4.24
CA TYR D 305 2.07 -41.56 -5.65
C TYR D 305 1.16 -40.61 -6.42
N LEU D 306 -0.12 -40.55 -6.05
CA LEU D 306 -1.03 -39.63 -6.72
C LEU D 306 -0.74 -38.18 -6.36
N VAL D 307 -0.33 -37.93 -5.11
CA VAL D 307 0.03 -36.58 -4.71
C VAL D 307 1.24 -36.08 -5.51
N MET D 308 2.22 -36.95 -5.71
CA MET D 308 3.50 -36.58 -6.30
C MET D 308 3.60 -36.91 -7.78
N ASN D 309 2.53 -37.43 -8.38
CA ASN D 309 2.44 -37.60 -9.83
C ASN D 309 1.05 -37.16 -10.26
N PRO D 310 0.75 -35.86 -10.12
CA PRO D 310 -0.62 -35.40 -10.40
C PRO D 310 -1.12 -35.74 -11.79
N ARG D 311 -0.23 -35.81 -12.78
CA ARG D 311 -0.67 -36.17 -14.12
C ARG D 311 -1.25 -37.58 -14.14
N VAL D 312 -0.69 -38.49 -13.34
CA VAL D 312 -1.24 -39.83 -13.24
C VAL D 312 -2.60 -39.78 -12.54
N GLN D 313 -2.81 -38.79 -11.67
CA GLN D 313 -4.11 -38.65 -11.04
C GLN D 313 -5.15 -38.12 -12.03
N ARG D 314 -4.75 -37.19 -12.89
CA ARG D 314 -5.72 -36.62 -13.84
C ARG D 314 -6.04 -37.61 -14.95
N LYS D 315 -5.04 -38.30 -15.48
CA LYS D 315 -5.31 -39.33 -16.49
C LYS D 315 -6.19 -40.43 -15.94
N ILE D 316 -6.05 -40.74 -14.65
CA ILE D 316 -6.95 -41.71 -14.02
C ILE D 316 -8.37 -41.18 -14.04
N GLN D 317 -8.59 -40.00 -13.46
CA GLN D 317 -9.92 -39.40 -13.42
C GLN D 317 -10.53 -39.31 -14.81
N GLU D 318 -9.74 -38.83 -15.78
CA GLU D 318 -10.24 -38.72 -17.15
C GLU D 318 -10.80 -40.06 -17.64
N GLU D 319 -10.14 -41.16 -17.29
CA GLU D 319 -10.66 -42.47 -17.65
C GLU D 319 -11.99 -42.72 -16.96
N LEU D 320 -12.03 -42.53 -15.64
CA LEU D 320 -13.27 -42.72 -14.90
C LEU D 320 -14.37 -41.80 -15.40
N ASP D 321 -13.99 -40.65 -15.96
CA ASP D 321 -14.99 -39.73 -16.50
C ASP D 321 -15.44 -40.13 -17.91
N THR D 322 -14.56 -40.78 -18.67
CA THR D 322 -14.89 -41.19 -20.03
C THR D 322 -15.61 -42.54 -20.08
N VAL D 323 -15.25 -43.46 -19.18
CA VAL D 323 -15.79 -44.81 -19.23
C VAL D 323 -17.01 -45.01 -18.35
N ILE D 324 -17.14 -44.20 -17.32
CA ILE D 324 -18.31 -44.26 -16.49
C ILE D 324 -19.07 -42.94 -16.40
N GLY D 325 -18.44 -41.79 -16.57
CA GLY D 325 -19.18 -40.57 -16.44
C GLY D 325 -19.34 -40.23 -14.98
N ARG D 326 -20.26 -39.35 -14.62
CA ARG D 326 -20.41 -39.05 -13.22
C ARG D 326 -21.83 -39.24 -12.81
N SER D 327 -22.47 -40.21 -13.42
CA SER D 327 -23.88 -40.50 -13.19
C SER D 327 -24.10 -41.65 -12.22
N ARG D 328 -23.05 -42.37 -11.83
CA ARG D 328 -23.20 -43.47 -10.88
C ARG D 328 -21.85 -43.77 -10.26
N ARG D 329 -21.89 -44.47 -9.12
CA ARG D 329 -20.67 -44.89 -8.46
C ARG D 329 -20.04 -46.05 -9.23
N PRO D 330 -18.71 -46.08 -9.36
CA PRO D 330 -18.08 -47.23 -10.01
C PRO D 330 -18.28 -48.49 -9.19
N ARG D 331 -18.35 -49.62 -9.88
CA ARG D 331 -18.53 -50.92 -9.26
C ARG D 331 -17.50 -51.89 -9.85
N LEU D 332 -17.29 -52.99 -9.13
CA LEU D 332 -16.31 -53.98 -9.57
C LEU D 332 -16.55 -54.40 -11.01
N SER D 333 -17.78 -54.29 -11.48
CA SER D 333 -18.10 -54.54 -12.88
C SER D 333 -17.06 -53.95 -13.83
N ASP D 334 -16.67 -52.72 -13.54
CA ASP D 334 -15.84 -51.97 -14.41
C ASP D 334 -14.38 -52.12 -14.27
N ARG D 335 -13.92 -53.04 -13.44
CA ARG D 335 -12.50 -53.23 -13.29
C ARG D 335 -11.89 -53.63 -14.62
N SER D 336 -12.56 -54.51 -15.36
CA SER D 336 -12.15 -54.93 -16.67
C SER D 336 -12.06 -53.75 -17.62
N HIS D 337 -12.97 -52.80 -17.53
CA HIS D 337 -12.98 -51.65 -18.41
C HIS D 337 -12.17 -50.43 -17.99
N LEU D 338 -11.34 -50.54 -16.95
CA LEU D 338 -10.48 -49.44 -16.52
C LEU D 338 -9.01 -49.88 -16.60
N PRO D 339 -8.47 -49.90 -17.85
CA PRO D 339 -7.10 -50.42 -17.98
C PRO D 339 -6.05 -49.54 -17.33
N TYR D 340 -6.29 -48.23 -17.22
CA TYR D 340 -5.25 -47.34 -16.71
C TYR D 340 -5.17 -47.40 -15.19
N MET D 341 -6.30 -47.54 -14.50
CA MET D 341 -6.23 -47.64 -13.04
C MET D 341 -5.47 -48.89 -12.62
N GLU D 342 -5.85 -50.05 -13.16
CA GLU D 342 -5.13 -51.27 -12.82
C GLU D 342 -3.67 -51.17 -13.24
N ALA D 343 -3.38 -50.47 -14.33
CA ALA D 343 -1.99 -50.19 -14.66
C ALA D 343 -1.34 -49.32 -13.60
N PHE D 344 -2.11 -48.41 -12.98
CA PHE D 344 -1.58 -47.62 -11.88
C PHE D 344 -1.40 -48.46 -10.63
N ILE D 345 -2.29 -49.42 -10.39
CA ILE D 345 -2.15 -50.30 -9.24
C ILE D 345 -0.97 -51.26 -9.44
N LEU D 346 -0.79 -51.75 -10.67
CA LEU D 346 0.35 -52.62 -10.94
C LEU D 346 1.66 -51.88 -10.71
N GLU D 347 1.77 -50.65 -11.23
CA GLU D 347 2.99 -49.87 -11.05
C GLU D 347 3.18 -49.47 -9.59
N THR D 348 2.10 -49.30 -8.84
CA THR D 348 2.23 -49.07 -7.41
C THR D 348 2.78 -50.31 -6.71
N PHE D 349 2.30 -51.50 -7.12
CA PHE D 349 2.83 -52.74 -6.55
C PHE D 349 4.28 -52.95 -6.94
N ARG D 350 4.69 -52.48 -8.13
CA ARG D 350 6.04 -52.75 -8.61
C ARG D 350 7.04 -51.75 -8.02
N HIS D 351 6.81 -50.46 -8.24
CA HIS D 351 7.77 -49.45 -7.79
C HIS D 351 7.95 -49.51 -6.28
N SER D 352 6.84 -49.60 -5.55
CA SER D 352 6.94 -49.69 -4.10
C SER D 352 7.51 -51.04 -3.67
N SER D 353 7.01 -52.12 -4.26
CA SER D 353 7.30 -53.48 -3.78
C SER D 353 7.28 -53.51 -2.25
N PHE D 354 6.23 -52.91 -1.68
CA PHE D 354 6.18 -52.69 -0.25
C PHE D 354 6.14 -54.00 0.54
N VAL D 355 6.16 -55.13 -0.15
CA VAL D 355 6.49 -56.41 0.47
C VAL D 355 7.73 -56.94 -0.26
N PRO D 356 8.94 -56.54 0.13
CA PRO D 356 10.11 -56.89 -0.69
C PRO D 356 10.49 -58.35 -0.57
N PHE D 357 10.37 -58.93 0.61
CA PHE D 357 10.61 -60.34 0.83
C PHE D 357 9.28 -61.04 1.16
N THR D 358 9.12 -62.26 0.67
CA THR D 358 8.10 -63.13 1.23
C THR D 358 8.46 -63.44 2.69
N ILE D 359 7.50 -63.97 3.42
CA ILE D 359 7.86 -64.48 4.75
C ILE D 359 8.88 -65.59 4.57
N PRO D 360 9.94 -65.66 5.37
CA PRO D 360 11.01 -66.63 5.09
C PRO D 360 10.47 -68.05 4.94
N HIS D 361 10.99 -68.75 3.95
CA HIS D 361 10.65 -70.14 3.70
C HIS D 361 11.72 -71.06 4.27
N SER D 362 11.39 -72.35 4.35
CA SER D 362 12.36 -73.36 4.76
C SER D 362 12.05 -74.66 4.03
N THR D 363 13.10 -75.34 3.59
CA THR D 363 12.95 -76.59 2.85
C THR D 363 12.52 -77.70 3.79
N THR D 364 11.63 -78.57 3.30
CA THR D 364 11.11 -79.68 4.10
C THR D 364 11.92 -80.96 3.96
N ARG D 365 12.93 -80.98 3.09
CA ARG D 365 13.80 -82.14 2.94
C ARG D 365 15.00 -81.73 2.11
N ASP D 366 16.04 -82.56 2.14
CA ASP D 366 17.16 -82.37 1.23
C ASP D 366 16.64 -82.25 -0.20
N THR D 367 17.23 -81.35 -0.96
CA THR D 367 16.78 -81.06 -2.31
C THR D 367 17.86 -80.18 -2.94
N SER D 368 17.98 -80.17 -4.25
CA SER D 368 18.79 -79.25 -5.00
C SER D 368 17.94 -78.31 -5.86
N LEU D 369 18.52 -77.28 -6.45
CA LEU D 369 17.76 -76.36 -7.24
C LEU D 369 18.73 -75.73 -8.18
N LYS D 370 18.45 -75.75 -9.47
CA LYS D 370 19.35 -75.19 -10.47
C LYS D 370 20.79 -75.60 -10.32
N GLY D 371 21.01 -76.84 -9.93
CA GLY D 371 22.35 -77.34 -9.76
C GLY D 371 23.03 -77.17 -8.44
N PHE D 372 22.33 -76.78 -7.38
CA PHE D 372 22.98 -76.60 -6.10
C PHE D 372 22.38 -77.46 -5.00
N TYR D 373 23.18 -77.87 -4.01
CA TYR D 373 22.57 -78.68 -2.93
C TYR D 373 22.11 -77.87 -1.69
N ILE D 374 20.87 -78.10 -1.19
CA ILE D 374 20.26 -77.39 -0.06
C ILE D 374 19.69 -78.42 0.90
N PRO D 375 20.25 -78.56 2.11
CA PRO D 375 19.79 -79.64 3.01
C PRO D 375 18.43 -79.40 3.65
N LYS D 376 17.97 -80.38 4.42
CA LYS D 376 16.68 -80.29 5.09
C LYS D 376 16.76 -79.27 6.24
N GLY D 377 15.75 -78.41 6.31
CA GLY D 377 15.67 -77.43 7.37
C GLY D 377 16.39 -76.13 7.12
N ARG D 378 16.79 -75.86 5.88
CA ARG D 378 17.49 -74.62 5.56
C ARG D 378 16.47 -73.49 5.36
N CYS D 379 16.65 -72.41 6.10
CA CYS D 379 15.84 -71.21 5.92
C CYS D 379 16.31 -70.46 4.68
N VAL D 380 15.36 -69.92 3.92
CA VAL D 380 15.66 -69.20 2.68
C VAL D 380 14.77 -67.97 2.58
N PHE D 381 15.33 -66.92 1.98
CA PHE D 381 14.61 -65.68 1.72
C PHE D 381 14.25 -65.61 0.24
N VAL D 382 13.05 -65.09 -0.04
CA VAL D 382 12.55 -64.95 -1.40
C VAL D 382 12.38 -63.46 -1.68
N ASN D 383 13.25 -62.91 -2.53
CA ASN D 383 13.40 -61.47 -2.69
C ASN D 383 12.62 -61.01 -3.92
N GLN D 384 11.30 -60.82 -3.71
CA GLN D 384 10.45 -60.33 -4.77
C GLN D 384 10.89 -58.96 -5.28
N TRP D 385 11.48 -58.14 -4.41
CA TRP D 385 11.94 -56.83 -4.82
C TRP D 385 12.88 -56.91 -6.02
N GLN D 386 13.79 -57.89 -6.01
CA GLN D 386 14.73 -58.02 -7.13
C GLN D 386 13.98 -58.17 -8.44
N ILE D 387 12.90 -58.93 -8.46
CA ILE D 387 12.14 -59.13 -9.68
C ILE D 387 11.52 -57.81 -10.14
N ASN D 388 10.81 -57.13 -9.24
CA ASN D 388 10.06 -55.93 -9.59
C ASN D 388 10.94 -54.73 -9.87
N HIS D 389 12.26 -54.85 -9.70
CA HIS D 389 13.20 -53.82 -10.10
C HIS D 389 14.31 -54.34 -10.99
N ASP D 390 14.29 -55.62 -11.36
CA ASP D 390 15.29 -56.18 -12.26
C ASP D 390 15.35 -55.37 -13.55
N GLN D 391 16.51 -54.77 -13.82
CA GLN D 391 16.66 -53.93 -14.99
C GLN D 391 16.42 -54.68 -16.29
N LYS D 392 16.61 -56.01 -16.28
CA LYS D 392 16.44 -56.78 -17.51
C LYS D 392 14.99 -56.86 -17.95
N LEU D 393 14.05 -56.88 -16.99
CA LEU D 393 12.63 -57.04 -17.31
C LEU D 393 11.92 -55.72 -17.52
N TRP D 394 12.39 -54.63 -16.89
CA TRP D 394 11.78 -53.32 -16.99
C TRP D 394 12.80 -52.32 -17.53
N VAL D 395 12.31 -51.33 -18.27
CA VAL D 395 13.20 -50.42 -19.00
C VAL D 395 13.93 -49.51 -18.01
N ASN D 396 13.20 -48.62 -17.34
CA ASN D 396 13.77 -47.76 -16.30
C ASN D 396 13.02 -48.04 -15.00
N PRO D 397 13.47 -49.01 -14.20
CA PRO D 397 12.65 -49.47 -13.07
C PRO D 397 12.56 -48.49 -11.92
N SER D 398 13.45 -47.50 -11.85
CA SER D 398 13.42 -46.54 -10.76
C SER D 398 12.31 -45.52 -10.91
N GLU D 399 11.74 -45.39 -12.11
CA GLU D 399 10.69 -44.41 -12.37
C GLU D 399 9.31 -45.02 -12.17
N PHE D 400 8.34 -44.17 -11.84
CA PHE D 400 6.96 -44.58 -11.62
C PHE D 400 6.15 -44.15 -12.84
N LEU D 401 6.01 -45.05 -13.81
CA LEU D 401 5.27 -44.77 -15.04
C LEU D 401 4.31 -45.93 -15.31
N PRO D 402 3.04 -45.79 -14.95
CA PRO D 402 2.09 -46.90 -15.16
C PRO D 402 1.87 -47.27 -16.61
N GLU D 403 2.21 -46.40 -17.56
CA GLU D 403 2.00 -46.71 -18.97
C GLU D 403 2.93 -47.79 -19.48
N ARG D 404 3.92 -48.21 -18.68
CA ARG D 404 4.72 -49.38 -19.03
C ARG D 404 3.88 -50.65 -19.06
N PHE D 405 2.67 -50.61 -18.51
CA PHE D 405 1.74 -51.74 -18.54
C PHE D 405 0.65 -51.56 -19.59
N LEU D 406 0.78 -50.58 -20.49
CA LEU D 406 -0.26 -50.27 -21.45
C LEU D 406 0.22 -50.52 -22.87
N THR D 407 -0.68 -51.09 -23.68
CA THR D 407 -0.43 -51.29 -25.09
C THR D 407 -0.48 -49.95 -25.81
N PRO D 408 -0.07 -49.91 -27.09
CA PRO D 408 -0.35 -48.72 -27.89
C PRO D 408 -1.82 -48.35 -27.96
N ASP D 409 -2.72 -49.33 -27.93
CA ASP D 409 -4.16 -49.06 -27.95
C ASP D 409 -4.73 -48.84 -26.55
N GLY D 410 -3.92 -48.96 -25.50
CA GLY D 410 -4.32 -48.55 -24.18
C GLY D 410 -5.00 -49.60 -23.33
N ALA D 411 -4.67 -50.88 -23.53
CA ALA D 411 -5.19 -51.96 -22.71
C ALA D 411 -4.07 -52.60 -21.91
N ILE D 412 -4.38 -53.07 -20.70
CA ILE D 412 -3.38 -53.64 -19.83
C ILE D 412 -2.70 -54.79 -20.55
N ASP D 413 -1.42 -54.65 -20.87
CA ASP D 413 -0.73 -55.74 -21.53
C ASP D 413 -0.75 -56.82 -20.46
N LYS D 414 -1.22 -58.01 -20.81
CA LYS D 414 -1.31 -59.07 -19.83
C LYS D 414 -0.02 -59.86 -19.72
N VAL D 415 0.87 -59.68 -20.70
CA VAL D 415 2.09 -60.48 -20.67
C VAL D 415 3.10 -59.89 -19.69
N LEU D 416 3.11 -58.57 -19.54
CA LEU D 416 3.99 -57.94 -18.56
C LEU D 416 3.32 -57.74 -17.20
N SER D 417 1.99 -57.71 -17.16
CA SER D 417 1.29 -57.60 -15.88
C SER D 417 1.56 -58.79 -14.97
N GLU D 418 1.91 -59.95 -15.53
CA GLU D 418 2.16 -61.13 -14.73
C GLU D 418 3.57 -61.17 -14.14
N LYS D 419 4.43 -60.23 -14.51
CA LYS D 419 5.80 -60.19 -14.01
C LYS D 419 5.94 -59.40 -12.71
N VAL D 420 4.94 -58.61 -12.33
CA VAL D 420 4.96 -57.89 -11.06
C VAL D 420 4.52 -58.90 -9.99
N ILE D 421 5.47 -59.39 -9.21
CA ILE D 421 5.17 -60.39 -8.18
C ILE D 421 5.22 -59.71 -6.82
N ILE D 422 4.15 -59.86 -6.05
CA ILE D 422 4.01 -59.22 -4.75
C ILE D 422 3.22 -60.13 -3.81
N PHE D 423 2.52 -61.13 -4.37
CA PHE D 423 1.70 -62.03 -3.58
C PHE D 423 2.33 -63.40 -3.38
N GLY D 424 3.61 -63.56 -3.71
CA GLY D 424 4.27 -64.85 -3.58
C GLY D 424 3.79 -65.83 -4.63
N MET D 425 4.27 -67.06 -4.49
CA MET D 425 3.89 -68.14 -5.39
C MET D 425 3.79 -69.45 -4.64
N GLY D 426 3.26 -70.46 -5.31
CA GLY D 426 3.28 -71.81 -4.79
C GLY D 426 2.26 -72.04 -3.70
N LYS D 427 2.51 -73.09 -2.91
CA LYS D 427 1.58 -73.50 -1.86
C LYS D 427 1.57 -72.54 -0.68
N ARG D 428 2.54 -71.62 -0.60
CA ARG D 428 2.58 -70.60 0.44
C ARG D 428 2.12 -69.23 -0.08
N LYS D 429 1.51 -69.18 -1.26
CA LYS D 429 1.12 -67.91 -1.85
C LYS D 429 -0.03 -67.28 -1.07
N CYS D 430 -0.25 -66.00 -1.36
CA CYS D 430 -1.26 -65.23 -0.63
C CYS D 430 -2.67 -65.73 -0.95
N ILE D 431 -3.48 -65.93 0.09
CA ILE D 431 -4.85 -66.39 -0.09
C ILE D 431 -5.84 -65.25 -0.16
N GLY D 432 -5.39 -64.00 -0.08
CA GLY D 432 -6.27 -62.86 -0.20
C GLY D 432 -5.94 -62.00 -1.40
N GLU D 433 -5.24 -62.60 -2.38
CA GLU D 433 -4.82 -61.84 -3.56
C GLU D 433 -6.02 -61.21 -4.27
N THR D 434 -7.09 -62.00 -4.49
CA THR D 434 -8.25 -61.49 -5.19
C THR D 434 -9.10 -60.57 -4.32
N ILE D 435 -9.03 -60.72 -2.99
CA ILE D 435 -9.69 -59.76 -2.11
C ILE D 435 -8.97 -58.42 -2.15
N ALA D 436 -7.66 -58.44 -1.97
CA ALA D 436 -6.89 -57.20 -1.93
C ALA D 436 -6.96 -56.46 -3.25
N ARG D 437 -6.82 -57.16 -4.36
CA ARG D 437 -6.81 -56.51 -5.67
C ARG D 437 -8.13 -55.79 -5.94
N TRP D 438 -9.25 -56.40 -5.53
CA TRP D 438 -10.55 -55.77 -5.73
C TRP D 438 -10.76 -54.63 -4.73
N GLU D 439 -10.38 -54.85 -3.47
CA GLU D 439 -10.55 -53.81 -2.45
C GLU D 439 -9.80 -52.55 -2.82
N VAL D 440 -8.51 -52.68 -3.16
CA VAL D 440 -7.72 -51.51 -3.52
C VAL D 440 -8.35 -50.78 -4.70
N PHE D 441 -8.86 -51.53 -5.68
CA PHE D 441 -9.44 -50.91 -6.87
C PHE D 441 -10.65 -50.06 -6.51
N LEU D 442 -11.57 -50.62 -5.72
CA LEU D 442 -12.82 -49.91 -5.42
C LEU D 442 -12.53 -48.60 -4.70
N PHE D 443 -11.67 -48.64 -3.68
CA PHE D 443 -11.37 -47.44 -2.90
C PHE D 443 -10.78 -46.35 -3.80
N LEU D 444 -9.82 -46.71 -4.64
CA LEU D 444 -9.20 -45.71 -5.51
C LEU D 444 -10.18 -45.16 -6.53
N ALA D 445 -10.99 -46.05 -7.12
CA ALA D 445 -11.94 -45.61 -8.15
C ALA D 445 -13.04 -44.75 -7.54
N ILE D 446 -13.69 -45.26 -6.49
CA ILE D 446 -14.76 -44.50 -5.84
C ILE D 446 -14.26 -43.12 -5.44
N LEU D 447 -13.08 -43.07 -4.81
CA LEU D 447 -12.60 -41.82 -4.24
C LEU D 447 -12.20 -40.83 -5.33
N LEU D 448 -11.30 -41.25 -6.23
CA LEU D 448 -10.83 -40.33 -7.27
C LEU D 448 -11.91 -40.01 -8.30
N GLN D 449 -13.05 -40.70 -8.26
CA GLN D 449 -14.18 -40.27 -9.07
C GLN D 449 -14.86 -39.04 -8.49
N ARG D 450 -14.78 -38.87 -7.16
CA ARG D 450 -15.47 -37.79 -6.47
C ARG D 450 -14.57 -36.66 -6.02
N VAL D 451 -13.28 -36.92 -5.77
CA VAL D 451 -12.41 -35.90 -5.21
C VAL D 451 -11.00 -36.05 -5.77
N GLU D 452 -10.26 -34.95 -5.75
CA GLU D 452 -8.84 -34.91 -6.09
C GLU D 452 -8.02 -34.89 -4.80
N PHE D 453 -6.76 -35.30 -4.93
CA PHE D 453 -5.81 -35.28 -3.81
C PHE D 453 -4.59 -34.45 -4.18
N SER D 454 -3.99 -33.83 -3.17
CA SER D 454 -2.96 -32.84 -3.39
C SER D 454 -2.10 -32.69 -2.15
N VAL D 455 -0.87 -32.22 -2.36
CA VAL D 455 -0.01 -31.73 -1.28
C VAL D 455 0.56 -30.40 -1.77
N PRO D 456 0.63 -29.37 -0.93
CA PRO D 456 1.13 -28.08 -1.40
C PRO D 456 2.61 -28.14 -1.73
N LEU D 457 3.01 -27.33 -2.71
CA LEU D 457 4.42 -27.13 -2.97
C LEU D 457 5.15 -26.81 -1.67
N GLY D 458 6.41 -27.22 -1.61
CA GLY D 458 7.28 -26.73 -0.55
C GLY D 458 7.14 -27.40 0.80
N VAL D 459 6.50 -28.56 0.87
CA VAL D 459 6.45 -29.35 2.11
C VAL D 459 7.08 -30.70 1.84
N LYS D 460 7.81 -31.22 2.83
CA LYS D 460 8.56 -32.45 2.67
C LYS D 460 7.63 -33.66 2.72
N VAL D 461 7.76 -34.53 1.72
CA VAL D 461 7.02 -35.80 1.66
C VAL D 461 8.04 -36.89 1.38
N ASP D 462 8.68 -37.40 2.43
CA ASP D 462 9.68 -38.44 2.28
C ASP D 462 9.01 -39.73 1.79
N MET D 463 9.39 -40.17 0.60
CA MET D 463 8.79 -41.35 -0.03
C MET D 463 9.69 -42.57 0.04
N THR D 464 10.81 -42.50 0.75
CA THR D 464 11.71 -43.64 0.84
C THR D 464 11.11 -44.69 1.76
N PRO D 465 10.99 -45.94 1.32
CA PRO D 465 10.33 -46.95 2.16
C PRO D 465 11.11 -47.26 3.44
N ILE D 466 10.36 -47.58 4.49
CA ILE D 466 10.90 -48.04 5.75
C ILE D 466 10.91 -49.57 5.71
N TYR D 467 12.09 -50.17 5.81
CA TYR D 467 12.16 -51.61 5.63
C TYR D 467 11.26 -52.33 6.64
N GLY D 468 10.81 -53.51 6.25
CA GLY D 468 9.93 -54.34 7.05
C GLY D 468 9.20 -55.29 6.14
N LEU D 469 8.59 -56.31 6.74
CA LEU D 469 7.75 -57.21 5.95
C LEU D 469 6.77 -56.39 5.12
N THR D 470 6.15 -55.38 5.75
CA THR D 470 5.40 -54.35 5.05
C THR D 470 6.20 -53.05 5.18
N MET D 471 6.69 -52.55 4.04
CA MET D 471 7.45 -51.30 4.04
C MET D 471 6.48 -50.13 4.07
N LYS D 472 6.63 -49.26 5.07
CA LYS D 472 5.73 -48.14 5.25
C LYS D 472 6.41 -46.86 4.76
N HIS D 473 5.65 -45.77 4.77
CA HIS D 473 6.13 -44.45 4.39
C HIS D 473 6.46 -43.63 5.62
N ALA D 474 7.13 -42.50 5.40
CA ALA D 474 7.32 -41.53 6.46
C ALA D 474 6.01 -40.84 6.76
N CYS D 475 5.69 -40.72 8.05
CA CYS D 475 4.46 -40.06 8.48
C CYS D 475 4.34 -38.68 7.82
N CYS D 476 3.21 -38.45 7.15
CA CYS D 476 2.96 -37.20 6.45
C CYS D 476 1.63 -36.62 6.89
N GLU D 477 1.60 -35.32 7.19
CA GLU D 477 0.42 -34.65 7.69
C GLU D 477 -0.10 -33.55 6.76
N HIS D 478 0.47 -33.42 5.56
CA HIS D 478 0.22 -32.26 4.71
C HIS D 478 -0.65 -32.61 3.50
N PHE D 479 -1.61 -33.52 3.68
CA PHE D 479 -2.50 -33.93 2.61
C PHE D 479 -3.69 -32.99 2.51
N GLN D 480 -4.07 -32.66 1.27
CA GLN D 480 -5.23 -31.83 1.00
C GLN D 480 -6.15 -32.57 0.04
N MET D 481 -7.38 -32.07 -0.08
CA MET D 481 -8.38 -32.70 -0.94
C MET D 481 -9.52 -31.73 -1.19
N GLN D 482 -9.91 -31.60 -2.45
CA GLN D 482 -11.03 -30.78 -2.86
C GLN D 482 -11.91 -31.58 -3.82
N LEU D 483 -13.22 -31.48 -3.65
CA LEU D 483 -14.12 -32.09 -4.61
C LEU D 483 -13.87 -31.52 -6.00
N ARG D 484 -14.27 -32.28 -7.01
CA ARG D 484 -14.04 -31.95 -8.41
C ARG D 484 -15.36 -31.60 -9.08
N SER D 485 -15.28 -30.74 -10.09
CA SER D 485 -16.48 -30.22 -10.76
C SER D 485 -17.48 -31.33 -11.05
CHA HEM E . 19.03 3.78 3.11
CHB HEM E . 16.00 0.21 1.85
CHC HEM E . 18.69 -0.66 -2.11
CHD HEM E . 21.82 2.76 -0.73
C1A HEM E . 17.99 2.89 3.12
C2A HEM E . 16.97 2.81 4.14
C3A HEM E . 16.14 1.81 3.80
C4A HEM E . 16.59 1.25 2.54
CMA HEM E . 14.89 1.34 4.58
CAA HEM E . 16.95 3.70 5.39
CBA HEM E . 15.63 4.43 5.62
CGA HEM E . 15.80 5.32 6.82
O1A HEM E . 14.81 5.97 7.24
O2A HEM E . 16.93 5.39 7.37
C1B HEM E . 16.46 -0.33 0.65
C2B HEM E . 15.82 -1.38 -0.10
C3B HEM E . 16.57 -1.63 -1.19
C4B HEM E . 17.69 -0.73 -1.16
CMB HEM E . 14.51 -2.09 0.31
CAB HEM E . 16.33 -2.65 -2.34
CBB HEM E . 15.15 -3.25 -2.50
C1C HEM E . 19.74 0.20 -2.10
C2C HEM E . 20.74 0.34 -3.14
C3C HEM E . 21.62 1.29 -2.75
C4C HEM E . 21.19 1.77 -1.46
CMC HEM E . 20.75 -0.49 -4.44
CAC HEM E . 22.86 1.85 -3.48
CBC HEM E . 23.10 1.58 -4.77
C1D HEM E . 21.37 3.28 0.47
C2D HEM E . 22.10 4.20 1.32
C3D HEM E . 21.34 4.48 2.37
C4D HEM E . 20.09 3.75 2.23
CMD HEM E . 23.52 4.74 1.04
CAD HEM E . 21.68 5.41 3.55
CBD HEM E . 20.92 6.72 3.39
CGD HEM E . 21.07 7.55 4.64
O1D HEM E . 21.15 8.81 4.53
O2D HEM E . 21.12 6.96 5.75
NA HEM E . 17.73 1.94 2.16
NB HEM E . 17.60 0.04 -0.02
NC HEM E . 20.05 1.09 -1.09
ND HEM E . 20.14 3.04 1.05
FE HEM E . 18.79 1.60 0.46
HHB HEM E . 15.17 -0.16 2.21
HHC HEM E . 18.57 -1.22 -2.91
HHD HEM E . 22.69 3.07 -1.04
HMA HEM E . 15.15 1.13 5.51
HMAA HEM E . 14.52 0.54 4.16
HMAB HEM E . 14.21 2.05 4.58
HAA HEM E . 17.65 4.37 5.31
HAAA HEM E . 17.14 3.16 6.17
HBA HEM E . 14.92 3.79 5.79
HBAA HEM E . 15.41 4.96 4.84
HMB HEM E . 14.40 -2.01 1.27
HMBA HEM E . 14.54 -3.02 0.07
HMBB HEM E . 13.75 -1.66 -0.13
HAB HEM E . 17.04 -2.85 -2.94
HBB HEM E . 15.10 -4.11 -2.94
HBBA HEM E . 14.33 -2.83 -2.18
HMC HEM E . 20.39 -1.37 -4.25
HMCA HEM E . 21.64 -0.57 -4.79
HMCB HEM E . 20.18 -0.06 -5.09
HAC HEM E . 23.48 2.40 -3.00
HBC HEM E . 24.02 1.58 -5.10
HBCA HEM E . 22.37 1.39 -5.38
HMD HEM E . 23.77 5.39 1.71
HMDA HEM E . 23.53 5.17 0.15
HMDB HEM E . 24.16 4.00 1.04
HAD HEM E . 22.64 5.58 3.57
HADA HEM E . 21.42 4.98 4.39
HBD HEM E . 19.98 6.54 3.24
HBDA HEM E . 21.28 7.21 2.64
HHA HEM E . 18.94 4.59 3.65
C10 Q4M F . 22.00 -0.14 4.31
C13 Q4M F . 19.65 -1.27 3.92
C15 Q4M F . 17.65 -1.60 4.82
C20 Q4M F . 27.85 -3.47 4.32
C21 Q4M F . 28.11 -4.83 4.16
C22 Q4M F . 27.14 -5.77 4.14
C24 Q4M F . 25.52 -4.01 4.36
C26 Q4M F . 29.04 -6.89 3.93
C02 Q4M F . 29.79 -2.38 5.27
C03 Q4M F . 28.71 -2.30 4.33
C04 Q4M F . 27.86 -1.15 4.71
C06 Q4M F . 25.50 -0.66 4.41
C07 Q4M F . 24.08 -0.83 4.26
C08 Q4M F . 23.27 -1.88 3.99
C09 Q4M F . 21.96 -1.43 4.02
C11 Q4M F . 20.87 0.64 4.43
C12 Q4M F . 19.68 0.02 4.24
C16 Q4M F . 20.76 -2.02 3.83
C19 Q4M F . 26.52 -3.02 4.42
C23 Q4M F . 25.78 -5.38 4.23
C27 Q4M F . 29.34 -5.52 4.05
N05 Q4M F . 26.50 -1.57 4.52
N17 Q4M F . 23.26 0.22 4.47
N25 Q4M F . 27.71 -7.00 4.00
O14 Q4M F . 18.49 -1.83 3.75
O18 Q4M F . 25.87 0.51 4.52
CL1 Q4M F . 30.42 -0.82 5.18
H151 Q4M F . 18.12 -1.58 5.67
H152 Q4M F . 17.00 -2.32 4.90
H153 Q4M F . 17.20 -0.74 4.78
H241 Q4M F . 24.64 -3.81 4.44
H261 Q4M F . 29.63 -7.61 3.85
H022 Q4M F . 30.52 -2.97 5.02
H021 Q4M F . 29.59 -2.51 6.21
H031 Q4M F . 29.12 -2.07 3.48
H041 Q4M F . 28.05 -0.92 5.64
H042 Q4M F . 28.12 -0.35 4.24
H081 Q4M F . 23.53 -2.74 3.80
H111 Q4M F . 20.90 1.54 4.64
H121 Q4M F . 18.88 0.50 4.29
H161 Q4M F . 20.73 -2.92 3.62
H231 Q4M F . 25.08 -5.99 4.22
H271 Q4M F . 30.20 -5.20 4.02
H171 Q4M F . 23.58 0.99 4.65
H251 Q4M F . 27.34 -7.77 3.96
CHA HEM G . 2.50 38.40 19.53
CHB HEM G . 1.41 42.65 17.49
CHC HEM G . -2.98 42.53 19.54
CHD HEM G . -1.88 38.26 21.61
C1A HEM G . 2.59 39.56 18.83
C2A HEM G . 3.77 40.01 18.11
C3A HEM G . 3.47 41.19 17.54
C4A HEM G . 2.10 41.52 17.88
CMA HEM G . 4.41 42.05 16.67
CAA HEM G . 5.09 39.22 18.06
CBA HEM G . 5.64 39.10 16.65
CGA HEM G . 6.73 38.06 16.63
O1A HEM G . 6.97 37.47 15.54
O2A HEM G . 7.33 37.79 17.70
C1B HEM G . 0.14 43.00 17.87
C2B HEM G . -0.55 44.22 17.52
C3B HEM G . -1.77 44.20 18.10
C4B HEM G . -1.88 42.94 18.82
CMB HEM G . 0.06 45.33 16.65
CAB HEM G . -2.89 45.24 18.03
CBB HEM G . -2.88 46.24 17.13
C1C HEM G . -3.07 41.37 20.28
C2C HEM G . -4.21 40.93 21.05
C3C HEM G . -3.90 39.75 21.62
C4C HEM G . -2.56 39.41 21.23
CMC HEM G . -5.53 41.74 21.15
CAC HEM G . -4.78 38.85 22.54
CBC HEM G . -6.06 39.14 22.80
C1D HEM G . -0.58 37.95 21.28
C2D HEM G . 0.20 36.83 21.79
C3D HEM G . 1.42 36.88 21.21
C4D HEM G . 1.43 38.01 20.31
CMD HEM G . -0.27 35.78 22.82
CAD HEM G . 2.60 35.91 21.44
CBD HEM G . 2.43 34.63 20.61
CGD HEM G . 3.75 33.91 20.50
O1D HEM G . 3.78 32.80 19.92
O2D HEM G . 4.80 34.44 20.98
NA HEM G . 1.60 40.51 18.65
NB HEM G . -0.71 42.24 18.66
NC HEM G . -2.08 40.41 20.41
ND HEM G . 0.21 38.64 20.38
FE HEM G . -0.25 40.46 19.52
HHB HEM G . 1.85 43.22 16.82
HHC HEM G . -3.79 43.07 19.48
HHD HEM G . -2.38 37.60 22.13
HMA HEM G . 5.24 42.22 17.16
HMAA HEM G . 3.97 42.91 16.47
HMAB HEM G . 4.61 41.58 15.84
HAA HEM G . 4.95 38.33 18.42
HAAA HEM G . 5.74 39.68 18.62
HBA HEM G . 6.01 39.95 16.37
HBAA HEM G . 4.93 38.84 16.04
HMB HEM G . 1.03 45.25 16.64
HMBA HEM G . -0.18 46.21 17.00
HMBB HEM G . -0.26 45.25 15.74
HAB HEM G . -3.63 45.19 18.64
HBB HEM G . -3.36 47.06 17.31
HBBA HEM G . -2.39 46.14 16.30
HMC HEM G . -5.34 42.67 21.00
HMCA HEM G . -5.92 41.63 22.03
HMCB HEM G . -6.15 41.42 20.48
HAC HEM G . -4.38 38.07 22.93
HBC HEM G . -6.45 38.86 23.65
HBCA HEM G . -6.61 39.55 22.13
HMD HEM G . 0.44 35.13 22.98
HMDA HEM G . -1.07 35.34 22.48
HMDB HEM G . -0.49 36.24 23.67
HAD HEM G . 2.64 35.68 22.37
HADA HEM G . 3.42 36.36 21.18
HBD HEM G . 2.12 34.87 19.72
HBDA HEM G . 1.79 34.06 21.04
HHA HEM G . 3.20 37.73 19.39
C10 Q4M H . 2.48 40.94 24.42
C13 Q4M H . 2.73 42.73 22.49
C15 Q4M H . 3.85 43.24 20.65
C20 Q4M H . 1.99 42.14 31.01
C21 Q4M H . 1.81 43.43 31.51
C22 Q4M H . 1.59 44.57 30.73
C24 Q4M H . 1.74 43.23 28.88
C26 Q4M H . 1.54 45.25 32.76
C02 Q4M H . 3.59 40.75 32.42
C03 Q4M H . 2.25 40.79 31.61
C04 Q4M H . 2.22 39.87 30.44
C06 Q4M H . 2.34 40.28 27.97
C07 Q4M H . 2.40 40.94 26.62
C08 Q4M H . 2.60 42.22 26.13
C09 Q4M H . 2.60 42.20 24.76
C11 Q4M H . 2.48 40.53 23.13
C12 Q4M H . 2.62 41.47 22.16
C16 Q4M H . 2.74 43.15 23.78
C19 Q4M H . 1.95 42.03 29.62
C23 Q4M H . 1.56 44.50 29.37
C27 Q4M H . 1.81 43.88 32.81
N05 Q4M H . 2.17 40.74 29.22
N17 Q4M H . 2.39 40.19 25.53
N25 Q4M H . 1.44 45.62 31.48
O14 Q4M H . 2.86 43.58 21.52
O18 Q4M H . 2.57 39.09 27.97
CL1 Q4M H . 3.74 39.51 33.92
H151 Q4M H . 4.18 44.02 20.18
H152 Q4M H . 3.53 42.65 19.96
H153 Q4M H . 4.64 42.89 21.08
H241 Q4M H . 1.69 43.20 27.99
H261 Q4M H . 1.49 45.84 33.47
H022 Q4M H . 3.81 41.61 32.81
H021 Q4M H . 4.38 40.54 31.90
H031 Q4M H . 1.57 40.47 32.23
H041 Q4M H . 1.46 39.28 30.53
H042 Q4M H . 2.97 39.25 30.47
H081 Q4M H . 2.66 42.97 26.64
H111 Q4M H . 2.39 39.63 22.90
H121 Q4M H . 2.60 41.22 21.27
H161 Q4M H . 2.84 44.05 24.02
H231 Q4M H . 1.40 45.23 28.81
H271 Q4M H . 1.90 43.42 33.61
H171 Q4M H . 2.29 39.34 25.58
H251 Q4M H . 1.30 46.44 31.28
CHA HEM I . -17.79 17.75 -17.73
CHB HEM I . -15.80 15.79 -21.70
CHC HEM I . -18.28 11.70 -20.86
CHD HEM I . -20.11 13.60 -16.80
C1A HEM I . -17.08 17.60 -18.90
C2A HEM I . -16.33 18.63 -19.58
C3A HEM I . -15.79 18.10 -20.67
C4A HEM I . -16.17 16.70 -20.72
CMA HEM I . -14.91 18.82 -21.71
CAA HEM I . -16.25 20.10 -19.08
CBA HEM I . -14.82 20.57 -18.87
CGA HEM I . -14.85 22.00 -18.39
O1A HEM I . -13.77 22.60 -18.20
O2A HEM I . -15.98 22.55 -18.23
C1B HEM I . -16.30 14.50 -21.82
C2B HEM I . -15.97 13.55 -22.87
C3B HEM I . -16.67 12.42 -22.63
C4B HEM I . -17.44 12.62 -21.42
CMB HEM I . -15.00 13.84 -24.02
CAB HEM I . -16.69 11.09 -23.42
CBB HEM I . -15.85 10.85 -24.42
C1C HEM I . -18.94 11.83 -19.65
C2C HEM I . -19.63 10.78 -18.95
C3C HEM I . -20.15 11.30 -17.82
C4C HEM I . -19.78 12.70 -17.79
CMC HEM I . -19.73 9.32 -19.45
CAC HEM I . -20.96 10.63 -16.69
CBC HEM I . -21.05 9.30 -16.58
C1D HEM I . -19.70 14.90 -16.74
C2D HEM I . -20.16 15.90 -15.79
C3D HEM I . -19.52 17.04 -16.04
C4D HEM I . -18.63 16.81 -17.16
CMD HEM I . -21.22 15.64 -14.69
CAD HEM I . -19.70 18.38 -15.29
CBD HEM I . -18.39 18.77 -14.61
CGD HEM I . -18.59 20.01 -13.79
O1D HEM I . -17.67 20.35 -12.99
O2D HEM I . -19.65 20.67 -13.93
NA HEM I . -16.95 16.43 -19.63
NB HEM I . -17.20 13.91 -20.96
NC HEM I . -19.04 12.99 -18.92
ND HEM I . -18.76 15.50 -17.55
FE HEM I . -18.00 14.72 -19.26
HHB HEM I . -15.08 16.04 -22.29
HHC HEM I . -18.47 10.89 -21.38
HHD HEM I . -20.78 13.31 -16.14
HMA HEM I . -15.35 19.66 -21.99
HMAA HEM I . -14.79 18.25 -22.49
HMAB HEM I . -14.04 19.03 -21.32
HAA HEM I . -16.73 20.18 -18.25
HAAA HEM I . -16.66 20.67 -19.74
HBA HEM I . -14.32 20.51 -19.70
HBAA HEM I . -14.39 20.02 -18.20
HMB HEM I . -14.94 14.80 -24.16
HMBA HEM I . -15.32 13.43 -24.84
HMBB HEM I . -14.12 13.50 -23.79
HAB HEM I . -17.33 10.41 -23.17
HBB HEM I . -16.10 10.23 -25.13
HBBA HEM I . -14.98 11.27 -24.45
HMC HEM I . -19.82 9.33 -20.42
HMCA HEM I . -20.50 8.88 -19.06
HMCB HEM I . -18.93 8.84 -19.22
HAC HEM I . -21.42 11.18 -16.05
HBC HEM I . -21.83 8.90 -16.17
HBCA HEM I . -20.33 8.73 -16.91
HMD HEM I . -21.32 16.43 -14.13
HMDA HEM I . -20.92 14.88 -14.14
HMDB HEM I . -22.08 15.43 -15.11
HAD HEM I . -20.40 18.30 -14.62
HADA HEM I . -19.95 19.08 -15.92
HBD HEM I . -17.72 18.93 -15.28
HBDA HEM I . -18.11 18.04 -14.03
HHA HEM I . -17.83 18.65 -17.35
CHA HEM J . 0.69 -64.47 2.89
CHB HEM J . 1.21 -60.60 0.04
CHC HEM J . -3.21 -59.08 1.35
CHD HEM J . -3.77 -63.02 4.12
C1A HEM J . 1.24 -63.55 2.04
C2A HEM J . 2.59 -63.56 1.52
C3A HEM J . 2.73 -62.48 0.74
C4A HEM J . 1.48 -61.77 0.73
CMA HEM J . 4.01 -62.08 -0.04
CAA HEM J . 3.64 -64.63 1.85
CBA HEM J . 4.04 -65.40 0.60
CGA HEM J . 5.00 -66.49 0.99
O1A HEM J . 5.36 -67.30 0.10
O2A HEM J . 5.41 -66.54 2.17
C1B HEM J . 0.09 -59.82 0.19
C2B HEM J . -0.10 -58.49 -0.34
C3B HEM J . -1.32 -58.06 0.04
C4B HEM J . -1.95 -59.12 0.80
CMB HEM J . 0.97 -57.73 -1.15
CAB HEM J . -2.02 -56.72 -0.27
CBB HEM J . -1.54 -55.85 -1.18
C1C HEM J . -3.76 -60.03 2.18
C2C HEM J . -5.11 -60.01 2.71
C3C HEM J . -5.26 -61.10 3.48
C4C HEM J . -4.02 -61.84 3.46
CMC HEM J . -6.14 -58.90 2.40
CAC HEM J . -6.52 -61.56 4.27
CBC HEM J . -7.73 -61.06 4.03
C1D HEM J . -2.61 -63.75 4.03
C2D HEM J . -2.34 -64.98 4.74
C3D HEM J . -1.10 -65.39 4.40
C4D HEM J . -0.56 -64.42 3.46
CMD HEM J . -3.31 -65.69 5.71
CAD HEM J . -0.37 -66.65 4.89
CBD HEM J . -0.05 -67.53 3.69
CGD HEM J . 0.73 -68.75 4.12
O1D HEM J . 0.89 -69.69 3.29
O2D HEM J . 1.18 -68.79 5.29
NA HEM J . 0.59 -62.44 1.54
NB HEM J . -1.07 -60.18 0.87
NC HEM J . -3.13 -61.16 2.66
ND HEM J . -1.51 -63.44 3.27
FE HEM J . -1.28 -61.83 2.06
HHB HEM J . 1.82 -60.37 -0.70
HHC HEM J . -3.77 -58.30 1.12
HHD HEM J . -4.51 -63.41 4.61
HMA HEM J . 4.77 -62.06 0.57
HMAA HEM J . 3.88 -61.19 -0.42
HMAB HEM J . 4.17 -62.71 -0.76
HAA HEM J . 3.28 -65.25 2.49
HAAA HEM J . 4.43 -64.20 2.23
HBA HEM J . 4.47 -64.79 -0.03
HBAA HEM J . 3.26 -65.78 0.19
HMB HEM J . 1.84 -58.08 -0.92
HMBA HEM J . 0.94 -56.78 -0.95
HMBB HEM J . 0.81 -57.87 -2.10
HAB HEM J . -2.83 -56.49 0.20
HBB HEM J . -1.75 -54.91 -1.10
HBBA HEM J . -0.99 -56.17 -1.91
HMC HEM J . -5.67 -58.07 2.26
HMCA HEM J . -6.75 -58.79 3.15
HMCB HEM J . -6.64 -59.13 1.60
HAC HEM J . -6.42 -62.24 4.94
HBC HEM J . -8.42 -61.10 4.71
HBCA HEM J . -7.94 -60.66 3.16
HMD HEM J . -2.92 -66.54 6.02
HMDA HEM J . -4.15 -65.87 5.24
HMDB HEM J . -3.48 -65.11 6.48
HAD HEM J . -0.92 -67.15 5.51
HADA HEM J . 0.46 -66.40 5.33
HBD HEM J . 0.48 -67.04 3.03
HBDA HEM J . -0.88 -67.81 3.26
HHA HEM J . 1.31 -65.14 3.26
#